data_6PII
#
_entry.id   6PII
#
_cell.length_a   98.920
_cell.length_b   63.050
_cell.length_c   120.436
_cell.angle_alpha   90.00
_cell.angle_beta   93.49
_cell.angle_gamma   90.00
#
_symmetry.space_group_name_H-M   'P 1 21 1'
#
loop_
_entity.id
_entity.type
_entity.pdbx_description
1 polymer 'Atrazine periplasmic binding protein'
2 non-polymer GUANINE
3 non-polymer 'ETHYL MERCURY ION'
4 non-polymer 'PHOSPHATE ION'
5 non-polymer 'CALCIUM ION'
6 water water
#
_entity_poly.entity_id   1
_entity_poly.type   'polypeptide(L)'
_entity_poly.pdbx_seq_one_letter_code
;MGSSHHHHHHSSGLVPRGSHMQEPLKVAFVYAGPVSDAGYTYAHDQGRLAMEKNLGAKVKSSYVENVPEGADAERVIRKL
AADGNKLIFTTSFGFMNPTERVAKAFPNVVFEHATGVKLAKNLGVYESRQYEGTYLQGVLAAKMTKTGVIGFVGSFPVPE
VIRNINAYTLGAQSVNPKIKTKVIWVSTWYDPAKERQAAETLIAQGADVLTQNTNSPATLQVAQEKGKYAFGCDADMSKF
APKAHLTASISNWGDFYTKTAQAVMAGTWKSEEVHWGMAEGMVKMAPLNAAVPPDAAKLFEEKKAAMVSGKIKPFQGPLK
DQSGAVKVAAGSDLPLASLKGMNWYVQGVEGTIPK
;
_entity_poly.pdbx_strand_id   A,B,C,D
#
# COMPACT_ATOMS: atom_id res chain seq x y z
N HIS A 20 -26.95 -4.08 58.73
CA HIS A 20 -27.42 -2.77 58.18
C HIS A 20 -26.29 -2.00 57.46
N MET A 21 -25.02 -2.30 57.76
CA MET A 21 -23.87 -1.62 57.10
C MET A 21 -23.35 -2.51 55.95
N GLN A 22 -22.98 -1.87 54.83
CA GLN A 22 -22.54 -2.53 53.56
C GLN A 22 -21.85 -1.48 52.68
N GLU A 23 -20.63 -1.74 52.19
CA GLU A 23 -19.82 -0.80 51.37
C GLU A 23 -20.59 -0.40 50.12
N PRO A 24 -20.39 0.79 49.53
CA PRO A 24 -21.16 1.22 48.36
C PRO A 24 -20.90 0.30 47.15
N LEU A 25 -21.94 -0.03 46.39
CA LEU A 25 -21.81 -0.81 45.15
C LEU A 25 -21.26 0.12 44.05
N LYS A 26 -20.11 -0.25 43.48
CA LYS A 26 -19.49 0.45 42.35
C LYS A 26 -20.13 0.00 41.05
N VAL A 27 -20.79 0.94 40.38
CA VAL A 27 -21.55 0.71 39.12
C VAL A 27 -20.93 1.56 38.02
N ALA A 28 -20.65 0.97 36.87
CA ALA A 28 -20.12 1.70 35.72
C ALA A 28 -21.05 1.59 34.50
N PHE A 29 -21.08 2.65 33.69
CA PHE A 29 -21.84 2.73 32.43
C PHE A 29 -20.85 3.03 31.31
N VAL A 30 -20.96 2.29 30.23
CA VAL A 30 -20.14 2.47 29.01
C VAL A 30 -21.08 2.96 27.93
N TYR A 31 -20.83 4.17 27.40
CA TYR A 31 -21.64 4.81 26.35
C TYR A 31 -20.87 4.83 25.03
N ALA A 32 -21.58 4.66 23.94
CA ALA A 32 -21.02 4.67 22.56
C ALA A 32 -20.97 6.12 22.06
N GLY A 33 -21.70 7.00 22.71
CA GLY A 33 -21.86 8.40 22.30
C GLY A 33 -21.63 9.34 23.47
N PRO A 34 -21.92 10.63 23.26
CA PRO A 34 -21.81 11.64 24.29
C PRO A 34 -23.10 11.87 25.05
N VAL A 35 -22.95 12.19 26.34
CA VAL A 35 -24.11 12.61 27.17
C VAL A 35 -24.76 13.86 26.56
N SER A 36 -24.01 14.67 25.80
CA SER A 36 -24.54 15.90 25.16
C SER A 36 -25.22 15.58 23.82
N ASP A 37 -25.49 14.31 23.45
CA ASP A 37 -26.21 14.01 22.19
C ASP A 37 -27.65 14.52 22.28
N ALA A 38 -28.17 14.73 23.49
CA ALA A 38 -29.56 15.12 23.82
C ALA A 38 -30.56 14.07 23.33
N GLY A 39 -30.10 12.84 23.16
CA GLY A 39 -30.90 11.69 22.72
C GLY A 39 -30.57 10.43 23.49
N TYR A 40 -30.14 9.41 22.78
CA TYR A 40 -29.93 8.05 23.30
C TYR A 40 -29.01 8.03 24.52
N THR A 41 -27.79 8.56 24.41
CA THR A 41 -26.82 8.51 25.53
C THR A 41 -27.29 9.41 26.67
N TYR A 42 -27.82 10.57 26.35
CA TYR A 42 -28.44 11.48 27.33
C TYR A 42 -29.45 10.71 28.17
N ALA A 43 -30.36 9.96 27.54
CA ALA A 43 -31.41 9.21 28.26
C ALA A 43 -30.80 8.08 29.13
N HIS A 44 -29.82 7.33 28.64
CA HIS A 44 -29.12 6.31 29.48
C HIS A 44 -28.51 7.03 30.68
N ASP A 45 -27.86 8.16 30.47
CA ASP A 45 -27.18 8.92 31.56
C ASP A 45 -28.21 9.49 32.53
N GLN A 46 -29.40 9.90 32.06
CA GLN A 46 -30.50 10.30 32.99
C GLN A 46 -30.89 9.09 33.84
N GLY A 47 -30.87 7.89 33.28
CA GLY A 47 -31.12 6.66 34.03
C GLY A 47 -30.11 6.41 35.12
N ARG A 48 -28.84 6.60 34.80
CA ARG A 48 -27.75 6.51 35.81
C ARG A 48 -28.01 7.51 36.94
N LEU A 49 -28.32 8.76 36.60
CA LEU A 49 -28.57 9.81 37.61
C LEU A 49 -29.81 9.49 38.43
N ALA A 50 -30.84 8.89 37.81
CA ALA A 50 -32.04 8.43 38.56
C ALA A 50 -31.65 7.32 39.54
N MET A 51 -30.80 6.37 39.14
CA MET A 51 -30.31 5.27 40.00
C MET A 51 -29.58 5.92 41.20
N GLU A 52 -28.72 6.90 40.96
CA GLU A 52 -27.94 7.60 42.01
C GLU A 52 -28.88 8.34 42.98
N LYS A 53 -29.91 8.99 42.48
CA LYS A 53 -30.91 9.67 43.33
C LYS A 53 -31.69 8.61 44.13
N ASN A 54 -32.13 7.52 43.52
CA ASN A 54 -32.98 6.50 44.17
C ASN A 54 -32.19 5.71 45.23
N LEU A 55 -30.88 5.47 45.05
CA LEU A 55 -30.09 4.56 45.93
C LEU A 55 -29.10 5.32 46.80
N GLY A 56 -28.85 6.59 46.50
CA GLY A 56 -28.01 7.52 47.26
C GLY A 56 -26.64 6.93 47.53
N ALA A 57 -26.24 6.90 48.80
CA ALA A 57 -24.86 6.52 49.23
C ALA A 57 -24.63 5.02 49.05
N LYS A 58 -25.68 4.23 48.79
CA LYS A 58 -25.52 2.77 48.58
C LYS A 58 -24.85 2.46 47.25
N VAL A 59 -24.78 3.40 46.31
N VAL A 59 -24.76 3.41 46.33
CA VAL A 59 -24.14 3.21 44.97
CA VAL A 59 -24.15 3.21 44.97
C VAL A 59 -23.15 4.34 44.68
C VAL A 59 -23.16 4.34 44.67
N LYS A 60 -22.12 4.02 43.92
CA LYS A 60 -21.16 5.00 43.39
C LYS A 60 -21.05 4.71 41.90
N SER A 61 -21.54 5.60 41.05
CA SER A 61 -21.59 5.36 39.59
C SER A 61 -20.44 6.11 38.94
N SER A 62 -19.99 5.60 37.80
CA SER A 62 -19.08 6.33 36.90
C SER A 62 -19.50 5.99 35.47
N TYR A 63 -18.97 6.72 34.52
CA TYR A 63 -19.32 6.46 33.11
C TYR A 63 -18.13 6.81 32.26
N VAL A 64 -18.11 6.25 31.08
CA VAL A 64 -17.16 6.62 30.01
C VAL A 64 -18.02 6.87 28.78
N GLU A 65 -17.81 8.00 28.12
CA GLU A 65 -18.57 8.35 26.89
C GLU A 65 -17.73 8.16 25.64
N ASN A 66 -18.39 8.09 24.49
CA ASN A 66 -17.73 8.10 23.15
C ASN A 66 -16.78 6.91 23.04
N VAL A 67 -17.17 5.76 23.56
CA VAL A 67 -16.34 4.55 23.50
C VAL A 67 -16.57 3.91 22.14
N PRO A 68 -15.54 3.72 21.30
CA PRO A 68 -15.72 3.07 20.00
C PRO A 68 -15.99 1.56 20.17
N GLU A 69 -16.44 0.88 19.12
CA GLU A 69 -16.65 -0.61 19.14
C GLU A 69 -15.31 -1.35 19.03
N GLY A 70 -15.30 -2.66 19.36
CA GLY A 70 -14.16 -3.58 19.12
C GLY A 70 -13.12 -3.45 20.21
N ALA A 71 -11.87 -3.32 19.84
CA ALA A 71 -10.70 -3.44 20.74
C ALA A 71 -10.75 -2.34 21.80
N ASP A 72 -11.15 -1.13 21.41
CA ASP A 72 -11.23 0.03 22.33
C ASP A 72 -12.30 -0.26 23.38
N ALA A 73 -13.48 -0.78 22.95
CA ALA A 73 -14.55 -1.06 23.92
C ALA A 73 -14.07 -2.12 24.91
N GLU A 74 -13.42 -3.18 24.43
CA GLU A 74 -12.97 -4.26 25.30
C GLU A 74 -12.01 -3.67 26.32
N ARG A 75 -11.06 -2.84 25.91
CA ARG A 75 -10.04 -2.24 26.81
C ARG A 75 -10.76 -1.41 27.90
N VAL A 76 -11.77 -0.62 27.52
CA VAL A 76 -12.51 0.25 28.47
C VAL A 76 -13.27 -0.64 29.46
N ILE A 77 -13.98 -1.64 28.98
CA ILE A 77 -14.82 -2.51 29.85
C ILE A 77 -13.92 -3.28 30.83
N ARG A 78 -12.79 -3.82 30.34
CA ARG A 78 -11.78 -4.52 31.17
C ARG A 78 -11.27 -3.60 32.28
N LYS A 79 -10.89 -2.38 31.95
CA LYS A 79 -10.32 -1.41 32.91
C LYS A 79 -11.36 -1.11 33.99
N LEU A 80 -12.65 -0.93 33.63
CA LEU A 80 -13.68 -0.67 34.63
C LEU A 80 -13.87 -1.88 35.55
N ALA A 81 -13.80 -3.11 35.01
CA ALA A 81 -13.91 -4.35 35.82
C ALA A 81 -12.67 -4.44 36.77
N ALA A 82 -11.50 -4.13 36.26
CA ALA A 82 -10.20 -4.16 37.01
C ALA A 82 -10.18 -3.11 38.12
N ASP A 83 -10.89 -2.00 37.94
CA ASP A 83 -10.93 -0.90 38.93
C ASP A 83 -11.89 -1.22 40.06
N GLY A 84 -12.62 -2.34 40.04
CA GLY A 84 -13.45 -2.74 41.20
C GLY A 84 -14.95 -2.50 40.96
N ASN A 85 -15.36 -2.13 39.74
CA ASN A 85 -16.84 -2.07 39.48
C ASN A 85 -17.44 -3.46 39.55
N LYS A 86 -18.55 -3.61 40.27
CA LYS A 86 -19.19 -4.92 40.51
C LYS A 86 -20.44 -5.07 39.59
N LEU A 87 -20.87 -3.99 38.99
CA LEU A 87 -22.01 -3.98 38.01
C LEU A 87 -21.65 -3.02 36.88
N ILE A 88 -21.63 -3.52 35.65
CA ILE A 88 -21.27 -2.77 34.45
C ILE A 88 -22.38 -2.88 33.41
N PHE A 89 -22.93 -1.73 33.00
CA PHE A 89 -23.91 -1.63 31.90
C PHE A 89 -23.20 -1.19 30.62
N THR A 90 -23.29 -1.98 29.55
CA THR A 90 -22.72 -1.62 28.24
C THR A 90 -23.90 -1.27 27.33
N THR A 91 -24.03 0.01 26.96
CA THR A 91 -25.35 0.56 26.52
C THR A 91 -25.49 0.62 25.02
N SER A 92 -24.74 -0.15 24.25
CA SER A 92 -24.81 -0.17 22.77
C SER A 92 -24.74 -1.61 22.27
N PHE A 93 -25.51 -1.89 21.22
CA PHE A 93 -25.46 -3.15 20.48
C PHE A 93 -24.02 -3.53 20.16
N GLY A 94 -23.25 -2.57 19.70
CA GLY A 94 -21.87 -2.74 19.24
C GLY A 94 -20.92 -3.21 20.35
N PHE A 95 -21.31 -3.19 21.62
CA PHE A 95 -20.45 -3.66 22.74
C PHE A 95 -20.73 -5.15 23.02
N MET A 96 -21.58 -5.83 22.25
CA MET A 96 -22.03 -7.20 22.59
C MET A 96 -20.84 -8.15 22.75
N ASN A 97 -20.00 -8.27 21.73
CA ASN A 97 -18.93 -9.31 21.73
C ASN A 97 -17.83 -8.93 22.72
N PRO A 98 -17.37 -7.66 22.79
CA PRO A 98 -16.47 -7.23 23.87
C PRO A 98 -16.98 -7.53 25.29
N THR A 99 -18.27 -7.27 25.54
CA THR A 99 -18.90 -7.52 26.84
C THR A 99 -18.85 -9.02 27.17
N GLU A 100 -19.17 -9.89 26.22
CA GLU A 100 -19.19 -11.35 26.44
C GLU A 100 -17.77 -11.82 26.80
N ARG A 101 -16.76 -11.28 26.13
CA ARG A 101 -15.33 -11.65 26.41
C ARG A 101 -14.90 -11.17 27.78
N VAL A 102 -15.24 -9.94 28.17
CA VAL A 102 -14.83 -9.42 29.48
C VAL A 102 -15.61 -10.16 30.59
N ALA A 103 -16.90 -10.45 30.38
CA ALA A 103 -17.68 -11.19 31.38
C ALA A 103 -17.01 -12.55 31.71
N LYS A 104 -16.48 -13.26 30.73
CA LYS A 104 -15.82 -14.58 30.96
C LYS A 104 -14.59 -14.38 31.85
N ALA A 105 -13.89 -13.26 31.70
CA ALA A 105 -12.61 -12.97 32.40
C ALA A 105 -12.88 -12.44 33.82
N PHE A 106 -14.10 -11.98 34.12
CA PHE A 106 -14.47 -11.35 35.41
C PHE A 106 -15.72 -12.01 35.96
N PRO A 107 -15.64 -13.29 36.37
CA PRO A 107 -16.83 -14.04 36.81
C PRO A 107 -17.47 -13.50 38.10
N ASN A 108 -16.82 -12.60 38.84
CA ASN A 108 -17.44 -11.99 40.05
C ASN A 108 -18.03 -10.61 39.76
N VAL A 109 -18.10 -10.16 38.49
CA VAL A 109 -18.72 -8.88 38.09
C VAL A 109 -20.02 -9.20 37.33
N VAL A 110 -21.05 -8.44 37.62
CA VAL A 110 -22.35 -8.53 36.86
C VAL A 110 -22.25 -7.56 35.65
N PHE A 111 -22.55 -8.09 34.47
CA PHE A 111 -22.60 -7.36 33.17
C PHE A 111 -24.06 -7.37 32.69
N GLU A 112 -24.52 -6.20 32.29
CA GLU A 112 -25.83 -5.99 31.61
C GLU A 112 -25.54 -5.31 30.27
N HIS A 113 -25.95 -5.96 29.18
CA HIS A 113 -25.71 -5.51 27.81
C HIS A 113 -27.03 -5.05 27.19
N ALA A 114 -27.08 -3.82 26.69
CA ALA A 114 -28.31 -3.27 26.06
C ALA A 114 -28.45 -3.83 24.65
N THR A 115 -29.63 -4.42 24.36
CA THR A 115 -30.13 -4.86 23.04
C THR A 115 -29.46 -6.12 22.53
N GLY A 116 -28.58 -6.75 23.31
CA GLY A 116 -27.88 -7.97 22.86
C GLY A 116 -28.70 -9.26 22.97
N VAL A 117 -28.13 -10.33 22.49
CA VAL A 117 -28.73 -11.70 22.54
C VAL A 117 -27.79 -12.68 23.22
N LYS A 118 -26.61 -12.27 23.72
CA LYS A 118 -25.65 -13.19 24.39
C LYS A 118 -25.80 -13.10 25.91
N LEU A 119 -25.97 -14.24 26.58
CA LEU A 119 -26.15 -14.33 28.05
C LEU A 119 -25.12 -15.31 28.60
N ALA A 120 -24.81 -15.16 29.87
CA ALA A 120 -23.92 -16.06 30.62
C ALA A 120 -24.36 -15.98 32.08
N LYS A 121 -23.74 -16.76 32.94
CA LYS A 121 -24.06 -16.73 34.39
C LYS A 121 -23.97 -15.30 34.94
N ASN A 122 -23.00 -14.49 34.50
CA ASN A 122 -22.82 -13.11 34.98
C ASN A 122 -23.10 -12.08 33.87
N LEU A 123 -23.92 -12.43 32.86
CA LEU A 123 -24.25 -11.51 31.77
C LEU A 123 -25.75 -11.61 31.46
N GLY A 124 -26.45 -10.51 31.70
CA GLY A 124 -27.84 -10.34 31.27
C GLY A 124 -27.97 -9.37 30.13
N VAL A 125 -29.16 -9.32 29.50
CA VAL A 125 -29.39 -8.39 28.39
C VAL A 125 -30.72 -7.67 28.70
N TYR A 126 -30.80 -6.44 28.24
CA TYR A 126 -31.98 -5.58 28.52
C TYR A 126 -32.28 -4.75 27.30
N GLU A 127 -33.57 -4.45 27.10
CA GLU A 127 -33.95 -3.53 26.03
C GLU A 127 -35.35 -3.00 26.29
N SER A 128 -35.68 -1.95 25.59
CA SER A 128 -37.05 -1.34 25.61
C SER A 128 -37.85 -1.95 24.48
N ARG A 129 -39.16 -1.86 24.57
CA ARG A 129 -40.07 -2.11 23.42
C ARG A 129 -40.41 -0.74 22.80
N GLN A 130 -39.39 0.02 22.41
CA GLN A 130 -39.58 1.37 21.84
C GLN A 130 -40.47 1.30 20.58
N TYR A 131 -40.51 0.17 19.89
CA TYR A 131 -41.36 -0.02 18.68
C TYR A 131 -42.85 0.19 19.00
N GLU A 132 -43.26 0.03 20.26
CA GLU A 132 -44.63 0.43 20.73
C GLU A 132 -44.86 1.91 20.48
N GLY A 133 -43.90 2.75 20.84
CA GLY A 133 -43.94 4.18 20.60
C GLY A 133 -43.84 4.47 19.12
N THR A 134 -42.99 3.74 18.40
CA THR A 134 -42.78 3.98 16.95
C THR A 134 -44.12 3.71 16.19
N TYR A 135 -44.84 2.71 16.60
CA TYR A 135 -46.18 2.37 16.03
C TYR A 135 -47.07 3.61 16.18
N LEU A 136 -47.15 4.21 17.36
CA LEU A 136 -47.97 5.42 17.62
C LEU A 136 -47.49 6.59 16.76
N GLN A 137 -46.17 6.78 16.62
CA GLN A 137 -45.61 7.78 15.70
C GLN A 137 -46.13 7.54 14.30
N GLY A 138 -46.18 6.30 13.84
CA GLY A 138 -46.64 6.00 12.48
C GLY A 138 -48.12 6.37 12.31
N VAL A 139 -48.91 6.14 13.32
CA VAL A 139 -50.36 6.57 13.31
C VAL A 139 -50.43 8.07 13.08
N LEU A 140 -49.65 8.83 13.84
CA LEU A 140 -49.62 10.30 13.72
C LEU A 140 -49.03 10.73 12.37
N ALA A 141 -47.98 10.05 11.90
CA ALA A 141 -47.32 10.38 10.62
C ALA A 141 -48.37 10.26 9.47
N ALA A 142 -49.21 9.25 9.51
CA ALA A 142 -50.27 9.00 8.49
C ALA A 142 -51.27 10.15 8.51
N LYS A 143 -51.62 10.65 9.68
CA LYS A 143 -52.55 11.80 9.84
C LYS A 143 -51.91 13.10 9.35
N MET A 144 -50.59 13.27 9.44
CA MET A 144 -49.96 14.58 9.23
C MET A 144 -49.30 14.67 7.85
N THR A 145 -49.04 13.56 7.16
CA THR A 145 -48.30 13.58 5.87
C THR A 145 -49.18 14.20 4.78
N LYS A 146 -48.57 14.94 3.86
CA LYS A 146 -49.23 15.47 2.64
C LYS A 146 -48.76 14.69 1.42
N THR A 147 -47.60 14.07 1.44
CA THR A 147 -47.08 13.29 0.30
C THR A 147 -47.50 11.84 0.37
N GLY A 148 -47.96 11.33 1.52
CA GLY A 148 -48.20 9.90 1.67
C GLY A 148 -46.90 9.10 1.77
N VAL A 149 -45.78 9.78 1.95
CA VAL A 149 -44.44 9.14 2.08
C VAL A 149 -43.84 9.60 3.41
N ILE A 150 -43.52 8.64 4.25
CA ILE A 150 -42.87 8.88 5.57
C ILE A 150 -41.44 8.35 5.46
N GLY A 151 -40.58 8.86 6.32
CA GLY A 151 -39.13 8.64 6.16
C GLY A 151 -38.52 8.14 7.45
N PHE A 152 -37.48 7.30 7.30
CA PHE A 152 -36.81 6.68 8.45
C PHE A 152 -35.30 6.79 8.23
N VAL A 153 -34.60 7.36 9.19
CA VAL A 153 -33.09 7.37 9.19
C VAL A 153 -32.62 6.19 10.04
N GLY A 154 -32.00 5.21 9.39
CA GLY A 154 -31.49 4.01 10.04
C GLY A 154 -29.96 4.08 10.24
N SER A 155 -29.52 3.35 11.22
CA SER A 155 -28.09 3.14 11.63
C SER A 155 -27.57 1.90 10.91
N PHE A 156 -27.94 0.73 11.42
CA PHE A 156 -27.54 -0.60 10.88
C PHE A 156 -28.77 -1.49 10.90
N PRO A 157 -28.87 -2.44 9.95
CA PRO A 157 -30.05 -3.30 9.86
C PRO A 157 -30.08 -4.43 10.91
N VAL A 158 -30.03 -4.07 12.17
CA VAL A 158 -30.14 -5.01 13.31
C VAL A 158 -31.60 -5.09 13.73
N PRO A 159 -31.98 -6.14 14.49
CA PRO A 159 -33.41 -6.33 14.75
C PRO A 159 -34.11 -5.12 15.43
N GLU A 160 -33.46 -4.43 16.35
CA GLU A 160 -34.02 -3.20 16.96
C GLU A 160 -34.54 -2.25 15.87
N VAL A 161 -33.71 -2.00 14.85
CA VAL A 161 -33.99 -0.95 13.84
C VAL A 161 -35.06 -1.48 12.90
N ILE A 162 -34.96 -2.74 12.50
CA ILE A 162 -35.97 -3.30 11.59
C ILE A 162 -37.33 -3.40 12.27
N ARG A 163 -37.38 -3.75 13.54
CA ARG A 163 -38.67 -3.67 14.29
C ARG A 163 -39.23 -2.25 14.22
N ASN A 164 -38.42 -1.22 14.47
CA ASN A 164 -38.86 0.19 14.41
C ASN A 164 -39.33 0.61 13.00
N ILE A 165 -38.61 0.21 11.95
CA ILE A 165 -39.05 0.54 10.57
C ILE A 165 -40.44 -0.10 10.34
N ASN A 166 -40.59 -1.38 10.67
CA ASN A 166 -41.89 -2.10 10.44
C ASN A 166 -42.98 -1.47 11.29
N ALA A 167 -42.73 -1.17 12.55
CA ALA A 167 -43.75 -0.63 13.48
C ALA A 167 -44.22 0.73 12.98
N TYR A 168 -43.28 1.58 12.54
CA TYR A 168 -43.62 2.91 11.95
C TYR A 168 -44.57 2.71 10.77
N THR A 169 -44.24 1.77 9.91
CA THR A 169 -45.00 1.50 8.66
C THR A 169 -46.38 0.94 9.02
N LEU A 170 -46.46 -0.03 9.92
CA LEU A 170 -47.74 -0.66 10.31
C LEU A 170 -48.64 0.35 11.00
N GLY A 171 -48.07 1.16 11.87
CA GLY A 171 -48.84 2.23 12.53
C GLY A 171 -49.44 3.17 11.50
N ALA A 172 -48.65 3.60 10.53
CA ALA A 172 -49.14 4.49 9.44
C ALA A 172 -50.24 3.76 8.66
N GLN A 173 -50.01 2.48 8.34
CA GLN A 173 -50.91 1.71 7.46
C GLN A 173 -52.25 1.46 8.16
N SER A 174 -52.32 1.48 9.49
CA SER A 174 -53.57 1.35 10.25
C SER A 174 -54.49 2.55 9.94
N VAL A 175 -53.95 3.68 9.48
CA VAL A 175 -54.69 4.90 9.14
C VAL A 175 -54.86 4.97 7.63
N ASN A 176 -53.77 4.78 6.89
CA ASN A 176 -53.74 4.88 5.41
C ASN A 176 -52.93 3.71 4.88
N PRO A 177 -53.60 2.65 4.38
CA PRO A 177 -52.88 1.48 3.90
C PRO A 177 -51.99 1.72 2.67
N LYS A 178 -52.09 2.87 2.02
CA LYS A 178 -51.31 3.22 0.81
C LYS A 178 -49.98 3.91 1.21
N ILE A 179 -49.73 4.11 2.48
CA ILE A 179 -48.50 4.84 2.94
C ILE A 179 -47.28 4.07 2.46
N LYS A 180 -46.24 4.81 2.10
CA LYS A 180 -44.92 4.23 1.76
C LYS A 180 -43.91 4.79 2.76
N THR A 181 -42.98 3.96 3.15
CA THR A 181 -41.88 4.34 4.07
C THR A 181 -40.58 4.27 3.29
N LYS A 182 -39.87 5.38 3.20
CA LYS A 182 -38.55 5.40 2.56
C LYS A 182 -37.50 5.40 3.68
N VAL A 183 -36.53 4.51 3.52
CA VAL A 183 -35.47 4.30 4.53
C VAL A 183 -34.15 4.72 3.91
N ILE A 184 -33.32 5.39 4.73
CA ILE A 184 -31.92 5.71 4.34
C ILE A 184 -31.03 5.26 5.51
N TRP A 185 -29.85 4.70 5.17
CA TRP A 185 -28.96 4.10 6.18
C TRP A 185 -27.71 5.00 6.27
N VAL A 186 -27.26 5.30 7.48
CA VAL A 186 -26.04 6.12 7.68
C VAL A 186 -24.91 5.29 8.25
N SER A 187 -25.11 4.02 8.63
CA SER A 187 -24.02 3.09 9.10
C SER A 187 -23.26 3.71 10.26
N THR A 188 -23.99 4.34 11.16
CA THR A 188 -23.52 4.81 12.47
C THR A 188 -24.76 5.01 13.32
N TRP A 189 -24.64 4.94 14.64
CA TRP A 189 -25.75 5.34 15.54
C TRP A 189 -25.79 6.85 15.77
N TYR A 190 -24.67 7.53 15.55
CA TYR A 190 -24.56 8.95 15.97
C TYR A 190 -23.51 9.68 15.13
N ASP A 191 -23.98 10.59 14.31
CA ASP A 191 -23.12 11.51 13.51
C ASP A 191 -24.04 12.63 13.03
N PRO A 192 -24.13 13.73 13.77
CA PRO A 192 -25.13 14.75 13.44
C PRO A 192 -25.01 15.27 11.99
N ALA A 193 -23.81 15.34 11.42
CA ALA A 193 -23.63 15.80 10.02
C ALA A 193 -24.24 14.77 9.05
N LYS A 194 -23.98 13.49 9.29
CA LYS A 194 -24.50 12.43 8.39
C LYS A 194 -26.01 12.35 8.57
N GLU A 195 -26.49 12.45 9.79
CA GLU A 195 -27.96 12.40 10.05
C GLU A 195 -28.64 13.55 9.33
N ARG A 196 -28.07 14.76 9.40
CA ARG A 196 -28.64 15.95 8.70
C ARG A 196 -28.69 15.68 7.20
N GLN A 197 -27.63 15.18 6.61
CA GLN A 197 -27.59 14.90 5.15
C GLN A 197 -28.67 13.86 4.80
N ALA A 198 -28.80 12.82 5.62
CA ALA A 198 -29.78 11.73 5.40
C ALA A 198 -31.20 12.31 5.45
N ALA A 199 -31.51 13.16 6.42
CA ALA A 199 -32.83 13.83 6.51
C ALA A 199 -33.08 14.69 5.25
N GLU A 200 -32.07 15.42 4.78
CA GLU A 200 -32.23 16.26 3.56
C GLU A 200 -32.55 15.38 2.36
N THR A 201 -31.90 14.23 2.25
CA THR A 201 -32.12 13.28 1.13
C THR A 201 -33.53 12.73 1.22
N LEU A 202 -34.00 12.30 2.40
CA LEU A 202 -35.39 11.78 2.52
C LEU A 202 -36.38 12.83 2.06
N ILE A 203 -36.23 14.07 2.50
CA ILE A 203 -37.16 15.17 2.14
C ILE A 203 -37.07 15.44 0.63
N ALA A 204 -35.89 15.42 0.05
CA ALA A 204 -35.69 15.59 -1.42
C ALA A 204 -36.42 14.47 -2.18
N GLN A 205 -36.51 13.27 -1.58
CA GLN A 205 -37.16 12.10 -2.23
C GLN A 205 -38.61 11.95 -1.78
N GLY A 206 -39.19 12.98 -1.16
CA GLY A 206 -40.66 13.11 -1.03
C GLY A 206 -41.19 12.71 0.35
N ALA A 207 -40.34 12.32 1.31
CA ALA A 207 -40.80 12.02 2.69
C ALA A 207 -41.11 13.35 3.39
N ASP A 208 -42.22 13.47 4.14
CA ASP A 208 -42.51 14.73 4.85
C ASP A 208 -42.78 14.54 6.34
N VAL A 209 -42.73 13.29 6.83
CA VAL A 209 -42.75 13.01 8.29
C VAL A 209 -41.65 12.02 8.57
N LEU A 210 -40.66 12.45 9.35
CA LEU A 210 -39.42 11.65 9.53
C LEU A 210 -39.33 11.12 10.97
N THR A 211 -38.73 9.93 11.10
CA THR A 211 -38.32 9.35 12.38
C THR A 211 -36.91 8.77 12.18
N GLN A 212 -36.27 8.41 13.26
CA GLN A 212 -34.86 7.93 13.18
C GLN A 212 -34.57 6.90 14.28
N ASN A 213 -33.60 6.04 14.06
CA ASN A 213 -33.05 5.17 15.11
C ASN A 213 -31.63 5.66 15.47
N THR A 214 -31.14 6.71 14.83
CA THR A 214 -29.88 7.40 15.22
C THR A 214 -30.14 8.28 16.44
N ASN A 215 -29.08 8.93 16.97
CA ASN A 215 -29.13 9.41 18.36
C ASN A 215 -29.25 10.95 18.47
N SER A 216 -29.22 11.73 17.39
CA SER A 216 -29.12 13.22 17.50
C SER A 216 -30.45 13.87 17.12
N PRO A 217 -30.63 15.17 17.45
CA PRO A 217 -31.78 15.95 16.94
C PRO A 217 -31.64 16.53 15.52
N ALA A 218 -30.62 16.11 14.75
CA ALA A 218 -30.33 16.66 13.40
C ALA A 218 -31.54 16.51 12.48
N THR A 219 -32.21 15.37 12.50
CA THR A 219 -33.39 15.10 11.63
C THR A 219 -34.48 16.12 11.94
N LEU A 220 -34.74 16.37 13.22
CA LEU A 220 -35.70 17.42 13.66
C LEU A 220 -35.34 18.81 13.15
N GLN A 221 -34.07 19.19 13.24
CA GLN A 221 -33.63 20.52 12.82
C GLN A 221 -33.82 20.67 11.31
N VAL A 222 -33.54 19.64 10.53
CA VAL A 222 -33.72 19.68 9.06
C VAL A 222 -35.23 19.78 8.79
N ALA A 223 -36.05 19.04 9.50
CA ALA A 223 -37.52 19.05 9.25
C ALA A 223 -38.02 20.48 9.48
N GLN A 224 -37.59 21.11 10.57
CA GLN A 224 -38.02 22.48 10.90
C GLN A 224 -37.58 23.44 9.77
N GLU A 225 -36.34 23.33 9.32
CA GLU A 225 -35.80 24.21 8.26
C GLU A 225 -36.61 24.05 6.97
N LYS A 226 -37.09 22.84 6.64
CA LYS A 226 -37.77 22.56 5.36
C LYS A 226 -39.30 22.59 5.53
N GLY A 227 -39.83 22.91 6.70
CA GLY A 227 -41.29 22.98 6.95
C GLY A 227 -41.93 21.60 6.99
N LYS A 228 -41.22 20.58 7.46
CA LYS A 228 -41.74 19.20 7.55
C LYS A 228 -41.90 18.82 9.02
N TYR A 229 -42.22 17.58 9.28
CA TYR A 229 -42.42 17.10 10.65
C TYR A 229 -41.41 16.01 10.96
N ALA A 230 -41.15 15.79 12.25
CA ALA A 230 -40.35 14.65 12.69
C ALA A 230 -40.67 14.33 14.14
N PHE A 231 -40.03 13.30 14.68
CA PHE A 231 -40.26 12.79 16.05
C PHE A 231 -38.92 12.78 16.82
N GLY A 232 -38.97 13.17 18.09
CA GLY A 232 -37.87 12.93 19.04
C GLY A 232 -37.67 11.43 19.27
N CYS A 233 -36.44 11.02 19.56
CA CYS A 233 -36.08 9.61 19.86
C CYS A 233 -35.31 9.62 21.20
N ASP A 234 -35.84 8.92 22.20
CA ASP A 234 -35.25 8.65 23.54
C ASP A 234 -35.46 9.83 24.50
N ALA A 235 -35.54 11.04 23.99
CA ALA A 235 -35.82 12.24 24.80
C ALA A 235 -36.72 13.17 24.03
N ASP A 236 -37.43 14.02 24.77
CA ASP A 236 -38.22 15.13 24.19
C ASP A 236 -37.23 16.06 23.51
N MET A 237 -37.32 16.23 22.19
CA MET A 237 -36.33 17.06 21.44
C MET A 237 -37.02 18.35 20.97
N SER A 238 -38.18 18.71 21.56
CA SER A 238 -38.99 19.83 21.01
C SER A 238 -38.20 21.15 21.06
N LYS A 239 -37.30 21.35 22.02
CA LYS A 239 -36.55 22.64 22.12
C LYS A 239 -35.66 22.81 20.88
N PHE A 240 -35.28 21.75 20.18
CA PHE A 240 -34.44 21.84 18.97
C PHE A 240 -35.26 22.21 17.74
N ALA A 241 -36.59 22.00 17.77
CA ALA A 241 -37.44 22.09 16.57
C ALA A 241 -38.91 22.18 16.99
N PRO A 242 -39.33 23.28 17.62
CA PRO A 242 -40.69 23.37 18.19
C PRO A 242 -41.81 23.25 17.14
N LYS A 243 -41.56 23.66 15.91
CA LYS A 243 -42.60 23.57 14.84
C LYS A 243 -42.65 22.13 14.26
N ALA A 244 -41.53 21.44 14.16
CA ALA A 244 -41.43 20.12 13.49
C ALA A 244 -41.80 18.96 14.44
N HIS A 245 -41.54 19.09 15.74
CA HIS A 245 -41.54 17.99 16.72
C HIS A 245 -42.98 17.58 17.01
N LEU A 246 -43.49 16.50 16.42
CA LEU A 246 -44.91 16.11 16.65
C LEU A 246 -45.07 15.50 18.06
N THR A 247 -44.11 14.69 18.48
CA THR A 247 -44.01 14.00 19.79
C THR A 247 -42.65 13.27 19.79
N ALA A 248 -42.43 12.48 20.82
CA ALA A 248 -41.18 11.68 20.95
C ALA A 248 -41.49 10.42 21.74
N SER A 249 -40.76 9.36 21.43
CA SER A 249 -40.70 8.13 22.22
C SER A 249 -39.58 8.30 23.26
N ILE A 250 -39.96 8.68 24.48
CA ILE A 250 -39.01 8.93 25.59
C ILE A 250 -38.60 7.57 26.20
N SER A 251 -37.30 7.41 26.48
CA SER A 251 -36.73 6.20 27.09
C SER A 251 -36.42 6.52 28.54
N ASN A 252 -37.04 5.79 29.43
CA ASN A 252 -36.89 5.90 30.91
C ASN A 252 -36.15 4.65 31.39
N TRP A 253 -34.83 4.75 31.60
CA TRP A 253 -34.01 3.60 32.02
C TRP A 253 -33.84 3.55 33.54
N GLY A 254 -34.21 4.60 34.25
CA GLY A 254 -33.93 4.82 35.67
C GLY A 254 -34.41 3.71 36.57
N ASP A 255 -35.66 3.29 36.40
CA ASP A 255 -36.28 2.24 37.23
C ASP A 255 -35.56 0.91 36.99
N PHE A 256 -35.21 0.60 35.74
CA PHE A 256 -34.51 -0.65 35.41
C PHE A 256 -33.11 -0.62 36.06
N TYR A 257 -32.40 0.48 35.94
CA TYR A 257 -31.01 0.59 36.50
C TYR A 257 -31.06 0.48 38.03
N THR A 258 -32.09 1.10 38.62
CA THR A 258 -32.33 1.07 40.08
C THR A 258 -32.57 -0.37 40.53
N LYS A 259 -33.52 -1.05 39.91
CA LYS A 259 -33.91 -2.45 40.24
C LYS A 259 -32.68 -3.35 40.11
N THR A 260 -31.88 -3.17 39.07
CA THR A 260 -30.74 -4.07 38.79
C THR A 260 -29.67 -3.86 39.89
N ALA A 261 -29.36 -2.63 40.20
CA ALA A 261 -28.36 -2.29 41.23
C ALA A 261 -28.84 -2.83 42.58
N GLN A 262 -30.12 -2.70 42.85
CA GLN A 262 -30.77 -3.20 44.11
C GLN A 262 -30.60 -4.71 44.20
N ALA A 263 -30.83 -5.43 43.11
CA ALA A 263 -30.71 -6.89 43.01
C ALA A 263 -29.27 -7.31 43.30
N VAL A 264 -28.30 -6.62 42.74
CA VAL A 264 -26.87 -6.99 42.97
C VAL A 264 -26.54 -6.76 44.43
N MET A 265 -26.95 -5.63 45.01
CA MET A 265 -26.69 -5.32 46.44
C MET A 265 -27.35 -6.37 47.36
N ALA A 266 -28.58 -6.83 47.03
CA ALA A 266 -29.40 -7.71 47.89
C ALA A 266 -29.05 -9.18 47.65
N GLY A 267 -28.27 -9.49 46.62
CA GLY A 267 -27.92 -10.86 46.25
C GLY A 267 -29.04 -11.59 45.54
N THR A 268 -29.96 -10.90 44.87
CA THR A 268 -31.09 -11.54 44.12
C THR A 268 -30.83 -11.49 42.61
N TRP A 269 -29.74 -10.92 42.13
CA TRP A 269 -29.54 -10.76 40.67
C TRP A 269 -29.40 -12.14 40.01
N LYS A 270 -30.01 -12.33 38.85
N LYS A 270 -30.00 -12.32 38.85
CA LYS A 270 -29.78 -13.53 37.98
CA LYS A 270 -29.82 -13.51 37.98
C LYS A 270 -29.76 -13.06 36.54
C LYS A 270 -29.76 -13.05 36.53
N SER A 271 -29.02 -13.78 35.70
CA SER A 271 -28.96 -13.58 34.23
C SER A 271 -30.37 -13.77 33.64
N GLU A 272 -30.89 -12.78 32.94
CA GLU A 272 -32.16 -12.94 32.18
C GLU A 272 -32.20 -11.93 31.04
N GLU A 273 -33.18 -12.13 30.15
CA GLU A 273 -33.48 -11.19 29.05
C GLU A 273 -34.63 -10.33 29.55
N VAL A 274 -34.42 -9.03 29.66
CA VAL A 274 -35.48 -8.07 30.11
C VAL A 274 -35.90 -7.22 28.92
N HIS A 275 -37.22 -7.10 28.70
N HIS A 275 -37.22 -7.10 28.70
CA HIS A 275 -37.81 -6.22 27.67
CA HIS A 275 -37.80 -6.23 27.66
C HIS A 275 -38.97 -5.48 28.34
C HIS A 275 -38.96 -5.48 28.33
N TRP A 276 -38.83 -4.16 28.50
CA TRP A 276 -39.89 -3.34 29.13
C TRP A 276 -40.40 -2.36 28.10
N GLY A 277 -41.70 -2.09 28.16
CA GLY A 277 -42.37 -1.17 27.24
C GLY A 277 -43.17 -0.11 27.94
N MET A 278 -44.29 0.27 27.33
CA MET A 278 -45.14 1.34 27.87
C MET A 278 -45.79 0.86 29.18
N ALA A 279 -46.16 -0.40 29.29
CA ALA A 279 -46.85 -0.91 30.51
C ALA A 279 -45.92 -0.75 31.72
N GLU A 280 -44.62 -0.95 31.52
CA GLU A 280 -43.64 -0.92 32.63
C GLU A 280 -43.06 0.48 32.85
N GLY A 281 -43.42 1.47 32.04
CA GLY A 281 -42.97 2.87 32.14
C GLY A 281 -41.60 3.10 31.52
N MET A 282 -41.01 2.14 30.79
CA MET A 282 -39.69 2.37 30.13
C MET A 282 -39.89 3.23 28.86
N VAL A 283 -41.10 3.18 28.27
CA VAL A 283 -41.40 3.91 27.02
C VAL A 283 -42.57 4.84 27.33
N LYS A 284 -42.39 6.14 27.12
CA LYS A 284 -43.44 7.16 27.34
C LYS A 284 -43.49 8.09 26.13
N MET A 285 -44.68 8.60 25.77
CA MET A 285 -44.77 9.56 24.66
C MET A 285 -44.71 10.99 25.23
N ALA A 286 -43.98 11.89 24.58
CA ALA A 286 -44.00 13.34 24.86
C ALA A 286 -45.39 13.88 24.49
N PRO A 287 -45.74 15.08 25.01
CA PRO A 287 -46.98 15.75 24.61
C PRO A 287 -47.05 15.99 23.10
N LEU A 288 -48.26 16.00 22.54
CA LEU A 288 -48.51 16.30 21.10
C LEU A 288 -48.22 17.77 20.77
N ASN A 289 -47.61 18.01 19.62
CA ASN A 289 -47.46 19.34 19.01
C ASN A 289 -48.86 19.97 18.84
N ALA A 290 -48.98 21.29 19.01
CA ALA A 290 -50.24 22.06 18.85
C ALA A 290 -50.77 21.94 17.40
N ALA A 291 -49.95 21.66 16.40
CA ALA A 291 -50.38 21.47 15.00
C ALA A 291 -51.21 20.19 14.82
N VAL A 292 -51.19 19.24 15.75
CA VAL A 292 -51.96 17.98 15.53
C VAL A 292 -53.45 18.31 15.73
N PRO A 293 -54.31 18.09 14.72
CA PRO A 293 -55.72 18.42 14.86
C PRO A 293 -56.47 17.47 15.78
N PRO A 294 -57.66 17.86 16.28
CA PRO A 294 -58.38 17.07 17.27
C PRO A 294 -58.68 15.62 16.86
N ASP A 295 -59.02 15.34 15.60
CA ASP A 295 -59.35 13.96 15.14
C ASP A 295 -58.09 13.08 15.30
N ALA A 296 -56.93 13.59 14.92
CA ALA A 296 -55.63 12.88 15.00
C ALA A 296 -55.26 12.69 16.48
N ALA A 297 -55.41 13.73 17.31
CA ALA A 297 -55.04 13.66 18.74
C ALA A 297 -55.89 12.60 19.42
N LYS A 298 -57.20 12.57 19.12
CA LYS A 298 -58.13 11.61 19.75
C LYS A 298 -57.73 10.19 19.38
N LEU A 299 -57.42 9.95 18.12
CA LEU A 299 -57.03 8.61 17.66
C LEU A 299 -55.71 8.20 18.33
N PHE A 300 -54.76 9.10 18.40
CA PHE A 300 -53.45 8.87 19.07
C PHE A 300 -53.70 8.44 20.51
N GLU A 301 -54.52 9.16 21.28
CA GLU A 301 -54.78 8.84 22.71
C GLU A 301 -55.47 7.47 22.83
N GLU A 302 -56.43 7.15 21.96
CA GLU A 302 -57.09 5.82 21.94
C GLU A 302 -56.08 4.70 21.67
N LYS A 303 -55.22 4.85 20.66
CA LYS A 303 -54.22 3.80 20.31
C LYS A 303 -53.16 3.69 21.41
N LYS A 304 -52.80 4.80 22.04
CA LYS A 304 -51.85 4.79 23.18
C LYS A 304 -52.44 3.97 24.32
N ALA A 305 -53.72 4.18 24.65
CA ALA A 305 -54.37 3.45 25.77
C ALA A 305 -54.38 1.97 25.43
N ALA A 306 -54.68 1.61 24.18
CA ALA A 306 -54.76 0.22 23.69
C ALA A 306 -53.36 -0.42 23.73
N MET A 307 -52.32 0.35 23.42
CA MET A 307 -50.91 -0.15 23.42
C MET A 307 -50.52 -0.47 24.86
N VAL A 308 -50.82 0.43 25.78
CA VAL A 308 -50.43 0.24 27.20
C VAL A 308 -51.13 -1.01 27.76
N SER A 309 -52.42 -1.19 27.44
CA SER A 309 -53.29 -2.26 28.01
C SER A 309 -53.02 -3.60 27.32
N GLY A 310 -52.38 -3.58 26.14
CA GLY A 310 -52.08 -4.80 25.36
C GLY A 310 -53.26 -5.22 24.52
N LYS A 311 -54.30 -4.38 24.37
CA LYS A 311 -55.45 -4.62 23.48
C LYS A 311 -55.00 -4.56 22.02
N ILE A 312 -53.97 -3.76 21.69
CA ILE A 312 -53.30 -3.83 20.35
C ILE A 312 -51.81 -4.09 20.59
N LYS A 313 -51.21 -4.79 19.65
CA LYS A 313 -49.75 -5.10 19.68
C LYS A 313 -49.23 -4.66 18.32
N PRO A 314 -48.03 -4.04 18.22
CA PRO A 314 -47.55 -3.58 16.90
C PRO A 314 -47.49 -4.68 15.84
N PHE A 315 -47.12 -5.89 16.23
CA PHE A 315 -46.91 -7.01 15.28
C PHE A 315 -48.01 -8.06 15.44
N GLN A 316 -49.21 -7.61 15.73
CA GLN A 316 -50.41 -8.48 15.64
C GLN A 316 -50.68 -8.78 14.17
N GLY A 317 -51.12 -10.01 13.88
CA GLY A 317 -51.45 -10.42 12.50
C GLY A 317 -52.68 -9.69 11.99
N PRO A 318 -52.98 -9.77 10.67
CA PRO A 318 -52.14 -10.48 9.71
C PRO A 318 -50.96 -9.61 9.27
N LEU A 319 -49.79 -10.23 9.09
CA LEU A 319 -48.61 -9.54 8.52
C LEU A 319 -48.12 -10.35 7.31
N LYS A 320 -47.71 -9.64 6.28
CA LYS A 320 -46.95 -10.21 5.16
C LYS A 320 -45.63 -9.45 5.01
N ASP A 321 -44.63 -10.15 4.53
CA ASP A 321 -43.33 -9.54 4.21
C ASP A 321 -43.42 -8.98 2.79
N GLN A 322 -42.34 -8.37 2.34
N GLN A 322 -42.33 -8.36 2.34
CA GLN A 322 -42.38 -7.65 1.05
CA GLN A 322 -42.29 -7.63 1.06
C GLN A 322 -42.36 -8.60 -0.14
C GLN A 322 -42.36 -8.60 -0.13
N SER A 323 -42.15 -9.91 0.05
CA SER A 323 -42.33 -10.91 -1.03
C SER A 323 -43.76 -11.48 -1.03
N GLY A 324 -44.63 -11.02 -0.12
CA GLY A 324 -46.02 -11.48 -0.01
C GLY A 324 -46.16 -12.74 0.83
N ALA A 325 -45.12 -13.21 1.50
CA ALA A 325 -45.20 -14.38 2.40
C ALA A 325 -45.92 -13.98 3.68
N VAL A 326 -46.83 -14.83 4.15
CA VAL A 326 -47.53 -14.60 5.44
C VAL A 326 -46.56 -14.88 6.56
N LYS A 327 -46.38 -13.91 7.47
CA LYS A 327 -45.51 -14.08 8.65
C LYS A 327 -46.37 -14.41 9.87
N VAL A 328 -47.58 -13.88 9.92
CA VAL A 328 -48.52 -13.99 11.06
C VAL A 328 -49.94 -14.01 10.47
N ALA A 329 -50.75 -15.01 10.86
CA ALA A 329 -52.19 -15.06 10.53
C ALA A 329 -52.95 -14.04 11.38
N ALA A 330 -54.06 -13.52 10.85
CA ALA A 330 -55.10 -12.76 11.59
C ALA A 330 -55.43 -13.51 12.88
N GLY A 331 -55.56 -12.79 14.00
CA GLY A 331 -55.89 -13.34 15.33
C GLY A 331 -54.70 -13.99 16.03
N SER A 332 -53.49 -13.89 15.45
CA SER A 332 -52.23 -14.33 16.11
C SER A 332 -51.31 -13.12 16.27
N ASP A 333 -50.26 -13.27 17.06
CA ASP A 333 -49.23 -12.23 17.30
C ASP A 333 -47.89 -12.81 16.85
N LEU A 334 -46.98 -11.97 16.40
CA LEU A 334 -45.64 -12.44 16.00
C LEU A 334 -44.98 -13.03 17.23
N PRO A 335 -44.50 -14.28 17.16
CA PRO A 335 -43.73 -14.89 18.25
C PRO A 335 -42.46 -14.10 18.65
N LEU A 336 -42.08 -14.24 19.93
CA LEU A 336 -40.91 -13.55 20.55
C LEU A 336 -39.64 -13.89 19.76
N ALA A 337 -39.50 -15.12 19.25
CA ALA A 337 -38.32 -15.57 18.47
C ALA A 337 -38.22 -14.77 17.18
N SER A 338 -39.34 -14.55 16.50
CA SER A 338 -39.33 -13.78 15.22
C SER A 338 -39.11 -12.29 15.52
N LEU A 339 -39.66 -11.77 16.63
CA LEU A 339 -39.40 -10.37 17.06
C LEU A 339 -37.89 -10.16 17.30
N LYS A 340 -37.27 -11.08 18.03
CA LYS A 340 -35.85 -11.00 18.46
C LYS A 340 -34.91 -11.03 17.26
N GLY A 341 -35.25 -11.75 16.19
CA GLY A 341 -34.34 -11.90 15.04
C GLY A 341 -34.81 -11.13 13.83
N MET A 342 -35.78 -10.21 13.96
CA MET A 342 -36.50 -9.63 12.81
C MET A 342 -35.49 -9.08 11.77
N ASN A 343 -35.55 -9.59 10.54
CA ASN A 343 -34.65 -9.14 9.46
C ASN A 343 -35.45 -9.01 8.16
N TRP A 344 -36.77 -8.90 8.28
CA TRP A 344 -37.69 -8.79 7.15
C TRP A 344 -38.51 -7.52 7.26
N TYR A 345 -39.03 -7.04 6.15
CA TYR A 345 -39.78 -5.78 6.00
C TYR A 345 -41.22 -6.11 5.65
N VAL A 346 -42.11 -5.31 6.17
CA VAL A 346 -43.54 -5.35 5.73
C VAL A 346 -43.64 -4.67 4.37
N GLN A 347 -44.72 -4.97 3.66
CA GLN A 347 -45.06 -4.32 2.38
C GLN A 347 -45.15 -2.82 2.57
N GLY A 348 -44.54 -2.05 1.64
CA GLY A 348 -44.58 -0.60 1.63
C GLY A 348 -43.25 0.05 2.08
N VAL A 349 -42.30 -0.75 2.56
CA VAL A 349 -40.95 -0.25 2.94
C VAL A 349 -40.10 -0.25 1.67
N GLU A 350 -39.43 0.86 1.36
CA GLU A 350 -38.41 0.87 0.28
C GLU A 350 -37.18 1.70 0.69
N GLY A 351 -36.08 1.52 0.01
CA GLY A 351 -34.87 2.34 0.18
C GLY A 351 -34.96 3.64 -0.61
N THR A 352 -34.02 4.54 -0.38
CA THR A 352 -33.86 5.81 -1.13
C THR A 352 -32.98 5.54 -2.34
N ILE A 353 -33.01 6.41 -3.34
CA ILE A 353 -32.05 6.34 -4.46
C ILE A 353 -30.70 6.83 -3.94
N PRO A 354 -29.62 6.06 -4.15
CA PRO A 354 -28.30 6.44 -3.61
C PRO A 354 -27.67 7.66 -4.31
N LYS A 355 -26.82 8.41 -3.57
CA LYS A 355 -26.00 9.60 -3.98
C LYS A 355 -26.84 10.87 -3.82
N GLN B 22 79.61 24.39 -2.12
CA GLN B 22 80.87 23.60 -1.87
C GLN B 22 80.89 23.09 -0.42
N GLU B 23 79.72 22.91 0.22
CA GLU B 23 79.48 22.10 1.45
C GLU B 23 78.37 21.09 1.13
N PRO B 24 78.31 19.90 1.78
CA PRO B 24 77.37 18.86 1.35
C PRO B 24 75.91 19.29 1.53
N LEU B 25 75.03 18.98 0.58
CA LEU B 25 73.60 19.20 0.74
C LEU B 25 73.01 18.19 1.74
N LYS B 26 72.39 18.69 2.81
CA LYS B 26 71.74 17.86 3.84
C LYS B 26 70.31 17.57 3.34
N VAL B 27 70.04 16.30 3.12
CA VAL B 27 68.73 15.80 2.55
C VAL B 27 68.10 14.88 3.57
N ALA B 28 66.80 15.06 3.85
CA ALA B 28 66.09 14.22 4.81
C ALA B 28 64.85 13.59 4.13
N PHE B 29 64.55 12.37 4.55
CA PHE B 29 63.37 11.57 4.10
C PHE B 29 62.54 11.28 5.32
N VAL B 30 61.23 11.49 5.18
CA VAL B 30 60.27 11.24 6.25
C VAL B 30 59.37 10.11 5.75
N TYR B 31 59.37 8.96 6.45
CA TYR B 31 58.62 7.75 6.06
C TYR B 31 57.48 7.54 7.03
N ALA B 32 56.33 7.09 6.52
CA ALA B 32 55.14 6.78 7.34
C ALA B 32 55.24 5.35 7.89
N GLY B 33 56.14 4.55 7.36
CA GLY B 33 56.29 3.14 7.73
C GLY B 33 57.76 2.79 7.95
N PRO B 34 58.05 1.48 8.08
CA PRO B 34 59.40 0.99 8.32
C PRO B 34 60.10 0.59 7.03
N VAL B 35 61.40 0.78 6.99
CA VAL B 35 62.24 0.31 5.86
C VAL B 35 62.12 -1.22 5.74
N SER B 36 61.79 -1.93 6.82
CA SER B 36 61.61 -3.39 6.83
C SER B 36 60.21 -3.77 6.35
N ASP B 37 59.37 -2.88 5.82
CA ASP B 37 58.05 -3.28 5.24
C ASP B 37 58.28 -4.18 4.02
N ALA B 38 59.45 -4.10 3.38
CA ALA B 38 59.85 -4.78 2.13
C ALA B 38 58.93 -4.38 0.96
N GLY B 39 58.33 -3.20 1.06
CA GLY B 39 57.42 -2.61 0.08
C GLY B 39 57.67 -1.13 -0.13
N TYR B 40 56.64 -0.33 0.13
CA TYR B 40 56.59 1.11 -0.18
C TYR B 40 57.78 1.87 0.47
N THR B 41 57.98 1.75 1.76
CA THR B 41 59.06 2.51 2.46
C THR B 41 60.41 1.98 2.06
N TYR B 42 60.52 0.67 1.94
CA TYR B 42 61.74 0.02 1.45
C TYR B 42 62.16 0.65 0.11
N ALA B 43 61.22 0.79 -0.82
CA ALA B 43 61.49 1.35 -2.17
C ALA B 43 61.91 2.84 -2.10
N HIS B 44 61.24 3.67 -1.29
CA HIS B 44 61.66 5.07 -1.10
C HIS B 44 63.12 5.08 -0.55
N ASP B 45 63.39 4.24 0.42
CA ASP B 45 64.74 4.17 1.06
C ASP B 45 65.79 3.67 0.04
N GLN B 46 65.46 2.74 -0.83
CA GLN B 46 66.36 2.34 -1.96
C GLN B 46 66.63 3.54 -2.87
N GLY B 47 65.64 4.40 -3.06
CA GLY B 47 65.82 5.66 -3.81
C GLY B 47 66.84 6.61 -3.14
N ARG B 48 66.72 6.77 -1.84
CA ARG B 48 67.66 7.57 -1.02
C ARG B 48 69.08 7.01 -1.24
N LEU B 49 69.22 5.69 -1.13
CA LEU B 49 70.56 5.04 -1.25
C LEU B 49 71.10 5.19 -2.66
N ALA B 50 70.26 5.17 -3.68
CA ALA B 50 70.64 5.41 -5.08
C ALA B 50 71.14 6.86 -5.24
N MET B 51 70.46 7.83 -4.61
CA MET B 51 70.88 9.26 -4.65
C MET B 51 72.29 9.36 -4.01
N GLU B 52 72.49 8.71 -2.88
CA GLU B 52 73.79 8.71 -2.14
C GLU B 52 74.89 8.09 -3.00
N LYS B 53 74.59 7.00 -3.72
CA LYS B 53 75.57 6.34 -4.60
C LYS B 53 75.87 7.24 -5.80
N ASN B 54 74.88 7.87 -6.40
CA ASN B 54 75.06 8.77 -7.56
C ASN B 54 75.87 10.03 -7.19
N LEU B 55 75.66 10.63 -6.02
CA LEU B 55 76.15 12.00 -5.73
C LEU B 55 77.29 11.98 -4.71
N GLY B 56 77.53 10.84 -4.05
CA GLY B 56 78.62 10.65 -3.06
C GLY B 56 78.67 11.77 -2.04
N ALA B 57 79.84 12.41 -1.88
CA ALA B 57 80.14 13.37 -0.79
C ALA B 57 79.35 14.66 -0.98
N LYS B 58 78.74 14.89 -2.13
CA LYS B 58 77.94 16.10 -2.41
C LYS B 58 76.64 16.12 -1.57
N VAL B 59 76.19 14.97 -1.05
N VAL B 59 76.19 14.97 -1.05
CA VAL B 59 74.91 14.87 -0.28
CA VAL B 59 74.92 14.87 -0.27
C VAL B 59 75.17 14.11 1.02
C VAL B 59 75.16 14.10 1.02
N LYS B 60 74.42 14.46 2.07
CA LYS B 60 74.40 13.73 3.34
C LYS B 60 72.92 13.48 3.65
N SER B 61 72.48 12.23 3.57
CA SER B 61 71.03 11.93 3.74
C SER B 61 70.80 11.43 5.16
N SER B 62 69.58 11.59 5.65
CA SER B 62 69.10 10.99 6.90
C SER B 62 67.61 10.67 6.68
N TYR B 63 67.05 9.87 7.56
CA TYR B 63 65.64 9.46 7.40
C TYR B 63 65.07 9.23 8.78
N VAL B 64 63.76 9.25 8.87
CA VAL B 64 62.98 8.95 10.07
C VAL B 64 61.88 8.02 9.60
N GLU B 65 61.77 6.84 10.24
CA GLU B 65 60.75 5.81 9.92
C GLU B 65 59.53 5.92 10.84
N ASN B 66 58.39 5.36 10.41
CA ASN B 66 57.21 5.12 11.30
C ASN B 66 56.70 6.45 11.86
N VAL B 67 56.72 7.49 11.05
CA VAL B 67 56.24 8.84 11.47
C VAL B 67 54.72 8.86 11.30
N PRO B 68 53.94 9.09 12.38
CA PRO B 68 52.49 9.15 12.27
C PRO B 68 52.04 10.44 11.54
N GLU B 69 50.79 10.52 11.11
CA GLU B 69 50.21 11.74 10.50
C GLU B 69 49.92 12.81 11.57
N GLY B 70 49.69 14.07 11.15
CA GLY B 70 49.20 15.17 12.01
C GLY B 70 50.31 15.77 12.86
N ALA B 71 50.12 15.89 14.16
CA ALA B 71 50.94 16.72 15.06
C ALA B 71 52.35 16.14 15.11
N ASP B 72 52.46 14.80 15.16
CA ASP B 72 53.77 14.11 15.24
C ASP B 72 54.51 14.36 13.93
N ALA B 73 53.84 14.29 12.78
CA ALA B 73 54.52 14.51 11.48
C ALA B 73 55.06 15.93 11.46
N GLU B 74 54.24 16.91 11.85
CA GLU B 74 54.67 18.33 11.81
C GLU B 74 55.91 18.49 12.68
N ARG B 75 55.91 17.91 13.89
CA ARG B 75 57.04 18.03 14.83
C ARG B 75 58.30 17.42 14.20
N VAL B 76 58.20 16.25 13.57
CA VAL B 76 59.37 15.56 12.96
C VAL B 76 59.88 16.41 11.79
N ILE B 77 59.00 16.86 10.91
CA ILE B 77 59.44 17.63 9.70
C ILE B 77 60.08 18.96 10.13
N ARG B 78 59.49 19.66 11.12
N ARG B 78 59.50 19.65 11.13
CA ARG B 78 60.05 20.90 11.71
CA ARG B 78 60.06 20.91 11.71
C ARG B 78 61.47 20.64 12.24
C ARG B 78 61.47 20.64 12.24
N LYS B 79 61.65 19.57 13.01
CA LYS B 79 62.95 19.25 13.65
C LYS B 79 63.99 18.99 12.56
N LEU B 80 63.64 18.28 11.48
CA LEU B 80 64.60 18.04 10.37
C LEU B 80 64.97 19.36 9.69
N ALA B 81 64.03 20.26 9.49
CA ALA B 81 64.31 21.61 8.91
C ALA B 81 65.21 22.42 9.88
N ALA B 82 64.93 22.37 11.18
CA ALA B 82 65.68 23.10 12.25
C ALA B 82 67.10 22.54 12.38
N ASP B 83 67.30 21.26 12.04
CA ASP B 83 68.64 20.62 12.14
C ASP B 83 69.50 20.98 10.92
N GLY B 84 69.00 21.69 9.94
CA GLY B 84 69.83 22.18 8.82
C GLY B 84 69.64 21.41 7.54
N ASN B 85 68.66 20.52 7.45
CA ASN B 85 68.31 19.91 6.14
C ASN B 85 67.80 20.96 5.16
N LYS B 86 68.31 20.94 3.93
CA LYS B 86 67.96 21.97 2.90
C LYS B 86 66.98 21.40 1.88
N LEU B 87 66.85 20.08 1.83
CA LEU B 87 65.87 19.36 0.96
C LEU B 87 65.22 18.26 1.80
N ILE B 88 63.88 18.20 1.82
CA ILE B 88 63.14 17.29 2.67
C ILE B 88 62.02 16.67 1.82
N PHE B 89 62.05 15.34 1.71
CA PHE B 89 61.02 14.53 1.02
C PHE B 89 60.09 13.98 2.07
N THR B 90 58.79 14.22 1.94
CA THR B 90 57.78 13.68 2.85
C THR B 90 56.99 12.68 2.01
N THR B 91 57.13 11.39 2.30
CA THR B 91 56.91 10.30 1.33
C THR B 91 55.52 9.69 1.48
N SER B 92 54.57 10.37 2.13
CA SER B 92 53.19 9.84 2.32
C SER B 92 52.17 10.94 2.09
N PHE B 93 51.05 10.57 1.50
CA PHE B 93 49.87 11.43 1.32
C PHE B 93 49.53 12.14 2.63
N GLY B 94 49.54 11.40 3.72
CA GLY B 94 49.14 11.87 5.05
C GLY B 94 50.01 13.00 5.58
N PHE B 95 51.18 13.26 4.98
CA PHE B 95 52.08 14.36 5.40
C PHE B 95 51.74 15.66 4.68
N MET B 96 50.70 15.73 3.86
CA MET B 96 50.47 16.90 2.99
C MET B 96 50.34 18.19 3.81
N ASN B 97 49.41 18.26 4.76
CA ASN B 97 49.07 19.50 5.51
C ASN B 97 50.22 19.87 6.43
N PRO B 98 50.81 18.93 7.20
CA PRO B 98 52.03 19.23 7.97
C PRO B 98 53.17 19.83 7.13
N THR B 99 53.42 19.24 5.96
CA THR B 99 54.48 19.70 5.04
C THR B 99 54.20 21.14 4.61
N GLU B 100 52.98 21.47 4.22
CA GLU B 100 52.60 22.81 3.75
C GLU B 100 52.85 23.84 4.87
N ARG B 101 52.54 23.49 6.12
CA ARG B 101 52.73 24.39 7.28
C ARG B 101 54.22 24.60 7.56
N VAL B 102 55.00 23.53 7.53
CA VAL B 102 56.46 23.64 7.81
C VAL B 102 57.11 24.41 6.66
N ALA B 103 56.73 24.17 5.40
CA ALA B 103 57.30 24.87 4.24
C ALA B 103 57.16 26.39 4.43
N LYS B 104 56.00 26.87 4.89
CA LYS B 104 55.78 28.34 5.09
C LYS B 104 56.78 28.89 6.12
N ALA B 105 57.10 28.12 7.15
CA ALA B 105 57.99 28.52 8.27
C ALA B 105 59.46 28.43 7.88
N PHE B 106 59.81 27.70 6.83
CA PHE B 106 61.22 27.46 6.42
C PHE B 106 61.40 27.80 4.95
N PRO B 107 61.34 29.08 4.57
CA PRO B 107 61.35 29.47 3.16
C PRO B 107 62.69 29.21 2.43
N ASN B 108 63.76 28.91 3.17
CA ASN B 108 65.08 28.56 2.58
C ASN B 108 65.27 27.04 2.44
N VAL B 109 64.25 26.24 2.74
CA VAL B 109 64.30 24.77 2.63
C VAL B 109 63.37 24.37 1.47
N VAL B 110 63.83 23.42 0.65
CA VAL B 110 63.02 22.81 -0.41
C VAL B 110 62.29 21.60 0.16
N PHE B 111 60.97 21.56 -0.04
CA PHE B 111 60.09 20.47 0.36
C PHE B 111 59.50 19.80 -0.90
N GLU B 112 59.55 18.49 -0.90
CA GLU B 112 58.93 17.61 -1.93
C GLU B 112 57.97 16.67 -1.21
N HIS B 113 56.70 16.72 -1.59
CA HIS B 113 55.65 15.92 -0.96
C HIS B 113 55.14 14.88 -1.97
N ALA B 114 55.14 13.61 -1.58
CA ALA B 114 54.73 12.49 -2.45
C ALA B 114 53.19 12.44 -2.49
N THR B 115 52.62 12.50 -3.69
CA THR B 115 51.19 12.26 -4.05
C THR B 115 50.28 13.40 -3.64
N GLY B 116 50.80 14.51 -3.14
CA GLY B 116 49.98 15.66 -2.73
C GLY B 116 49.52 16.55 -3.88
N VAL B 117 48.69 17.52 -3.55
CA VAL B 117 48.10 18.50 -4.50
C VAL B 117 48.40 19.93 -4.04
N LYS B 118 49.16 20.15 -2.96
CA LYS B 118 49.45 21.52 -2.46
C LYS B 118 50.88 21.90 -2.85
N LEU B 119 51.03 23.06 -3.47
CA LEU B 119 52.35 23.60 -3.94
C LEU B 119 52.54 25.00 -3.36
N ALA B 120 53.80 25.41 -3.26
CA ALA B 120 54.20 26.76 -2.83
C ALA B 120 55.55 27.02 -3.47
N LYS B 121 56.07 28.23 -3.32
CA LYS B 121 57.39 28.60 -3.89
C LYS B 121 58.46 27.56 -3.50
N ASN B 122 58.45 27.03 -2.28
CA ASN B 122 59.47 26.06 -1.81
C ASN B 122 58.86 24.66 -1.58
N LEU B 123 57.71 24.35 -2.21
CA LEU B 123 57.01 23.06 -2.04
C LEU B 123 56.58 22.53 -3.40
N GLY B 124 57.16 21.41 -3.81
CA GLY B 124 56.78 20.63 -5.00
C GLY B 124 56.08 19.34 -4.64
N VAL B 125 55.42 18.72 -5.61
CA VAL B 125 54.77 17.41 -5.39
C VAL B 125 55.26 16.45 -6.47
N TYR B 126 55.35 15.19 -6.10
CA TYR B 126 55.87 14.15 -7.02
C TYR B 126 55.05 12.89 -6.80
N GLU B 127 54.89 12.11 -7.87
CA GLU B 127 54.25 10.81 -7.76
C GLU B 127 54.61 9.96 -8.98
N SER B 128 54.35 8.67 -8.85
CA SER B 128 54.52 7.68 -9.93
C SER B 128 53.19 7.54 -10.65
N ARG B 129 53.23 7.03 -11.88
CA ARG B 129 52.01 6.55 -12.60
C ARG B 129 51.97 5.04 -12.43
N GLN B 130 51.93 4.56 -11.18
CA GLN B 130 51.96 3.13 -10.87
C GLN B 130 50.74 2.43 -11.51
N TYR B 131 49.67 3.13 -11.78
CA TYR B 131 48.45 2.56 -12.40
C TYR B 131 48.76 2.00 -13.80
N GLU B 132 49.83 2.46 -14.47
CA GLU B 132 50.33 1.80 -15.71
C GLU B 132 50.70 0.34 -15.45
N GLY B 133 51.43 0.09 -14.36
CA GLY B 133 51.78 -1.26 -13.89
C GLY B 133 50.52 -2.00 -13.48
N THR B 134 49.63 -1.34 -12.77
CA THR B 134 48.41 -2.01 -12.24
C THR B 134 47.53 -2.47 -13.43
N TYR B 135 47.45 -1.71 -14.49
CA TYR B 135 46.76 -2.08 -15.74
C TYR B 135 47.33 -3.39 -16.25
N LEU B 136 48.65 -3.53 -16.35
CA LEU B 136 49.29 -4.78 -16.81
C LEU B 136 49.00 -5.93 -15.86
N GLN B 137 49.00 -5.68 -14.54
CA GLN B 137 48.63 -6.68 -13.52
C GLN B 137 47.18 -7.17 -13.86
N GLY B 138 46.29 -6.26 -14.21
CA GLY B 138 44.89 -6.63 -14.51
C GLY B 138 44.81 -7.54 -15.72
N VAL B 139 45.60 -7.27 -16.74
CA VAL B 139 45.69 -8.13 -17.96
C VAL B 139 46.07 -9.55 -17.52
N LEU B 140 47.10 -9.69 -16.71
CA LEU B 140 47.57 -10.98 -16.23
C LEU B 140 46.52 -11.63 -15.31
N ALA B 141 45.89 -10.84 -14.45
CA ALA B 141 44.89 -11.36 -13.50
C ALA B 141 43.74 -12.03 -14.30
N ALA B 142 43.34 -11.42 -15.42
CA ALA B 142 42.23 -11.92 -16.27
C ALA B 142 42.65 -13.25 -16.91
N LYS B 143 43.92 -13.41 -17.28
CA LYS B 143 44.48 -14.64 -17.86
C LYS B 143 44.56 -15.74 -16.78
N MET B 144 44.75 -15.42 -15.50
CA MET B 144 45.11 -16.42 -14.49
C MET B 144 43.89 -16.78 -13.63
N THR B 145 42.83 -15.96 -13.60
CA THR B 145 41.70 -16.14 -12.67
C THR B 145 40.88 -17.38 -13.09
N LYS B 146 40.35 -18.12 -12.12
CA LYS B 146 39.38 -19.23 -12.38
C LYS B 146 37.99 -18.81 -11.95
N THR B 147 37.84 -17.86 -11.04
CA THR B 147 36.52 -17.42 -10.54
C THR B 147 35.98 -16.27 -11.38
N GLY B 148 36.80 -15.58 -12.16
CA GLY B 148 36.34 -14.36 -12.83
C GLY B 148 36.17 -13.19 -11.87
N VAL B 149 36.68 -13.32 -10.65
CA VAL B 149 36.64 -12.25 -9.62
C VAL B 149 38.08 -11.97 -9.16
N ILE B 150 38.47 -10.72 -9.28
CA ILE B 150 39.82 -10.25 -8.85
C ILE B 150 39.59 -9.31 -7.68
N GLY B 151 40.60 -9.16 -6.84
CA GLY B 151 40.45 -8.51 -5.55
C GLY B 151 41.46 -7.41 -5.35
N PHE B 152 41.04 -6.38 -4.61
CA PHE B 152 41.88 -5.21 -4.36
C PHE B 152 41.79 -4.84 -2.86
N VAL B 153 42.94 -4.77 -2.21
CA VAL B 153 43.05 -4.25 -0.84
C VAL B 153 43.39 -2.76 -0.93
N GLY B 154 42.48 -1.92 -0.51
CA GLY B 154 42.62 -0.46 -0.52
C GLY B 154 42.90 0.07 0.86
N SER B 155 43.57 1.23 0.88
CA SER B 155 43.92 2.01 2.07
C SER B 155 42.82 3.03 2.33
N PHE B 156 42.84 4.11 1.58
CA PHE B 156 41.87 5.22 1.63
C PHE B 156 41.47 5.60 0.21
N PRO B 157 40.22 6.03 -0.01
CA PRO B 157 39.75 6.36 -1.35
C PRO B 157 40.25 7.71 -1.87
N VAL B 158 41.57 7.85 -1.95
CA VAL B 158 42.23 9.02 -2.53
C VAL B 158 42.51 8.71 -4.00
N PRO B 159 42.78 9.74 -4.83
CA PRO B 159 42.92 9.50 -6.26
C PRO B 159 43.93 8.43 -6.65
N GLU B 160 45.12 8.40 -6.01
CA GLU B 160 46.09 7.32 -6.33
C GLU B 160 45.42 5.94 -6.30
N VAL B 161 44.65 5.64 -5.26
CA VAL B 161 44.11 4.30 -5.02
C VAL B 161 42.96 4.07 -6.00
N ILE B 162 42.13 5.07 -6.23
CA ILE B 162 40.98 4.88 -7.17
C ILE B 162 41.49 4.72 -8.62
N ARG B 163 42.56 5.42 -8.99
CA ARG B 163 43.22 5.16 -10.28
C ARG B 163 43.69 3.70 -10.37
N ASN B 164 44.31 3.16 -9.32
CA ASN B 164 44.80 1.75 -9.30
C ASN B 164 43.60 0.77 -9.40
N ILE B 165 42.56 1.00 -8.63
CA ILE B 165 41.34 0.13 -8.70
C ILE B 165 40.85 0.10 -10.16
N ASN B 166 40.64 1.28 -10.75
CA ASN B 166 40.07 1.37 -12.13
C ASN B 166 41.02 0.74 -13.13
N ALA B 167 42.33 0.98 -13.01
CA ALA B 167 43.31 0.45 -13.96
C ALA B 167 43.36 -1.06 -13.89
N TYR B 168 43.32 -1.65 -12.68
CA TYR B 168 43.32 -3.10 -12.47
C TYR B 168 42.11 -3.68 -13.23
N THR B 169 40.98 -3.03 -13.05
CA THR B 169 39.69 -3.49 -13.63
C THR B 169 39.74 -3.36 -15.16
N LEU B 170 40.19 -2.23 -15.68
CA LEU B 170 40.22 -2.00 -17.15
C LEU B 170 41.19 -2.96 -17.80
N GLY B 171 42.38 -3.15 -17.17
CA GLY B 171 43.34 -4.12 -17.69
C GLY B 171 42.71 -5.51 -17.81
N ALA B 172 42.04 -5.96 -16.76
CA ALA B 172 41.40 -7.28 -16.75
C ALA B 172 40.30 -7.30 -17.84
N GLN B 173 39.52 -6.24 -17.92
CA GLN B 173 38.36 -6.18 -18.89
C GLN B 173 38.85 -6.17 -20.34
N SER B 174 40.10 -5.75 -20.62
CA SER B 174 40.67 -5.79 -21.98
C SER B 174 40.81 -7.25 -22.44
N VAL B 175 40.85 -8.20 -21.51
CA VAL B 175 40.99 -9.64 -21.78
C VAL B 175 39.61 -10.28 -21.64
N ASN B 176 38.94 -10.02 -20.52
CA ASN B 176 37.61 -10.61 -20.18
C ASN B 176 36.70 -9.51 -19.68
N PRO B 177 35.81 -8.99 -20.55
CA PRO B 177 34.91 -7.90 -20.16
C PRO B 177 33.92 -8.23 -19.03
N LYS B 178 33.78 -9.50 -18.66
CA LYS B 178 32.84 -9.94 -17.58
C LYS B 178 33.54 -9.95 -16.22
N ILE B 179 34.82 -9.60 -16.15
CA ILE B 179 35.56 -9.64 -14.85
C ILE B 179 34.88 -8.69 -13.86
N LYS B 180 34.85 -9.11 -12.60
CA LYS B 180 34.40 -8.25 -11.47
C LYS B 180 35.61 -8.02 -10.57
N THR B 181 35.70 -6.82 -10.03
CA THR B 181 36.75 -6.45 -9.06
C THR B 181 36.05 -6.20 -7.72
N LYS B 182 36.41 -6.98 -6.71
CA LYS B 182 35.92 -6.71 -5.33
C LYS B 182 37.00 -5.93 -4.58
N VAL B 183 36.58 -4.87 -3.94
CA VAL B 183 37.45 -3.96 -3.17
C VAL B 183 37.10 -4.09 -1.70
N ILE B 184 38.11 -4.12 -0.84
CA ILE B 184 37.97 -4.02 0.63
C ILE B 184 38.93 -2.92 1.13
N TRP B 185 38.49 -2.13 2.09
CA TRP B 185 39.20 -0.94 2.60
C TRP B 185 39.70 -1.24 4.01
N VAL B 186 40.98 -0.95 4.28
CA VAL B 186 41.54 -1.19 5.63
C VAL B 186 41.82 0.11 6.36
N SER B 187 41.70 1.28 5.74
CA SER B 187 41.82 2.61 6.38
C SER B 187 43.21 2.72 7.05
N THR B 188 44.22 2.22 6.39
CA THR B 188 45.64 2.42 6.71
C THR B 188 46.43 2.07 5.46
N TRP B 189 47.66 2.57 5.34
CA TRP B 189 48.58 2.18 4.25
C TRP B 189 49.38 0.96 4.66
N TYR B 190 49.47 0.67 5.96
CA TYR B 190 50.42 -0.35 6.44
C TYR B 190 49.98 -0.87 7.80
N ASP B 191 49.51 -2.10 7.78
CA ASP B 191 49.18 -2.88 9.00
C ASP B 191 49.08 -4.32 8.55
N PRO B 192 50.16 -5.09 8.66
CA PRO B 192 50.15 -6.45 8.12
C PRO B 192 49.01 -7.33 8.66
N ALA B 193 48.55 -7.13 9.90
CA ALA B 193 47.42 -7.92 10.43
C ALA B 193 46.13 -7.54 9.71
N LYS B 194 45.89 -6.25 9.51
CA LYS B 194 44.64 -5.81 8.82
C LYS B 194 44.71 -6.25 7.36
N GLU B 195 45.87 -6.11 6.74
CA GLU B 195 46.04 -6.52 5.32
C GLU B 195 45.78 -8.02 5.19
N ARG B 196 46.29 -8.83 6.11
CA ARG B 196 46.07 -10.30 6.08
C ARG B 196 44.55 -10.58 6.17
N GLN B 197 43.86 -9.94 7.10
CA GLN B 197 42.42 -10.19 7.30
C GLN B 197 41.67 -9.79 6.03
N ALA B 198 42.02 -8.65 5.44
CA ALA B 198 41.39 -8.13 4.21
C ALA B 198 41.58 -9.15 3.08
N ALA B 199 42.78 -9.66 2.88
CA ALA B 199 43.07 -10.69 1.85
C ALA B 199 42.25 -11.96 2.09
N GLU B 200 42.11 -12.41 3.34
CA GLU B 200 41.33 -13.63 3.65
C GLU B 200 39.85 -13.38 3.29
N THR B 201 39.35 -12.20 3.57
CA THR B 201 37.93 -11.85 3.28
C THR B 201 37.72 -11.82 1.76
N LEU B 202 38.61 -11.21 0.98
CA LEU B 202 38.50 -11.18 -0.49
C LEU B 202 38.42 -12.61 -1.02
N ILE B 203 39.30 -13.48 -0.56
CA ILE B 203 39.35 -14.90 -1.03
C ILE B 203 38.07 -15.63 -0.61
N ALA B 204 37.57 -15.39 0.59
CA ALA B 204 36.30 -15.98 1.07
C ALA B 204 35.14 -15.54 0.18
N GLN B 205 35.21 -14.32 -0.38
CA GLN B 205 34.15 -13.75 -1.25
C GLN B 205 34.46 -14.00 -2.73
N GLY B 206 35.39 -14.89 -3.04
CA GLY B 206 35.54 -15.48 -4.39
C GLY B 206 36.63 -14.84 -5.26
N ALA B 207 37.39 -13.88 -4.75
CA ALA B 207 38.54 -13.28 -5.49
C ALA B 207 39.67 -14.30 -5.53
N ASP B 208 40.33 -14.53 -6.68
CA ASP B 208 41.46 -15.50 -6.68
C ASP B 208 42.77 -14.92 -7.24
N VAL B 209 42.76 -13.66 -7.63
CA VAL B 209 43.99 -12.89 -7.99
C VAL B 209 43.85 -11.54 -7.29
N LEU B 210 44.80 -11.24 -6.42
CA LEU B 210 44.69 -10.06 -5.51
C LEU B 210 45.82 -9.08 -5.82
N THR B 211 45.51 -7.80 -5.63
CA THR B 211 46.51 -6.71 -5.65
C THR B 211 46.15 -5.77 -4.50
N GLN B 212 47.05 -4.85 -4.19
CA GLN B 212 46.86 -3.98 -3.01
C GLN B 212 47.50 -2.61 -3.26
N ASN B 213 47.00 -1.59 -2.57
CA ASN B 213 47.69 -0.29 -2.49
C ASN B 213 48.30 -0.11 -1.09
N THR B 214 48.17 -1.09 -0.19
CA THR B 214 48.85 -1.09 1.11
C THR B 214 50.32 -1.52 0.91
N ASN B 215 51.10 -1.57 1.98
CA ASN B 215 52.58 -1.54 1.84
C ASN B 215 53.25 -2.89 2.20
N SER B 216 52.54 -3.92 2.67
CA SER B 216 53.21 -5.13 3.21
C SER B 216 53.07 -6.29 2.22
N PRO B 217 53.82 -7.38 2.41
CA PRO B 217 53.58 -8.62 1.65
C PRO B 217 52.47 -9.54 2.19
N ALA B 218 51.66 -9.08 3.12
CA ALA B 218 50.68 -9.92 3.86
C ALA B 218 49.67 -10.54 2.88
N THR B 219 49.20 -9.78 1.90
CA THR B 219 48.26 -10.25 0.85
C THR B 219 48.89 -11.41 0.07
N LEU B 220 50.16 -11.28 -0.31
CA LEU B 220 50.90 -12.38 -1.00
C LEU B 220 50.99 -13.61 -0.12
N GLN B 221 51.26 -13.45 1.17
CA GLN B 221 51.41 -14.60 2.08
C GLN B 221 50.06 -15.33 2.18
N VAL B 222 48.98 -14.59 2.30
CA VAL B 222 47.61 -15.19 2.34
C VAL B 222 47.37 -15.92 1.03
N ALA B 223 47.67 -15.30 -0.12
CA ALA B 223 47.42 -15.93 -1.43
C ALA B 223 48.14 -17.27 -1.50
N GLN B 224 49.40 -17.30 -1.10
CA GLN B 224 50.21 -18.54 -1.14
C GLN B 224 49.57 -19.60 -0.22
N GLU B 225 49.16 -19.23 0.97
CA GLU B 225 48.55 -20.16 1.94
C GLU B 225 47.25 -20.75 1.37
N LYS B 226 46.48 -19.98 0.60
CA LYS B 226 45.16 -20.40 0.09
C LYS B 226 45.25 -20.92 -1.35
N GLY B 227 46.43 -21.02 -1.93
CA GLY B 227 46.64 -21.46 -3.33
C GLY B 227 46.11 -20.48 -4.36
N LYS B 228 46.16 -19.17 -4.11
CA LYS B 228 45.71 -18.13 -5.03
C LYS B 228 46.92 -17.35 -5.56
N TYR B 229 46.67 -16.29 -6.32
CA TYR B 229 47.75 -15.46 -6.88
C TYR B 229 47.63 -14.04 -6.34
N ALA B 230 48.76 -13.32 -6.35
CA ALA B 230 48.76 -11.90 -6.02
C ALA B 230 49.97 -11.22 -6.65
N PHE B 231 50.06 -9.91 -6.46
CA PHE B 231 51.15 -9.08 -7.06
C PHE B 231 51.90 -8.36 -5.95
N GLY B 232 53.22 -8.26 -6.14
CA GLY B 232 54.07 -7.36 -5.35
C GLY B 232 53.72 -5.90 -5.62
N CYS B 233 53.91 -5.04 -4.62
CA CYS B 233 53.67 -3.57 -4.75
C CYS B 233 54.96 -2.86 -4.31
N ASP B 234 55.55 -2.09 -5.21
CA ASP B 234 56.71 -1.17 -4.98
C ASP B 234 58.03 -1.93 -5.00
N ALA B 235 58.05 -3.21 -4.61
CA ALA B 235 59.26 -4.04 -4.67
C ALA B 235 58.87 -5.44 -5.13
N ASP B 236 59.81 -6.16 -5.71
CA ASP B 236 59.67 -7.60 -6.00
C ASP B 236 59.46 -8.31 -4.66
N MET B 237 58.31 -8.93 -4.43
CA MET B 237 58.00 -9.56 -3.12
C MET B 237 58.00 -11.10 -3.28
N SER B 238 58.60 -11.62 -4.36
CA SER B 238 58.49 -13.06 -4.68
C SER B 238 59.06 -13.92 -3.56
N LYS B 239 60.10 -13.48 -2.83
CA LYS B 239 60.69 -14.31 -1.76
C LYS B 239 59.66 -14.57 -0.65
N PHE B 240 58.62 -13.76 -0.50
CA PHE B 240 57.59 -13.97 0.54
C PHE B 240 56.55 -14.99 0.11
N ALA B 241 56.42 -15.25 -1.19
CA ALA B 241 55.31 -16.04 -1.76
C ALA B 241 55.68 -16.46 -3.18
N PRO B 242 56.66 -17.38 -3.36
CA PRO B 242 57.16 -17.70 -4.69
C PRO B 242 56.10 -18.32 -5.61
N LYS B 243 55.14 -19.03 -5.05
CA LYS B 243 54.06 -19.67 -5.87
C LYS B 243 52.98 -18.65 -6.23
N ALA B 244 52.67 -17.70 -5.35
CA ALA B 244 51.54 -16.76 -5.55
C ALA B 244 51.95 -15.54 -6.40
N HIS B 245 53.21 -15.10 -6.31
CA HIS B 245 53.69 -13.80 -6.86
C HIS B 245 53.76 -13.85 -8.39
N LEU B 246 52.76 -13.33 -9.10
CA LEU B 246 52.76 -13.36 -10.58
C LEU B 246 53.81 -12.40 -11.18
N THR B 247 53.89 -11.20 -10.61
CA THR B 247 54.87 -10.14 -10.93
C THR B 247 54.65 -9.04 -9.88
N ALA B 248 55.29 -7.91 -10.06
CA ALA B 248 55.17 -6.73 -9.18
C ALA B 248 55.39 -5.47 -9.98
N SER B 249 54.73 -4.39 -9.55
CA SER B 249 54.97 -3.01 -10.01
C SER B 249 56.04 -2.41 -9.11
N ILE B 250 57.28 -2.47 -9.56
CA ILE B 250 58.45 -1.95 -8.79
C ILE B 250 58.49 -0.41 -8.89
N SER B 251 58.74 0.28 -7.77
CA SER B 251 58.87 1.74 -7.70
C SER B 251 60.37 2.09 -7.61
N ASN B 252 60.88 2.80 -8.60
CA ASN B 252 62.29 3.27 -8.70
C ASN B 252 62.31 4.79 -8.51
N TRP B 253 62.62 5.25 -7.31
CA TRP B 253 62.60 6.69 -6.96
C TRP B 253 63.98 7.32 -7.11
N GLY B 254 65.02 6.52 -7.31
CA GLY B 254 66.43 6.95 -7.25
C GLY B 254 66.78 8.02 -8.26
N ASP B 255 66.30 7.92 -9.50
CA ASP B 255 66.63 8.90 -10.57
C ASP B 255 65.98 10.24 -10.22
N PHE B 256 64.74 10.20 -9.74
CA PHE B 256 64.01 11.41 -9.34
C PHE B 256 64.73 12.09 -8.17
N TYR B 257 65.10 11.33 -7.15
CA TYR B 257 65.74 11.89 -5.92
C TYR B 257 67.11 12.48 -6.32
N THR B 258 67.82 11.81 -7.21
CA THR B 258 69.14 12.26 -7.71
C THR B 258 68.97 13.60 -8.44
N LYS B 259 68.04 13.67 -9.40
CA LYS B 259 67.83 14.84 -10.25
C LYS B 259 67.40 16.03 -9.35
N THR B 260 66.56 15.75 -8.35
CA THR B 260 66.03 16.81 -7.46
C THR B 260 67.19 17.38 -6.62
N ALA B 261 67.99 16.53 -6.05
CA ALA B 261 69.15 16.94 -5.21
C ALA B 261 70.08 17.77 -6.07
N GLN B 262 70.36 17.34 -7.29
CA GLN B 262 71.20 18.12 -8.26
C GLN B 262 70.65 19.51 -8.51
N ALA B 263 69.33 19.64 -8.72
CA ALA B 263 68.67 20.92 -9.00
C ALA B 263 68.81 21.85 -7.78
N VAL B 264 68.62 21.33 -6.57
CA VAL B 264 68.75 22.14 -5.34
C VAL B 264 70.21 22.61 -5.20
N MET B 265 71.17 21.73 -5.44
CA MET B 265 72.61 22.09 -5.35
C MET B 265 72.99 23.14 -6.40
N ALA B 266 72.40 23.11 -7.59
CA ALA B 266 72.72 24.01 -8.73
C ALA B 266 71.95 25.32 -8.60
N GLY B 267 70.93 25.39 -7.76
CA GLY B 267 69.99 26.52 -7.70
C GLY B 267 69.06 26.58 -8.89
N THR B 268 68.75 25.45 -9.54
CA THR B 268 67.81 25.38 -10.67
C THR B 268 66.47 24.79 -10.24
N TRP B 269 66.32 24.39 -8.98
CA TRP B 269 65.05 23.77 -8.52
C TRP B 269 63.91 24.75 -8.66
N LYS B 270 62.73 24.30 -9.07
CA LYS B 270 61.49 25.08 -9.08
C LYS B 270 60.34 24.19 -8.62
N SER B 271 59.34 24.76 -7.97
CA SER B 271 58.10 24.09 -7.54
C SER B 271 57.36 23.60 -8.80
N GLU B 272 57.09 22.31 -8.89
CA GLU B 272 56.22 21.77 -9.98
C GLU B 272 55.61 20.45 -9.54
N GLU B 273 54.63 19.99 -10.32
CA GLU B 273 53.96 18.68 -10.15
C GLU B 273 54.71 17.73 -11.08
N VAL B 274 55.31 16.70 -10.53
CA VAL B 274 56.04 15.65 -11.31
C VAL B 274 55.25 14.36 -11.24
N HIS B 275 55.03 13.72 -12.39
N HIS B 275 55.04 13.72 -12.39
CA HIS B 275 54.38 12.40 -12.49
CA HIS B 275 54.38 12.41 -12.49
C HIS B 275 55.21 11.58 -13.48
C HIS B 275 55.21 11.58 -13.48
N TRP B 276 55.90 10.56 -12.99
CA TRP B 276 56.75 9.70 -13.87
C TRP B 276 56.17 8.31 -13.87
N GLY B 277 56.24 7.65 -15.02
CA GLY B 277 55.72 6.30 -15.23
C GLY B 277 56.76 5.34 -15.73
N MET B 278 56.30 4.43 -16.55
CA MET B 278 57.18 3.38 -17.10
C MET B 278 58.16 4.03 -18.08
N ALA B 279 57.70 5.01 -18.87
CA ALA B 279 58.59 5.63 -19.89
C ALA B 279 59.79 6.30 -19.18
N GLU B 280 59.57 6.88 -18.00
CA GLU B 280 60.63 7.64 -17.29
C GLU B 280 61.46 6.76 -16.36
N GLY B 281 61.16 5.47 -16.24
CA GLY B 281 61.90 4.48 -15.46
C GLY B 281 61.42 4.39 -14.02
N MET B 282 60.38 5.13 -13.63
CA MET B 282 59.96 5.15 -12.19
C MET B 282 59.14 3.89 -11.87
N VAL B 283 58.50 3.31 -12.88
CA VAL B 283 57.61 2.12 -12.72
C VAL B 283 58.19 1.03 -13.60
N LYS B 284 58.52 -0.12 -13.02
CA LYS B 284 59.12 -1.26 -13.74
C LYS B 284 58.41 -2.54 -13.33
N MET B 285 58.22 -3.51 -14.23
CA MET B 285 57.57 -4.80 -13.83
C MET B 285 58.66 -5.81 -13.44
N ALA B 286 58.42 -6.58 -12.37
CA ALA B 286 59.27 -7.74 -12.02
C ALA B 286 59.11 -8.81 -13.09
N PRO B 287 60.03 -9.78 -13.16
CA PRO B 287 59.89 -10.93 -14.05
C PRO B 287 58.59 -11.71 -13.75
N LEU B 288 58.03 -12.32 -14.80
CA LEU B 288 56.79 -13.14 -14.69
C LEU B 288 57.06 -14.44 -13.95
N ASN B 289 56.13 -14.86 -13.10
CA ASN B 289 56.12 -16.19 -12.47
C ASN B 289 56.16 -17.27 -13.59
N ALA B 290 56.82 -18.39 -13.34
CA ALA B 290 56.92 -19.53 -14.30
C ALA B 290 55.54 -20.14 -14.58
N ALA B 291 54.55 -19.97 -13.70
CA ALA B 291 53.17 -20.47 -13.92
C ALA B 291 52.44 -19.69 -15.02
N VAL B 292 52.92 -18.51 -15.43
CA VAL B 292 52.22 -17.74 -16.50
C VAL B 292 52.47 -18.46 -17.82
N PRO B 293 51.43 -18.91 -18.54
CA PRO B 293 51.65 -19.66 -19.78
C PRO B 293 52.09 -18.74 -20.91
N PRO B 294 52.68 -19.29 -22.00
CA PRO B 294 53.20 -18.48 -23.10
C PRO B 294 52.22 -17.51 -23.74
N ASP B 295 50.94 -17.85 -23.91
CA ASP B 295 49.95 -16.94 -24.52
C ASP B 295 49.81 -15.68 -23.64
N ALA B 296 49.74 -15.86 -22.32
CA ALA B 296 49.57 -14.76 -21.34
C ALA B 296 50.85 -13.93 -21.30
N ALA B 297 52.00 -14.58 -21.27
CA ALA B 297 53.31 -13.88 -21.20
C ALA B 297 53.47 -13.00 -22.44
N LYS B 298 53.12 -13.52 -23.62
CA LYS B 298 53.26 -12.79 -24.89
C LYS B 298 52.38 -11.54 -24.84
N LEU B 299 51.12 -11.68 -24.42
CA LEU B 299 50.19 -10.55 -24.35
C LEU B 299 50.70 -9.50 -23.35
N PHE B 300 51.16 -9.94 -22.19
CA PHE B 300 51.74 -9.04 -21.16
C PHE B 300 52.90 -8.24 -21.78
N GLU B 301 53.82 -8.87 -22.49
CA GLU B 301 55.01 -8.17 -23.07
C GLU B 301 54.56 -7.17 -24.14
N GLU B 302 53.54 -7.52 -24.97
CA GLU B 302 52.98 -6.63 -25.99
C GLU B 302 52.35 -5.40 -25.33
N LYS B 303 51.54 -5.57 -24.28
CA LYS B 303 50.86 -4.46 -23.60
C LYS B 303 51.90 -3.60 -22.86
N LYS B 304 52.93 -4.23 -22.30
CA LYS B 304 54.01 -3.49 -21.61
C LYS B 304 54.70 -2.55 -22.62
N ALA B 305 55.02 -3.05 -23.80
CA ALA B 305 55.74 -2.25 -24.84
C ALA B 305 54.85 -1.09 -25.25
N ALA B 306 53.55 -1.34 -25.43
CA ALA B 306 52.56 -0.32 -25.79
C ALA B 306 52.39 0.73 -24.70
N MET B 307 52.48 0.33 -23.43
CA MET B 307 52.35 1.23 -22.28
C MET B 307 53.57 2.16 -22.27
N VAL B 308 54.74 1.60 -22.48
CA VAL B 308 56.00 2.40 -22.41
C VAL B 308 56.00 3.43 -23.54
N SER B 309 55.57 3.05 -24.73
CA SER B 309 55.59 3.88 -25.96
C SER B 309 54.43 4.90 -25.94
N GLY B 310 53.41 4.69 -25.11
CA GLY B 310 52.21 5.55 -25.07
C GLY B 310 51.19 5.21 -26.14
N LYS B 311 51.35 4.08 -26.84
CA LYS B 311 50.36 3.58 -27.84
C LYS B 311 49.06 3.16 -27.14
N ILE B 312 49.15 2.64 -25.92
CA ILE B 312 47.95 2.44 -25.05
C ILE B 312 48.16 3.27 -23.79
N LYS B 313 47.05 3.78 -23.26
CA LYS B 313 47.02 4.51 -21.96
C LYS B 313 45.96 3.82 -21.13
N PRO B 314 46.15 3.62 -19.81
CA PRO B 314 45.15 2.94 -19.00
C PRO B 314 43.73 3.54 -19.10
N PHE B 315 43.63 4.85 -19.18
CA PHE B 315 42.33 5.57 -19.17
C PHE B 315 42.06 6.19 -20.55
N GLN B 316 42.45 5.48 -21.60
CA GLN B 316 41.99 5.83 -22.97
C GLN B 316 40.50 5.45 -23.06
N GLY B 317 39.73 6.25 -23.80
CA GLY B 317 38.30 5.98 -24.02
C GLY B 317 38.08 4.72 -24.84
N PRO B 318 36.82 4.22 -24.92
CA PRO B 318 35.69 4.81 -24.19
C PRO B 318 35.66 4.32 -22.75
N LEU B 319 35.32 5.19 -21.80
CA LEU B 319 35.12 4.80 -20.39
C LEU B 319 33.75 5.28 -19.95
N LYS B 320 33.09 4.46 -19.17
CA LYS B 320 31.88 4.85 -18.43
C LYS B 320 32.10 4.59 -16.94
N ASP B 321 31.46 5.43 -16.13
CA ASP B 321 31.45 5.21 -14.67
C ASP B 321 30.32 4.23 -14.34
N GLN B 322 30.20 3.91 -13.06
CA GLN B 322 29.24 2.88 -12.62
C GLN B 322 27.79 3.35 -12.70
N SER B 323 27.53 4.64 -12.93
CA SER B 323 26.14 5.13 -13.18
C SER B 323 25.85 5.13 -14.69
N GLY B 324 26.80 4.71 -15.53
CA GLY B 324 26.61 4.64 -16.99
C GLY B 324 26.96 5.95 -17.68
N ALA B 325 27.46 6.96 -16.99
CA ALA B 325 27.86 8.23 -17.60
C ALA B 325 29.17 8.02 -18.38
N VAL B 326 29.24 8.61 -19.57
CA VAL B 326 30.50 8.58 -20.38
C VAL B 326 31.48 9.54 -19.74
N LYS B 327 32.69 9.07 -19.43
CA LYS B 327 33.76 9.93 -18.88
C LYS B 327 34.73 10.33 -19.99
N VAL B 328 34.91 9.45 -20.96
CA VAL B 328 35.86 9.60 -22.09
C VAL B 328 35.26 8.93 -23.31
N ALA B 329 35.16 9.64 -24.43
CA ALA B 329 34.75 9.10 -25.74
C ALA B 329 35.88 8.23 -26.31
N ALA B 330 35.51 7.22 -27.10
CA ALA B 330 36.43 6.45 -27.97
C ALA B 330 37.34 7.41 -28.73
N GLY B 331 38.64 7.09 -28.81
CA GLY B 331 39.66 7.89 -29.53
C GLY B 331 40.16 9.08 -28.72
N SER B 332 39.70 9.25 -27.47
CA SER B 332 40.18 10.32 -26.56
C SER B 332 40.82 9.68 -25.33
N ASP B 333 41.54 10.49 -24.55
CA ASP B 333 42.22 10.07 -23.30
C ASP B 333 41.62 10.87 -22.15
N LEU B 334 41.57 10.29 -20.96
CA LEU B 334 41.11 11.05 -19.78
C LEU B 334 42.10 12.18 -19.56
N PRO B 335 41.61 13.43 -19.45
CA PRO B 335 42.48 14.58 -19.14
C PRO B 335 43.20 14.47 -17.78
N LEU B 336 44.38 15.11 -17.68
CA LEU B 336 45.26 15.14 -16.48
C LEU B 336 44.46 15.64 -15.27
N ALA B 337 43.56 16.62 -15.42
CA ALA B 337 42.75 17.17 -14.31
C ALA B 337 41.82 16.10 -13.75
N SER B 338 41.21 15.30 -14.62
CA SER B 338 40.27 14.22 -14.17
C SER B 338 41.08 13.08 -13.57
N LEU B 339 42.27 12.78 -14.09
CA LEU B 339 43.19 11.77 -13.51
C LEU B 339 43.54 12.19 -12.08
N LYS B 340 43.93 13.45 -11.89
CA LYS B 340 44.43 14.00 -10.60
C LYS B 340 43.33 13.94 -9.53
N GLY B 341 42.05 14.08 -9.88
CA GLY B 341 40.98 14.10 -8.89
C GLY B 341 40.14 12.84 -8.90
N MET B 342 40.58 11.76 -9.54
CA MET B 342 39.71 10.59 -9.81
C MET B 342 39.02 10.12 -8.52
N ASN B 343 37.69 10.09 -8.52
CA ASN B 343 36.89 9.68 -7.35
C ASN B 343 35.68 8.89 -7.88
N TRP B 344 35.77 8.36 -9.08
CA TRP B 344 34.69 7.54 -9.70
C TRP B 344 35.24 6.17 -10.07
N TYR B 345 34.36 5.21 -10.23
CA TYR B 345 34.66 3.79 -10.52
C TYR B 345 34.15 3.44 -11.88
N VAL B 346 34.92 2.59 -12.54
CA VAL B 346 34.43 1.96 -13.80
C VAL B 346 33.42 0.87 -13.45
N GLN B 347 32.58 0.52 -14.44
N GLN B 347 32.59 0.52 -14.44
CA GLN B 347 31.61 -0.59 -14.28
CA GLN B 347 31.63 -0.60 -14.33
C GLN B 347 32.38 -1.89 -14.01
C GLN B 347 32.41 -1.88 -14.00
N GLY B 348 31.90 -2.66 -13.04
CA GLY B 348 32.50 -3.94 -12.65
C GLY B 348 33.22 -3.87 -11.30
N VAL B 349 33.38 -2.68 -10.73
CA VAL B 349 33.98 -2.51 -9.38
C VAL B 349 32.85 -2.65 -8.35
N GLU B 350 33.03 -3.49 -7.35
CA GLU B 350 32.08 -3.47 -6.19
C GLU B 350 32.83 -3.65 -4.88
N GLY B 351 32.19 -3.28 -3.78
CA GLY B 351 32.66 -3.54 -2.41
C GLY B 351 32.47 -4.98 -2.01
N THR B 352 33.23 -5.44 -1.04
CA THR B 352 32.99 -6.71 -0.32
C THR B 352 31.81 -6.54 0.65
N ILE B 353 31.17 -7.64 1.00
CA ILE B 353 30.14 -7.62 2.07
C ILE B 353 30.84 -7.45 3.40
N PRO B 354 30.44 -6.47 4.25
CA PRO B 354 31.11 -6.27 5.55
C PRO B 354 30.86 -7.39 6.58
N LYS B 355 31.81 -7.53 7.52
CA LYS B 355 31.81 -8.45 8.71
C LYS B 355 32.51 -9.75 8.30
N GLU C 23 -23.84 -59.88 -0.74
CA GLU C 23 -25.31 -59.69 -0.96
C GLU C 23 -25.56 -58.27 -1.45
N PRO C 24 -26.63 -58.01 -2.23
CA PRO C 24 -26.86 -56.65 -2.75
C PRO C 24 -27.18 -55.66 -1.62
N LEU C 25 -26.68 -54.43 -1.70
CA LEU C 25 -27.15 -53.30 -0.84
C LEU C 25 -28.57 -52.88 -1.25
N LYS C 26 -29.51 -52.97 -0.33
CA LYS C 26 -30.93 -52.58 -0.51
C LYS C 26 -31.03 -51.07 -0.24
N VAL C 27 -31.36 -50.32 -1.29
CA VAL C 27 -31.42 -48.84 -1.27
C VAL C 27 -32.84 -48.41 -1.58
N ALA C 28 -33.40 -47.51 -0.77
CA ALA C 28 -34.78 -47.02 -1.02
C ALA C 28 -34.77 -45.49 -1.21
N PHE C 29 -35.70 -45.00 -2.02
CA PHE C 29 -35.90 -43.57 -2.34
C PHE C 29 -37.32 -43.23 -2.00
N VAL C 30 -37.51 -42.15 -1.25
CA VAL C 30 -38.87 -41.67 -0.88
C VAL C 30 -39.08 -40.34 -1.58
N TYR C 31 -40.09 -40.25 -2.44
CA TYR C 31 -40.40 -39.05 -3.26
C TYR C 31 -41.70 -38.42 -2.74
N ALA C 32 -41.77 -37.10 -2.76
CA ALA C 32 -42.93 -36.30 -2.31
C ALA C 32 -43.90 -36.17 -3.49
N GLY C 33 -43.45 -36.46 -4.71
CA GLY C 33 -44.27 -36.27 -5.92
C GLY C 33 -44.17 -37.47 -6.84
N PRO C 34 -44.69 -37.30 -8.08
CA PRO C 34 -44.64 -38.34 -9.09
C PRO C 34 -43.41 -38.27 -9.98
N VAL C 35 -42.91 -39.43 -10.39
CA VAL C 35 -41.84 -39.53 -11.43
C VAL C 35 -42.33 -38.88 -12.73
N SER C 36 -43.65 -38.84 -12.97
CA SER C 36 -44.28 -38.19 -14.15
C SER C 36 -44.30 -36.66 -14.05
N ASP C 37 -43.72 -36.02 -13.01
CA ASP C 37 -43.69 -34.54 -12.94
C ASP C 37 -42.80 -33.98 -14.08
N ALA C 38 -41.89 -34.79 -14.63
CA ALA C 38 -40.89 -34.44 -15.66
C ALA C 38 -39.93 -33.35 -15.14
N GLY C 39 -39.80 -33.24 -13.82
CA GLY C 39 -38.96 -32.25 -13.14
C GLY C 39 -38.26 -32.85 -11.95
N TYR C 40 -38.54 -32.32 -10.77
CA TYR C 40 -37.81 -32.60 -9.52
C TYR C 40 -37.77 -34.10 -9.22
N THR C 41 -38.92 -34.78 -9.16
CA THR C 41 -38.96 -36.23 -8.77
C THR C 41 -38.35 -37.05 -9.89
N TYR C 42 -38.67 -36.68 -11.13
CA TYR C 42 -38.08 -37.32 -12.34
C TYR C 42 -36.55 -37.32 -12.22
N ALA C 43 -35.95 -36.19 -11.90
CA ALA C 43 -34.47 -36.05 -11.80
C ALA C 43 -33.91 -36.91 -10.66
N HIS C 44 -34.53 -36.93 -9.48
CA HIS C 44 -34.08 -37.84 -8.39
C HIS C 44 -34.14 -39.28 -8.91
N ASP C 45 -35.24 -39.65 -9.57
CA ASP C 45 -35.45 -41.03 -10.07
C ASP C 45 -34.42 -41.35 -11.16
N GLN C 46 -34.03 -40.41 -12.02
CA GLN C 46 -32.93 -40.63 -12.98
C GLN C 46 -31.62 -40.84 -12.24
N GLY C 47 -31.42 -40.20 -11.10
CA GLY C 47 -30.21 -40.44 -10.27
C GLY C 47 -30.22 -41.87 -9.71
N ARG C 48 -31.37 -42.36 -9.23
CA ARG C 48 -31.53 -43.75 -8.73
C ARG C 48 -31.17 -44.70 -9.89
N LEU C 49 -31.74 -44.46 -11.08
CA LEU C 49 -31.48 -45.32 -12.27
C LEU C 49 -30.01 -45.25 -12.68
N ALA C 50 -29.36 -44.10 -12.55
CA ALA C 50 -27.91 -43.94 -12.80
C ALA C 50 -27.13 -44.80 -11.81
N MET C 51 -27.48 -44.77 -10.52
CA MET C 51 -26.82 -45.57 -9.47
C MET C 51 -26.96 -47.07 -9.84
N GLU C 52 -28.16 -47.50 -10.23
CA GLU C 52 -28.46 -48.91 -10.63
C GLU C 52 -27.60 -49.31 -11.83
N LYS C 53 -27.47 -48.43 -12.83
CA LYS C 53 -26.63 -48.72 -14.02
C LYS C 53 -25.16 -48.77 -13.60
N ASN C 54 -24.70 -47.83 -12.78
CA ASN C 54 -23.27 -47.73 -12.39
C ASN C 54 -22.85 -48.93 -11.52
N LEU C 55 -23.72 -49.46 -10.65
CA LEU C 55 -23.31 -50.45 -9.62
C LEU C 55 -23.89 -51.84 -9.93
N GLY C 56 -24.85 -51.94 -10.86
CA GLY C 56 -25.49 -53.18 -11.32
C GLY C 56 -25.99 -54.03 -10.16
N ALA C 57 -25.56 -55.29 -10.10
CA ALA C 57 -26.05 -56.34 -9.17
C ALA C 57 -25.62 -56.02 -7.72
N LYS C 58 -24.69 -55.09 -7.51
CA LYS C 58 -24.25 -54.70 -6.15
C LYS C 58 -25.35 -53.95 -5.39
N VAL C 59 -26.39 -53.43 -6.06
CA VAL C 59 -27.47 -52.65 -5.40
C VAL C 59 -28.83 -53.15 -5.91
N LYS C 60 -29.84 -53.07 -5.05
CA LYS C 60 -31.24 -53.26 -5.44
C LYS C 60 -32.00 -52.05 -4.90
N SER C 61 -32.52 -51.22 -5.80
CA SER C 61 -33.22 -49.98 -5.40
C SER C 61 -34.71 -50.22 -5.47
N SER C 62 -35.46 -49.45 -4.69
CA SER C 62 -36.92 -49.33 -4.80
C SER C 62 -37.29 -47.88 -4.50
N TYR C 63 -38.53 -47.51 -4.73
CA TYR C 63 -38.96 -46.13 -4.49
C TYR C 63 -40.43 -46.12 -4.16
N VAL C 64 -40.87 -45.05 -3.55
CA VAL C 64 -42.29 -44.78 -3.26
C VAL C 64 -42.53 -43.35 -3.71
N GLU C 65 -43.57 -43.12 -4.50
CA GLU C 65 -43.96 -41.79 -5.05
C GLU C 65 -45.06 -41.18 -4.21
N ASN C 66 -45.23 -39.85 -4.31
CA ASN C 66 -46.44 -39.13 -3.84
C ASN C 66 -46.60 -39.34 -2.34
N VAL C 67 -45.50 -39.39 -1.59
CA VAL C 67 -45.56 -39.61 -0.11
C VAL C 67 -45.86 -38.28 0.54
N PRO C 68 -46.97 -38.14 1.29
CA PRO C 68 -47.29 -36.88 1.96
C PRO C 68 -46.34 -36.65 3.13
N GLU C 69 -46.32 -35.43 3.67
CA GLU C 69 -45.51 -35.10 4.88
C GLU C 69 -46.21 -35.62 6.16
N GLY C 70 -45.49 -35.66 7.29
CA GLY C 70 -46.04 -35.99 8.62
C GLY C 70 -46.25 -37.49 8.81
N ALA C 71 -47.43 -37.91 9.26
CA ALA C 71 -47.72 -39.28 9.76
C ALA C 71 -47.45 -40.30 8.65
N ASP C 72 -47.90 -39.99 7.43
CA ASP C 72 -47.79 -40.89 6.26
C ASP C 72 -46.30 -41.03 5.94
N ALA C 73 -45.53 -39.95 5.96
CA ALA C 73 -44.08 -40.04 5.60
C ALA C 73 -43.40 -40.95 6.62
N GLU C 74 -43.68 -40.71 7.91
CA GLU C 74 -43.02 -41.52 8.96
C GLU C 74 -43.35 -42.99 8.75
N ARG C 75 -44.61 -43.33 8.47
CA ARG C 75 -45.06 -44.74 8.30
C ARG C 75 -44.30 -45.35 7.12
N VAL C 76 -44.19 -44.62 5.99
CA VAL C 76 -43.48 -45.15 4.79
C VAL C 76 -41.99 -45.35 5.12
N ILE C 77 -41.35 -44.37 5.74
CA ILE C 77 -39.88 -44.47 5.98
C ILE C 77 -39.61 -45.62 6.98
N ARG C 78 -40.43 -45.75 8.03
CA ARG C 78 -40.33 -46.87 9.01
C ARG C 78 -40.44 -48.21 8.29
N LYS C 79 -41.45 -48.36 7.41
CA LYS C 79 -41.69 -49.63 6.68
C LYS C 79 -40.49 -49.96 5.81
N LEU C 80 -39.88 -48.96 5.15
CA LEU C 80 -38.70 -49.24 4.29
C LEU C 80 -37.52 -49.70 5.17
N ALA C 81 -37.33 -49.09 6.34
CA ALA C 81 -36.25 -49.50 7.29
C ALA C 81 -36.53 -50.95 7.79
N ALA C 82 -37.79 -51.26 8.12
CA ALA C 82 -38.23 -52.58 8.62
C ALA C 82 -38.11 -53.66 7.53
N ASP C 83 -38.21 -53.28 6.26
CA ASP C 83 -38.13 -54.23 5.12
C ASP C 83 -36.68 -54.57 4.78
N GLY C 84 -35.69 -54.00 5.47
CA GLY C 84 -34.28 -54.41 5.27
C GLY C 84 -33.48 -53.46 4.38
N ASN C 85 -34.02 -52.29 4.03
CA ASN C 85 -33.20 -51.29 3.30
C ASN C 85 -32.10 -50.77 4.24
N LYS C 86 -30.87 -50.72 3.77
CA LYS C 86 -29.70 -50.32 4.58
C LYS C 86 -29.28 -48.87 4.29
N LEU C 87 -29.80 -48.31 3.19
CA LEU C 87 -29.55 -46.91 2.77
C LEU C 87 -30.86 -46.32 2.24
N ILE C 88 -31.31 -45.22 2.85
CA ILE C 88 -32.63 -44.62 2.53
C ILE C 88 -32.41 -43.14 2.25
N PHE C 89 -32.80 -42.69 1.04
CA PHE C 89 -32.79 -41.28 0.63
C PHE C 89 -34.20 -40.73 0.74
N THR C 90 -34.38 -39.68 1.54
CA THR C 90 -35.68 -38.99 1.64
C THR C 90 -35.51 -37.65 0.91
N THR C 91 -36.20 -37.47 -0.22
CA THR C 91 -35.77 -36.49 -1.26
C THR C 91 -36.55 -35.18 -1.18
N SER C 92 -37.17 -34.85 -0.05
CA SER C 92 -37.93 -33.60 0.11
C SER C 92 -37.66 -32.96 1.46
N PHE C 93 -37.59 -31.64 1.49
CA PHE C 93 -37.48 -30.83 2.71
C PHE C 93 -38.51 -31.31 3.75
N GLY C 94 -39.75 -31.53 3.30
CA GLY C 94 -40.88 -31.91 4.16
C GLY C 94 -40.68 -33.23 4.89
N PHE C 95 -39.69 -34.06 4.52
CA PHE C 95 -39.42 -35.36 5.18
C PHE C 95 -38.39 -35.18 6.31
N MET C 96 -37.97 -33.95 6.62
CA MET C 96 -36.85 -33.74 7.57
C MET C 96 -37.18 -34.37 8.93
N ASN C 97 -38.30 -33.98 9.55
CA ASN C 97 -38.62 -34.38 10.95
C ASN C 97 -38.92 -35.87 11.02
N PRO C 98 -39.76 -36.43 10.11
CA PRO C 98 -39.94 -37.87 10.05
C PRO C 98 -38.64 -38.66 9.90
N THR C 99 -37.75 -38.21 9.02
CA THR C 99 -36.47 -38.89 8.74
C THR C 99 -35.66 -38.93 10.05
N GLU C 100 -35.54 -37.80 10.75
CA GLU C 100 -34.75 -37.71 11.99
C GLU C 100 -35.29 -38.69 13.04
N ARG C 101 -36.61 -38.80 13.16
CA ARG C 101 -37.28 -39.72 14.13
C ARG C 101 -37.01 -41.19 13.75
N VAL C 102 -37.12 -41.54 12.48
CA VAL C 102 -36.89 -42.94 12.04
C VAL C 102 -35.39 -43.26 12.16
N ALA C 103 -34.51 -42.34 11.81
CA ALA C 103 -33.04 -42.58 11.96
C ALA C 103 -32.71 -42.96 13.41
N LYS C 104 -33.29 -42.28 14.40
CA LYS C 104 -33.02 -42.59 15.84
C LYS C 104 -33.46 -44.01 16.17
N ALA C 105 -34.57 -44.47 15.60
CA ALA C 105 -35.21 -45.76 15.85
C ALA C 105 -34.47 -46.90 15.15
N PHE C 106 -33.66 -46.61 14.11
CA PHE C 106 -33.00 -47.64 13.27
C PHE C 106 -31.52 -47.28 13.11
N PRO C 107 -30.73 -47.42 14.20
CA PRO C 107 -29.33 -47.02 14.20
C PRO C 107 -28.41 -47.82 13.26
N ASN C 108 -28.92 -48.91 12.73
CA ASN C 108 -28.26 -49.87 11.81
C ASN C 108 -28.47 -49.43 10.33
N VAL C 109 -29.29 -48.41 10.05
CA VAL C 109 -29.63 -47.96 8.66
C VAL C 109 -29.00 -46.58 8.43
N VAL C 110 -28.48 -46.35 7.23
CA VAL C 110 -27.98 -45.01 6.80
C VAL C 110 -29.12 -44.24 6.13
N PHE C 111 -29.35 -43.02 6.61
CA PHE C 111 -30.37 -42.07 6.09
C PHE C 111 -29.64 -40.86 5.51
N GLU C 112 -30.09 -40.46 4.34
CA GLU C 112 -29.67 -39.24 3.63
C GLU C 112 -30.92 -38.43 3.32
N HIS C 113 -30.98 -37.23 3.87
CA HIS C 113 -32.11 -36.31 3.74
C HIS C 113 -31.73 -35.15 2.82
N ALA C 114 -32.54 -34.90 1.79
CA ALA C 114 -32.29 -33.82 0.81
C ALA C 114 -32.74 -32.49 1.41
N THR C 115 -31.81 -31.53 1.48
CA THR C 115 -32.01 -30.08 1.79
C THR C 115 -32.25 -29.83 3.29
N GLY C 116 -32.11 -30.84 4.14
CA GLY C 116 -32.33 -30.66 5.58
C GLY C 116 -31.16 -30.08 6.35
N VAL C 117 -31.40 -29.80 7.63
CA VAL C 117 -30.39 -29.25 8.57
C VAL C 117 -30.22 -30.17 9.78
N LYS C 118 -30.88 -31.32 9.86
CA LYS C 118 -30.76 -32.24 11.02
C LYS C 118 -29.80 -33.39 10.65
N LEU C 119 -28.80 -33.63 11.48
CA LEU C 119 -27.80 -34.69 11.30
C LEU C 119 -27.74 -35.55 12.57
N ALA C 120 -27.29 -36.78 12.41
CA ALA C 120 -27.07 -37.73 13.51
C ALA C 120 -25.98 -38.70 13.04
N LYS C 121 -25.59 -39.62 13.90
CA LYS C 121 -24.53 -40.61 13.56
C LYS C 121 -24.86 -41.32 12.24
N ASN C 122 -26.14 -41.66 11.99
CA ASN C 122 -26.60 -42.42 10.81
C ASN C 122 -27.49 -41.54 9.91
N LEU C 123 -27.39 -40.21 10.01
CA LEU C 123 -28.20 -39.28 9.19
C LEU C 123 -27.30 -38.18 8.64
N GLY C 124 -27.15 -38.19 7.32
CA GLY C 124 -26.50 -37.11 6.56
C GLY C 124 -27.50 -36.28 5.79
N VAL C 125 -27.08 -35.12 5.32
CA VAL C 125 -27.94 -34.23 4.51
C VAL C 125 -27.16 -33.88 3.26
N TYR C 126 -27.89 -33.74 2.18
CA TYR C 126 -27.30 -33.45 0.85
C TYR C 126 -28.18 -32.45 0.15
N GLU C 127 -27.55 -31.60 -0.64
CA GLU C 127 -28.31 -30.71 -1.53
C GLU C 127 -27.42 -30.24 -2.65
N SER C 128 -28.06 -29.64 -3.65
CA SER C 128 -27.37 -29.01 -4.80
C SER C 128 -27.21 -27.54 -4.49
N ARG C 129 -26.28 -26.89 -5.16
CA ARG C 129 -26.18 -25.40 -5.22
C ARG C 129 -26.89 -24.96 -6.51
N GLN C 130 -28.16 -25.32 -6.64
CA GLN C 130 -28.93 -24.97 -7.86
C GLN C 130 -29.00 -23.46 -8.04
N TYR C 131 -28.85 -22.67 -6.97
CA TYR C 131 -28.84 -21.18 -7.08
C TYR C 131 -27.71 -20.68 -7.99
N GLU C 132 -26.66 -21.48 -8.22
CA GLU C 132 -25.62 -21.13 -9.23
C GLU C 132 -26.25 -21.10 -10.61
N GLY C 133 -27.09 -22.09 -10.94
CA GLY C 133 -27.84 -22.14 -12.20
C GLY C 133 -28.84 -20.99 -12.23
N THR C 134 -29.52 -20.75 -11.12
CA THR C 134 -30.57 -19.69 -11.09
C THR C 134 -29.94 -18.31 -11.34
N TYR C 135 -28.73 -18.05 -10.84
CA TYR C 135 -27.98 -16.83 -11.11
C TYR C 135 -27.80 -16.68 -12.61
N LEU C 136 -27.33 -17.72 -13.30
CA LEU C 136 -27.11 -17.67 -14.76
C LEU C 136 -28.46 -17.48 -15.49
N GLN C 137 -29.54 -18.07 -15.00
CA GLN C 137 -30.89 -17.82 -15.54
C GLN C 137 -31.20 -16.32 -15.43
N GLY C 138 -30.89 -15.69 -14.30
CA GLY C 138 -31.15 -14.27 -14.10
C GLY C 138 -30.37 -13.42 -15.12
N VAL C 139 -29.13 -13.77 -15.38
CA VAL C 139 -28.30 -13.08 -16.39
C VAL C 139 -29.02 -13.12 -17.76
N LEU C 140 -29.49 -14.29 -18.14
CA LEU C 140 -30.19 -14.48 -19.42
C LEU C 140 -31.53 -13.74 -19.39
N ALA C 141 -32.25 -13.80 -18.27
CA ALA C 141 -33.57 -13.14 -18.15
C ALA C 141 -33.40 -11.63 -18.40
N ALA C 142 -32.29 -11.03 -17.91
CA ALA C 142 -32.03 -9.58 -18.06
C ALA C 142 -31.80 -9.25 -19.54
N LYS C 143 -31.16 -10.14 -20.28
CA LYS C 143 -30.92 -9.98 -21.74
C LYS C 143 -32.23 -10.19 -22.53
N MET C 144 -33.20 -10.93 -22.04
CA MET C 144 -34.38 -11.34 -22.86
C MET C 144 -35.61 -10.50 -22.50
N THR C 145 -35.64 -9.86 -21.34
CA THR C 145 -36.83 -9.15 -20.84
C THR C 145 -37.09 -7.89 -21.68
N LYS C 146 -38.34 -7.53 -21.92
CA LYS C 146 -38.73 -6.22 -22.52
C LYS C 146 -39.32 -5.32 -21.45
N THR C 147 -39.87 -5.87 -20.37
CA THR C 147 -40.52 -5.06 -19.31
C THR C 147 -39.53 -4.68 -18.22
N GLY C 148 -38.38 -5.33 -18.11
CA GLY C 148 -37.49 -5.13 -16.96
C GLY C 148 -38.04 -5.78 -15.68
N VAL C 149 -39.09 -6.58 -15.78
CA VAL C 149 -39.70 -7.30 -14.63
C VAL C 149 -39.64 -8.81 -14.91
N ILE C 150 -39.05 -9.55 -13.99
CA ILE C 150 -38.92 -11.02 -14.09
C ILE C 150 -39.74 -11.63 -12.96
N GLY C 151 -40.13 -12.88 -13.13
CA GLY C 151 -41.07 -13.50 -12.20
C GLY C 151 -40.57 -14.79 -11.64
N PHE C 152 -41.02 -15.11 -10.43
CA PHE C 152 -40.62 -16.33 -9.72
C PHE C 152 -41.85 -16.93 -9.07
N VAL C 153 -42.13 -18.18 -9.43
CA VAL C 153 -43.16 -19.02 -8.77
C VAL C 153 -42.52 -19.77 -7.61
N GLY C 154 -42.84 -19.35 -6.38
CA GLY C 154 -42.30 -19.96 -5.16
C GLY C 154 -43.25 -20.95 -4.56
N SER C 155 -42.68 -21.96 -3.93
CA SER C 155 -43.36 -23.03 -3.18
C SER C 155 -43.56 -22.55 -1.75
N PHE C 156 -42.48 -22.57 -0.95
CA PHE C 156 -42.48 -22.16 0.46
C PHE C 156 -41.20 -21.38 0.74
N PRO C 157 -41.25 -20.39 1.63
CA PRO C 157 -40.09 -19.56 1.95
C PRO C 157 -39.07 -20.29 2.84
N VAL C 158 -38.50 -21.37 2.33
CA VAL C 158 -37.40 -22.11 3.00
C VAL C 158 -36.09 -21.63 2.39
N PRO C 159 -34.94 -21.89 3.02
CA PRO C 159 -33.69 -21.34 2.50
C PRO C 159 -33.39 -21.66 1.04
N GLU C 160 -33.61 -22.90 0.62
CA GLU C 160 -33.40 -23.25 -0.81
C GLU C 160 -34.11 -22.24 -1.73
N VAL C 161 -35.39 -21.97 -1.45
CA VAL C 161 -36.21 -21.15 -2.36
C VAL C 161 -35.80 -19.67 -2.25
N ILE C 162 -35.50 -19.19 -1.05
CA ILE C 162 -35.10 -17.78 -0.87
C ILE C 162 -33.73 -17.57 -1.52
N ARG C 163 -32.83 -18.55 -1.44
CA ARG C 163 -31.55 -18.42 -2.17
C ARG C 163 -31.82 -18.33 -3.68
N ASN C 164 -32.73 -19.14 -4.21
CA ASN C 164 -33.05 -19.09 -5.66
C ASN C 164 -33.68 -17.75 -6.06
N ILE C 165 -34.64 -17.24 -5.28
CA ILE C 165 -35.23 -15.90 -5.55
C ILE C 165 -34.11 -14.85 -5.61
N ASN C 166 -33.26 -14.83 -4.59
CA ASN C 166 -32.17 -13.83 -4.51
C ASN C 166 -31.20 -14.02 -5.68
N ALA C 167 -30.80 -15.26 -6.00
CA ALA C 167 -29.79 -15.49 -7.05
C ALA C 167 -30.35 -15.07 -8.40
N TYR C 168 -31.64 -15.35 -8.67
CA TYR C 168 -32.30 -14.93 -9.92
C TYR C 168 -32.19 -13.41 -10.04
N THR C 169 -32.50 -12.73 -8.94
CA THR C 169 -32.53 -11.25 -8.90
C THR C 169 -31.11 -10.68 -9.11
N LEU C 170 -30.14 -11.26 -8.39
CA LEU C 170 -28.75 -10.74 -8.47
C LEU C 170 -28.18 -11.01 -9.85
N GLY C 171 -28.44 -12.18 -10.42
CA GLY C 171 -27.99 -12.46 -11.79
C GLY C 171 -28.53 -11.44 -12.76
N ALA C 172 -29.84 -11.15 -12.72
CA ALA C 172 -30.44 -10.15 -13.59
C ALA C 172 -29.82 -8.77 -13.34
N GLN C 173 -29.63 -8.41 -12.08
CA GLN C 173 -29.14 -7.07 -11.72
C GLN C 173 -27.65 -6.90 -12.13
N SER C 174 -26.90 -7.98 -12.30
CA SER C 174 -25.49 -7.93 -12.78
C SER C 174 -25.48 -7.41 -14.23
N VAL C 175 -26.60 -7.49 -14.94
CA VAL C 175 -26.73 -7.01 -16.34
C VAL C 175 -27.45 -5.66 -16.32
N ASN C 176 -28.57 -5.58 -15.61
CA ASN C 176 -29.43 -4.38 -15.56
C ASN C 176 -29.86 -4.16 -14.11
N PRO C 177 -29.20 -3.22 -13.41
CA PRO C 177 -29.47 -3.01 -12.00
C PRO C 177 -30.89 -2.53 -11.68
N LYS C 178 -31.69 -2.15 -12.66
CA LYS C 178 -33.07 -1.67 -12.44
C LYS C 178 -34.07 -2.83 -12.48
N ILE C 179 -33.63 -4.05 -12.75
CA ILE C 179 -34.57 -5.20 -12.85
C ILE C 179 -35.21 -5.46 -11.49
N LYS C 180 -36.50 -5.75 -11.52
CA LYS C 180 -37.28 -6.18 -10.35
C LYS C 180 -37.75 -7.62 -10.54
N THR C 181 -37.84 -8.35 -9.43
CA THR C 181 -38.33 -9.73 -9.43
C THR C 181 -39.65 -9.76 -8.67
N LYS C 182 -40.73 -10.16 -9.32
CA LYS C 182 -42.02 -10.39 -8.64
C LYS C 182 -42.13 -11.85 -8.26
N VAL C 183 -42.51 -12.08 -7.02
CA VAL C 183 -42.65 -13.40 -6.40
C VAL C 183 -44.15 -13.64 -6.16
N ILE C 184 -44.58 -14.84 -6.49
CA ILE C 184 -45.90 -15.36 -6.02
C ILE C 184 -45.69 -16.70 -5.31
N TRP C 185 -46.37 -16.90 -4.19
CA TRP C 185 -46.28 -18.13 -3.40
C TRP C 185 -47.47 -19.05 -3.69
N VAL C 186 -47.22 -20.33 -3.96
CA VAL C 186 -48.35 -21.29 -4.18
C VAL C 186 -48.48 -22.24 -3.00
N SER C 187 -47.53 -22.28 -2.05
CA SER C 187 -47.62 -23.13 -0.83
C SER C 187 -47.81 -24.59 -1.21
N THR C 188 -47.10 -25.03 -2.22
CA THR C 188 -46.93 -26.46 -2.56
C THR C 188 -45.67 -26.56 -3.43
N TRP C 189 -45.08 -27.74 -3.51
CA TRP C 189 -43.95 -28.00 -4.43
C TRP C 189 -44.48 -28.43 -5.79
N TYR C 190 -45.72 -28.94 -5.84
CA TYR C 190 -46.22 -29.57 -7.07
C TYR C 190 -47.76 -29.50 -7.08
N ASP C 191 -48.27 -28.74 -8.00
CA ASP C 191 -49.73 -28.68 -8.33
C ASP C 191 -49.86 -27.90 -9.63
N PRO C 192 -49.87 -28.61 -10.77
CA PRO C 192 -49.76 -27.94 -12.06
C PRO C 192 -50.81 -26.83 -12.25
N ALA C 193 -52.04 -27.00 -11.75
CA ALA C 193 -53.10 -25.99 -11.93
C ALA C 193 -52.74 -24.73 -11.12
N LYS C 194 -52.25 -24.89 -9.91
CA LYS C 194 -51.89 -23.73 -9.06
C LYS C 194 -50.66 -23.05 -9.65
N GLU C 195 -49.69 -23.82 -10.12
CA GLU C 195 -48.48 -23.26 -10.77
C GLU C 195 -48.90 -22.43 -12.01
N ARG C 196 -49.82 -22.96 -12.82
CA ARG C 196 -50.35 -22.26 -14.01
C ARG C 196 -50.97 -20.92 -13.58
N GLN C 197 -51.79 -20.92 -12.55
CA GLN C 197 -52.52 -19.70 -12.11
C GLN C 197 -51.46 -18.68 -11.66
N ALA C 198 -50.44 -19.14 -10.93
CA ALA C 198 -49.36 -18.25 -10.44
C ALA C 198 -48.64 -17.60 -11.62
N ALA C 199 -48.28 -18.40 -12.64
CA ALA C 199 -47.58 -17.90 -13.87
C ALA C 199 -48.46 -16.86 -14.58
N GLU C 200 -49.76 -17.13 -14.71
CA GLU C 200 -50.68 -16.20 -15.39
C GLU C 200 -50.73 -14.88 -14.62
N THR C 201 -50.72 -14.92 -13.30
CA THR C 201 -50.80 -13.69 -12.46
C THR C 201 -49.50 -12.90 -12.65
N LEU C 202 -48.36 -13.57 -12.62
CA LEU C 202 -47.06 -12.85 -12.81
C LEU C 202 -47.06 -12.14 -14.16
N ILE C 203 -47.48 -12.81 -15.23
CA ILE C 203 -47.52 -12.23 -16.60
C ILE C 203 -48.53 -11.06 -16.64
N ALA C 204 -49.67 -11.19 -15.98
CA ALA C 204 -50.69 -10.11 -15.89
C ALA C 204 -50.08 -8.89 -15.19
N GLN C 205 -49.13 -9.09 -14.28
CA GLN C 205 -48.48 -7.98 -13.54
C GLN C 205 -47.16 -7.56 -14.19
N GLY C 206 -46.88 -8.00 -15.42
CA GLY C 206 -45.81 -7.45 -16.26
C GLY C 206 -44.49 -8.21 -16.23
N ALA C 207 -44.40 -9.37 -15.56
CA ALA C 207 -43.20 -10.25 -15.63
C ALA C 207 -43.18 -10.92 -17.01
N ASP C 208 -42.06 -10.94 -17.72
CA ASP C 208 -42.03 -11.56 -19.07
C ASP C 208 -40.95 -12.64 -19.21
N VAL C 209 -40.20 -12.91 -18.14
CA VAL C 209 -39.29 -14.09 -18.04
C VAL C 209 -39.50 -14.71 -16.66
N LEU C 210 -39.93 -15.97 -16.65
CA LEU C 210 -40.38 -16.64 -15.40
C LEU C 210 -39.43 -17.78 -15.08
N THR C 211 -39.27 -18.02 -13.78
CA THR C 211 -38.60 -19.24 -13.27
C THR C 211 -39.45 -19.73 -12.10
N GLN C 212 -39.15 -20.91 -11.60
CA GLN C 212 -39.99 -21.48 -10.51
C GLN C 212 -39.17 -22.40 -9.62
N ASN C 213 -39.63 -22.59 -8.38
CA ASN C 213 -39.06 -23.62 -7.49
C ASN C 213 -40.03 -24.77 -7.33
N THR C 214 -41.21 -24.71 -7.96
CA THR C 214 -42.15 -25.86 -8.05
C THR C 214 -41.65 -26.88 -9.06
N ASN C 215 -42.37 -27.97 -9.23
CA ASN C 215 -41.77 -29.18 -9.83
C ASN C 215 -42.33 -29.49 -11.23
N SER C 216 -43.29 -28.73 -11.77
CA SER C 216 -43.93 -29.11 -13.05
C SER C 216 -43.47 -28.18 -14.16
N PRO C 217 -43.77 -28.53 -15.43
CA PRO C 217 -43.59 -27.61 -16.56
C PRO C 217 -44.70 -26.58 -16.78
N ALA C 218 -45.66 -26.44 -15.87
CA ALA C 218 -46.86 -25.58 -16.03
C ALA C 218 -46.47 -24.13 -16.36
N THR C 219 -45.44 -23.59 -15.69
CA THR C 219 -45.01 -22.18 -15.86
C THR C 219 -44.54 -22.00 -17.29
N LEU C 220 -43.76 -22.96 -17.82
CA LEU C 220 -43.27 -22.93 -19.22
C LEU C 220 -44.44 -22.96 -20.19
N GLN C 221 -45.42 -23.80 -19.94
CA GLN C 221 -46.58 -23.93 -20.84
C GLN C 221 -47.31 -22.60 -20.89
N VAL C 222 -47.51 -21.95 -19.74
CA VAL C 222 -48.18 -20.62 -19.70
C VAL C 222 -47.34 -19.63 -20.48
N ALA C 223 -46.02 -19.62 -20.28
CA ALA C 223 -45.15 -18.67 -20.97
C ALA C 223 -45.31 -18.84 -22.49
N GLN C 224 -45.28 -20.05 -22.98
CA GLN C 224 -45.40 -20.35 -24.42
C GLN C 224 -46.78 -19.86 -24.91
N GLU C 225 -47.83 -20.10 -24.17
CA GLU C 225 -49.21 -19.67 -24.59
C GLU C 225 -49.26 -18.14 -24.66
N LYS C 226 -48.54 -17.41 -23.80
CA LYS C 226 -48.62 -15.93 -23.72
C LYS C 226 -47.49 -15.25 -24.48
N GLY C 227 -46.61 -16.00 -25.14
CA GLY C 227 -45.50 -15.43 -25.90
C GLY C 227 -44.38 -14.91 -25.01
N LYS C 228 -44.19 -15.51 -23.83
CA LYS C 228 -43.14 -15.08 -22.87
C LYS C 228 -42.06 -16.16 -22.79
N TYR C 229 -41.09 -15.95 -21.91
CA TYR C 229 -39.99 -16.91 -21.72
C TYR C 229 -40.03 -17.50 -20.32
N ALA C 230 -39.42 -18.65 -20.16
CA ALA C 230 -39.27 -19.28 -18.84
C ALA C 230 -38.13 -20.29 -18.88
N PHE C 231 -37.83 -20.89 -17.74
CA PHE C 231 -36.71 -21.85 -17.58
C PHE C 231 -37.24 -23.18 -17.03
N GLY C 232 -36.67 -24.28 -17.53
CA GLY C 232 -36.80 -25.60 -16.94
C GLY C 232 -36.16 -25.66 -15.58
N CYS C 233 -36.70 -26.49 -14.71
CA CYS C 233 -36.15 -26.71 -13.34
C CYS C 233 -35.93 -28.22 -13.18
N ASP C 234 -34.69 -28.63 -12.91
CA ASP C 234 -34.24 -29.99 -12.55
C ASP C 234 -34.04 -30.87 -13.77
N ALA C 235 -34.78 -30.62 -14.85
CA ALA C 235 -34.67 -31.39 -16.10
C ALA C 235 -34.88 -30.41 -17.25
N ASP C 236 -34.37 -30.77 -18.40
CA ASP C 236 -34.65 -30.03 -19.65
C ASP C 236 -36.16 -30.22 -19.95
N MET C 237 -36.92 -29.15 -19.98
CA MET C 237 -38.39 -29.19 -20.15
C MET C 237 -38.75 -28.62 -21.52
N SER C 238 -37.78 -28.54 -22.45
CA SER C 238 -38.02 -27.84 -23.74
C SER C 238 -39.15 -28.53 -24.53
N LYS C 239 -39.31 -29.84 -24.41
CA LYS C 239 -40.36 -30.55 -25.20
C LYS C 239 -41.74 -30.05 -24.81
N PHE C 240 -41.93 -29.45 -23.63
CA PHE C 240 -43.26 -28.97 -23.19
C PHE C 240 -43.54 -27.59 -23.73
N ALA C 241 -42.52 -26.85 -24.12
CA ALA C 241 -42.63 -25.42 -24.46
C ALA C 241 -41.40 -24.98 -25.22
N PRO C 242 -41.23 -25.46 -26.49
CA PRO C 242 -40.00 -25.22 -27.24
C PRO C 242 -39.72 -23.75 -27.52
N LYS C 243 -40.76 -22.92 -27.63
CA LYS C 243 -40.59 -21.47 -27.91
C LYS C 243 -40.23 -20.72 -26.63
N ALA C 244 -40.75 -21.11 -25.47
CA ALA C 244 -40.56 -20.36 -24.21
C ALA C 244 -39.25 -20.75 -23.50
N HIS C 245 -38.79 -22.00 -23.65
CA HIS C 245 -37.76 -22.62 -22.78
C HIS C 245 -36.38 -22.04 -23.11
N LEU C 246 -35.86 -21.09 -22.34
CA LEU C 246 -34.55 -20.46 -22.70
C LEU C 246 -33.39 -21.42 -22.43
N THR C 247 -33.46 -22.14 -21.30
CA THR C 247 -32.51 -23.15 -20.81
C THR C 247 -33.15 -23.71 -19.53
N ALA C 248 -32.41 -24.50 -18.81
CA ALA C 248 -32.86 -25.18 -17.58
C ALA C 248 -31.65 -25.43 -16.70
N SER C 249 -31.90 -25.45 -15.39
CA SER C 249 -30.91 -25.91 -14.38
C SER C 249 -31.19 -27.38 -14.16
N ILE C 250 -30.44 -28.24 -14.83
CA ILE C 250 -30.59 -29.72 -14.72
C ILE C 250 -29.92 -30.20 -13.43
N SER C 251 -30.60 -31.07 -12.69
CA SER C 251 -30.12 -31.67 -11.43
C SER C 251 -29.62 -33.09 -11.75
N ASN C 252 -28.32 -33.31 -11.57
CA ASN C 252 -27.65 -34.62 -11.80
C ASN C 252 -27.29 -35.21 -10.43
N TRP C 253 -28.12 -36.10 -9.91
CA TRP C 253 -27.95 -36.70 -8.58
C TRP C 253 -27.20 -38.02 -8.68
N GLY C 254 -27.00 -38.57 -9.89
CA GLY C 254 -26.50 -39.93 -10.12
C GLY C 254 -25.13 -40.15 -9.53
N ASP C 255 -24.19 -39.22 -9.71
CA ASP C 255 -22.81 -39.39 -9.19
C ASP C 255 -22.83 -39.39 -7.66
N PHE C 256 -23.62 -38.52 -7.05
CA PHE C 256 -23.73 -38.44 -5.57
C PHE C 256 -24.32 -39.76 -5.07
N TYR C 257 -25.42 -40.24 -5.65
CA TYR C 257 -26.10 -41.45 -5.17
C TYR C 257 -25.15 -42.65 -5.34
N THR C 258 -24.40 -42.68 -6.43
CA THR C 258 -23.42 -43.75 -6.74
C THR C 258 -22.33 -43.74 -5.65
N LYS C 259 -21.72 -42.61 -5.42
CA LYS C 259 -20.60 -42.46 -4.47
C LYS C 259 -21.10 -42.79 -3.04
N THR C 260 -22.33 -42.42 -2.70
CA THR C 260 -22.89 -42.66 -1.34
C THR C 260 -23.07 -44.17 -1.15
N ALA C 261 -23.69 -44.83 -2.11
CA ALA C 261 -23.92 -46.28 -2.07
C ALA C 261 -22.56 -46.98 -1.96
N GLN C 262 -21.56 -46.55 -2.72
CA GLN C 262 -20.18 -47.09 -2.67
C GLN C 262 -19.60 -46.96 -1.26
N ALA C 263 -19.73 -45.80 -0.62
CA ALA C 263 -19.22 -45.53 0.75
C ALA C 263 -19.92 -46.46 1.76
N VAL C 264 -21.23 -46.67 1.64
CA VAL C 264 -21.97 -47.57 2.58
C VAL C 264 -21.44 -48.99 2.38
N MET C 265 -21.29 -49.44 1.14
CA MET C 265 -20.76 -50.80 0.83
C MET C 265 -19.33 -50.98 1.35
N ALA C 266 -18.49 -49.94 1.32
CA ALA C 266 -17.06 -49.98 1.68
C ALA C 266 -16.88 -49.78 3.18
N GLY C 267 -17.92 -49.34 3.89
CA GLY C 267 -17.84 -48.96 5.31
C GLY C 267 -17.09 -47.66 5.53
N THR C 268 -17.06 -46.75 4.55
CA THR C 268 -16.39 -45.44 4.67
C THR C 268 -17.43 -44.32 4.87
N TRP C 269 -18.73 -44.64 4.85
CA TRP C 269 -19.77 -43.59 4.95
C TRP C 269 -19.66 -42.90 6.31
N LYS C 270 -19.80 -41.58 6.34
CA LYS C 270 -19.88 -40.78 7.59
C LYS C 270 -20.98 -39.73 7.41
N SER C 271 -21.63 -39.35 8.50
CA SER C 271 -22.62 -38.25 8.55
C SER C 271 -21.92 -36.94 8.19
N GLU C 272 -22.40 -36.24 7.17
CA GLU C 272 -21.91 -34.86 6.88
C GLU C 272 -22.96 -34.13 6.05
N GLU C 273 -22.75 -32.84 5.92
CA GLU C 273 -23.56 -31.92 5.07
C GLU C 273 -22.83 -31.85 3.74
N VAL C 274 -23.47 -32.30 2.69
CA VAL C 274 -22.91 -32.25 1.31
C VAL C 274 -23.68 -31.21 0.51
N HIS C 275 -22.95 -30.32 -0.16
CA HIS C 275 -23.55 -29.33 -1.09
C HIS C 275 -22.68 -29.36 -2.35
N TRP C 276 -23.23 -29.84 -3.45
CA TRP C 276 -22.51 -29.89 -4.74
C TRP C 276 -23.17 -28.93 -5.71
N GLY C 277 -22.36 -28.30 -6.54
CA GLY C 277 -22.84 -27.35 -7.54
C GLY C 277 -22.33 -27.66 -8.94
N MET C 278 -22.07 -26.62 -9.70
CA MET C 278 -21.64 -26.76 -11.09
C MET C 278 -20.24 -27.37 -11.13
N ALA C 279 -19.36 -27.01 -10.20
CA ALA C 279 -17.96 -27.52 -10.24
C ALA C 279 -17.98 -29.05 -10.05
N GLU C 280 -18.90 -29.58 -9.23
CA GLU C 280 -18.95 -31.03 -8.93
C GLU C 280 -19.88 -31.80 -9.89
N GLY C 281 -20.53 -31.13 -10.85
CA GLY C 281 -21.34 -31.75 -11.92
C GLY C 281 -22.80 -31.99 -11.49
N MET C 282 -23.21 -31.55 -10.31
CA MET C 282 -24.58 -31.80 -9.80
C MET C 282 -25.56 -30.83 -10.47
N VAL C 283 -25.07 -29.66 -10.88
CA VAL C 283 -25.90 -28.63 -11.55
C VAL C 283 -25.28 -28.43 -12.94
N LYS C 284 -26.08 -28.55 -13.97
CA LYS C 284 -25.66 -28.38 -15.37
C LYS C 284 -26.75 -27.57 -16.09
N MET C 285 -26.35 -26.71 -17.04
CA MET C 285 -27.35 -25.92 -17.80
C MET C 285 -27.71 -26.68 -19.08
N ALA C 286 -29.00 -26.72 -19.45
CA ALA C 286 -29.44 -27.23 -20.76
C ALA C 286 -28.93 -26.31 -21.87
N PRO C 287 -28.94 -26.80 -23.12
CA PRO C 287 -28.62 -25.96 -24.29
C PRO C 287 -29.48 -24.70 -24.35
N LEU C 288 -28.93 -23.60 -24.89
CA LEU C 288 -29.65 -22.32 -25.03
C LEU C 288 -30.68 -22.44 -26.16
N ASN C 289 -31.86 -21.90 -25.96
CA ASN C 289 -32.87 -21.69 -27.03
C ASN C 289 -32.24 -20.83 -28.15
N ALA C 290 -32.59 -21.11 -29.40
CA ALA C 290 -32.17 -20.36 -30.61
C ALA C 290 -32.60 -18.89 -30.56
N ALA C 291 -33.62 -18.52 -29.79
CA ALA C 291 -34.03 -17.10 -29.59
C ALA C 291 -32.98 -16.29 -28.84
N VAL C 292 -32.06 -16.91 -28.11
CA VAL C 292 -31.02 -16.14 -27.37
C VAL C 292 -30.04 -15.59 -28.39
N PRO C 293 -29.86 -14.26 -28.49
CA PRO C 293 -28.96 -13.71 -29.50
C PRO C 293 -27.49 -13.92 -29.12
N PRO C 294 -26.56 -13.80 -30.09
CA PRO C 294 -25.15 -14.13 -29.84
C PRO C 294 -24.49 -13.36 -28.67
N ASP C 295 -24.77 -12.07 -28.51
CA ASP C 295 -24.18 -11.24 -27.41
C ASP C 295 -24.61 -11.84 -26.05
N ALA C 296 -25.89 -12.22 -25.90
CA ALA C 296 -26.43 -12.80 -24.65
C ALA C 296 -25.79 -14.17 -24.42
N ALA C 297 -25.70 -15.01 -25.45
CA ALA C 297 -25.14 -16.38 -25.34
C ALA C 297 -23.67 -16.27 -24.89
N LYS C 298 -22.93 -15.34 -25.45
CA LYS C 298 -21.49 -15.15 -25.10
C LYS C 298 -21.37 -14.77 -23.61
N LEU C 299 -22.20 -13.85 -23.14
CA LEU C 299 -22.17 -13.38 -21.74
C LEU C 299 -22.56 -14.54 -20.81
N PHE C 300 -23.58 -15.31 -21.16
CA PHE C 300 -24.02 -16.50 -20.40
C PHE C 300 -22.84 -17.49 -20.25
N GLU C 301 -22.14 -17.79 -21.33
CA GLU C 301 -21.01 -18.78 -21.29
C GLU C 301 -19.84 -18.21 -20.46
N GLU C 302 -19.58 -16.91 -20.53
CA GLU C 302 -18.53 -16.25 -19.70
C GLU C 302 -18.89 -16.35 -18.22
N LYS C 303 -20.13 -16.07 -17.85
CA LYS C 303 -20.57 -16.12 -16.43
C LYS C 303 -20.59 -17.57 -15.94
N LYS C 304 -20.93 -18.52 -16.81
CA LYS C 304 -20.93 -19.96 -16.47
C LYS C 304 -19.50 -20.37 -16.11
N ALA C 305 -18.52 -19.98 -16.92
CA ALA C 305 -17.09 -20.34 -16.69
C ALA C 305 -16.66 -19.74 -15.36
N ALA C 306 -17.03 -18.50 -15.08
CA ALA C 306 -16.70 -17.81 -13.82
C ALA C 306 -17.36 -18.49 -12.62
N MET C 307 -18.59 -18.97 -12.78
CA MET C 307 -19.31 -19.71 -11.70
C MET C 307 -18.59 -21.02 -11.40
N VAL C 308 -18.18 -21.75 -12.43
CA VAL C 308 -17.53 -23.08 -12.23
C VAL C 308 -16.18 -22.88 -11.54
N SER C 309 -15.43 -21.84 -11.92
CA SER C 309 -14.05 -21.55 -11.42
C SER C 309 -14.10 -20.91 -10.03
N GLY C 310 -15.24 -20.35 -9.63
CA GLY C 310 -15.40 -19.64 -8.34
C GLY C 310 -14.93 -18.20 -8.41
N LYS C 311 -14.66 -17.67 -9.62
CA LYS C 311 -14.30 -16.25 -9.83
C LYS C 311 -15.51 -15.35 -9.56
N ILE C 312 -16.72 -15.86 -9.82
CA ILE C 312 -18.01 -15.24 -9.44
C ILE C 312 -18.68 -16.19 -8.42
N LYS C 313 -19.30 -15.62 -7.39
CA LYS C 313 -20.15 -16.38 -6.44
C LYS C 313 -21.46 -15.64 -6.43
N PRO C 314 -22.62 -16.32 -6.47
CA PRO C 314 -23.90 -15.60 -6.52
C PRO C 314 -24.09 -14.57 -5.40
N PHE C 315 -23.64 -14.87 -4.20
CA PHE C 315 -23.84 -14.02 -3.01
C PHE C 315 -22.52 -13.35 -2.57
N GLN C 316 -21.66 -13.04 -3.53
CA GLN C 316 -20.56 -12.09 -3.31
C GLN C 316 -21.14 -10.69 -3.09
N GLY C 317 -20.53 -9.92 -2.19
CA GLY C 317 -20.89 -8.53 -1.91
C GLY C 317 -20.68 -7.63 -3.12
N PRO C 318 -21.28 -6.42 -3.14
CA PRO C 318 -22.16 -5.94 -2.07
C PRO C 318 -23.56 -6.53 -2.24
N LEU C 319 -24.21 -6.84 -1.12
CA LEU C 319 -25.64 -7.26 -1.11
C LEU C 319 -26.41 -6.27 -0.24
N LYS C 320 -27.59 -5.89 -0.71
CA LYS C 320 -28.49 -4.98 0.00
C LYS C 320 -29.85 -5.64 0.20
N ASP C 321 -30.46 -5.35 1.33
CA ASP C 321 -31.80 -5.85 1.65
C ASP C 321 -32.84 -4.94 1.02
N GLN C 322 -34.13 -5.23 1.25
CA GLN C 322 -35.23 -4.53 0.57
C GLN C 322 -35.36 -3.08 1.04
N SER C 323 -34.74 -2.67 2.17
CA SER C 323 -34.74 -1.24 2.57
C SER C 323 -33.46 -0.55 2.06
N GLY C 324 -32.62 -1.26 1.34
CA GLY C 324 -31.37 -0.71 0.77
C GLY C 324 -30.21 -0.79 1.76
N ALA C 325 -30.35 -1.47 2.89
CA ALA C 325 -29.28 -1.60 3.89
C ALA C 325 -28.23 -2.56 3.35
N VAL C 326 -26.96 -2.25 3.53
CA VAL C 326 -25.87 -3.16 3.14
C VAL C 326 -25.79 -4.31 4.14
N LYS C 327 -25.89 -5.56 3.67
CA LYS C 327 -25.85 -6.78 4.50
C LYS C 327 -24.49 -7.47 4.32
N VAL C 328 -23.88 -7.33 3.15
CA VAL C 328 -22.52 -7.82 2.84
C VAL C 328 -21.78 -6.72 2.08
N ALA C 329 -20.59 -6.35 2.55
CA ALA C 329 -19.78 -5.28 1.91
C ALA C 329 -19.16 -5.81 0.61
N ALA C 330 -18.92 -4.95 -0.36
CA ALA C 330 -18.06 -5.18 -1.53
C ALA C 330 -16.73 -5.81 -1.06
N GLY C 331 -16.25 -6.85 -1.75
CA GLY C 331 -15.01 -7.55 -1.41
C GLY C 331 -15.20 -8.62 -0.34
N SER C 332 -16.42 -8.82 0.15
CA SER C 332 -16.77 -9.90 1.08
C SER C 332 -17.82 -10.81 0.43
N ASP C 333 -18.03 -12.00 1.00
CA ASP C 333 -19.00 -12.99 0.52
C ASP C 333 -20.00 -13.23 1.65
N LEU C 334 -21.23 -13.60 1.33
CA LEU C 334 -22.18 -14.03 2.37
C LEU C 334 -21.59 -15.25 3.07
N PRO C 335 -21.44 -15.21 4.41
CA PRO C 335 -20.83 -16.33 5.15
C PRO C 335 -21.65 -17.62 5.06
N LEU C 336 -21.01 -18.79 5.16
CA LEU C 336 -21.62 -20.13 4.93
C LEU C 336 -22.86 -20.32 5.79
N ALA C 337 -22.84 -19.86 7.04
CA ALA C 337 -23.95 -20.01 8.00
C ALA C 337 -25.16 -19.22 7.52
N SER C 338 -24.93 -17.99 7.02
CA SER C 338 -26.02 -17.12 6.56
C SER C 338 -26.57 -17.66 5.24
N LEU C 339 -25.70 -18.19 4.37
CA LEU C 339 -26.10 -18.84 3.08
C LEU C 339 -27.02 -20.02 3.38
N LYS C 340 -26.61 -20.88 4.32
N LYS C 340 -26.61 -20.88 4.32
CA LYS C 340 -27.32 -22.15 4.66
CA LYS C 340 -27.33 -22.15 4.64
C LYS C 340 -28.72 -21.85 5.22
C LYS C 340 -28.72 -21.85 5.20
N GLY C 341 -28.86 -20.78 5.98
CA GLY C 341 -30.14 -20.45 6.64
C GLY C 341 -30.81 -19.26 6.00
N MET C 342 -30.44 -18.85 4.78
CA MET C 342 -30.83 -17.56 4.21
C MET C 342 -32.35 -17.39 4.30
N ASN C 343 -32.79 -16.30 4.94
CA ASN C 343 -34.23 -16.10 5.19
C ASN C 343 -34.61 -14.66 4.91
N TRP C 344 -33.78 -13.91 4.19
CA TRP C 344 -34.06 -12.50 3.87
C TRP C 344 -33.88 -12.28 2.36
N TYR C 345 -34.55 -11.27 1.83
CA TYR C 345 -34.57 -10.94 0.38
C TYR C 345 -33.67 -9.77 0.01
N VAL C 346 -33.04 -9.88 -1.13
CA VAL C 346 -32.21 -8.77 -1.70
C VAL C 346 -33.11 -7.65 -2.21
N GLN C 347 -32.54 -6.46 -2.29
CA GLN C 347 -33.19 -5.29 -2.93
C GLN C 347 -33.65 -5.65 -4.35
N GLY C 348 -34.91 -5.33 -4.65
CA GLY C 348 -35.48 -5.59 -5.98
C GLY C 348 -36.52 -6.71 -5.97
N VAL C 349 -36.60 -7.50 -4.90
CA VAL C 349 -37.61 -8.59 -4.75
C VAL C 349 -38.88 -7.92 -4.26
N GLU C 350 -40.01 -8.23 -4.91
CA GLU C 350 -41.30 -7.70 -4.45
C GLU C 350 -42.38 -8.74 -4.69
N GLY C 351 -43.55 -8.56 -4.08
CA GLY C 351 -44.69 -9.49 -4.24
C GLY C 351 -45.52 -9.10 -5.43
N THR C 352 -46.70 -9.69 -5.56
CA THR C 352 -47.66 -9.37 -6.64
C THR C 352 -48.41 -8.08 -6.26
N ILE C 353 -49.45 -8.11 -5.44
CA ILE C 353 -50.10 -6.88 -4.89
C ILE C 353 -50.42 -5.89 -6.03
N GLU D 23 10.67 54.79 -14.64
CA GLU D 23 10.62 54.40 -13.19
C GLU D 23 10.73 52.88 -13.04
N PRO D 24 9.96 52.03 -13.77
CA PRO D 24 9.91 50.60 -13.47
C PRO D 24 11.26 49.92 -13.68
N LEU D 25 11.64 49.00 -12.80
CA LEU D 25 12.81 48.11 -13.03
C LEU D 25 12.49 47.09 -14.14
N LYS D 26 13.29 47.10 -15.20
CA LYS D 26 13.16 46.16 -16.34
C LYS D 26 13.92 44.88 -15.97
N VAL D 27 13.17 43.79 -15.86
CA VAL D 27 13.70 42.46 -15.43
C VAL D 27 13.47 41.48 -16.55
N ALA D 28 14.49 40.72 -16.93
CA ALA D 28 14.36 39.71 -18.00
C ALA D 28 14.71 38.32 -17.45
N PHE D 29 14.01 37.31 -17.98
CA PHE D 29 14.23 35.87 -17.66
C PHE D 29 14.58 35.15 -18.96
N VAL D 30 15.63 34.36 -18.91
CA VAL D 30 16.09 33.55 -20.06
C VAL D 30 15.88 32.08 -19.68
N TYR D 31 15.04 31.37 -20.41
CA TYR D 31 14.66 29.96 -20.19
C TYR D 31 15.30 29.09 -21.27
N ALA D 32 15.73 27.90 -20.88
CA ALA D 32 16.32 26.91 -21.81
C ALA D 32 15.19 26.09 -22.46
N GLY D 33 13.98 26.16 -21.91
CA GLY D 33 12.87 25.31 -22.38
C GLY D 33 11.61 26.12 -22.53
N PRO D 34 10.47 25.41 -22.78
CA PRO D 34 9.17 26.06 -22.89
C PRO D 34 8.41 26.18 -21.57
N VAL D 35 7.65 27.26 -21.44
CA VAL D 35 6.71 27.45 -20.31
C VAL D 35 5.68 26.29 -20.32
N SER D 36 5.42 25.68 -21.47
CA SER D 36 4.49 24.54 -21.63
C SER D 36 5.09 23.20 -21.15
N ASP D 37 6.32 23.16 -20.58
CA ASP D 37 6.88 21.87 -20.07
C ASP D 37 6.03 21.37 -18.88
N ALA D 38 5.30 22.24 -18.19
CA ALA D 38 4.50 21.96 -16.96
C ALA D 38 5.43 21.50 -15.81
N GLY D 39 6.71 21.86 -15.91
CA GLY D 39 7.76 21.45 -14.96
C GLY D 39 8.71 22.61 -14.70
N TYR D 40 9.97 22.38 -14.98
CA TYR D 40 11.07 23.31 -14.59
C TYR D 40 10.84 24.74 -15.08
N THR D 41 10.63 24.96 -16.39
CA THR D 41 10.49 26.32 -16.96
C THR D 41 9.18 26.92 -16.47
N TYR D 42 8.12 26.10 -16.46
CA TYR D 42 6.81 26.52 -15.91
C TYR D 42 7.00 27.13 -14.51
N ALA D 43 7.72 26.44 -13.62
CA ALA D 43 7.93 26.89 -12.23
C ALA D 43 8.75 28.20 -12.19
N HIS D 44 9.82 28.33 -12.97
CA HIS D 44 10.58 29.61 -13.06
C HIS D 44 9.61 30.73 -13.50
N ASP D 45 8.78 30.45 -14.50
CA ASP D 45 7.83 31.44 -15.06
C ASP D 45 6.76 31.80 -14.02
N GLN D 46 6.29 30.84 -13.21
CA GLN D 46 5.37 31.14 -12.07
C GLN D 46 6.07 32.08 -11.09
N GLY D 47 7.39 31.92 -10.92
CA GLY D 47 8.16 32.83 -10.05
C GLY D 47 8.19 34.25 -10.60
N ARG D 48 8.41 34.40 -11.91
CA ARG D 48 8.35 35.71 -12.60
C ARG D 48 6.98 36.33 -12.37
N LEU D 49 5.91 35.56 -12.58
CA LEU D 49 4.52 36.09 -12.43
C LEU D 49 4.25 36.44 -10.97
N ALA D 50 4.79 35.70 -10.02
CA ALA D 50 4.67 36.02 -8.58
C ALA D 50 5.39 37.35 -8.28
N MET D 51 6.57 37.57 -8.86
CA MET D 51 7.34 38.83 -8.70
C MET D 51 6.48 39.99 -9.23
N GLU D 52 5.87 39.82 -10.40
CA GLU D 52 5.00 40.83 -11.05
C GLU D 52 3.78 41.13 -10.18
N LYS D 53 3.16 40.11 -9.61
CA LYS D 53 2.00 40.30 -8.71
C LYS D 53 2.45 41.01 -7.43
N ASN D 54 3.57 40.62 -6.83
CA ASN D 54 4.08 41.18 -5.55
C ASN D 54 4.51 42.65 -5.72
N LEU D 55 5.08 43.05 -6.86
CA LEU D 55 5.74 44.38 -7.00
C LEU D 55 4.96 45.29 -7.94
N GLY D 56 3.96 44.75 -8.66
CA GLY D 56 3.08 45.48 -9.60
C GLY D 56 3.86 46.37 -10.54
N ALA D 57 3.51 47.67 -10.57
CA ALA D 57 4.02 48.65 -11.54
C ALA D 57 5.50 48.95 -11.31
N LYS D 58 6.07 48.55 -10.18
CA LYS D 58 7.51 48.79 -9.87
C LYS D 58 8.42 47.93 -10.77
N VAL D 59 7.90 46.88 -11.41
CA VAL D 59 8.71 46.00 -12.31
C VAL D 59 8.00 45.81 -13.64
N LYS D 60 8.78 45.65 -14.70
CA LYS D 60 8.31 45.23 -16.03
C LYS D 60 9.15 44.03 -16.44
N SER D 61 8.54 42.84 -16.49
CA SER D 61 9.30 41.60 -16.75
C SER D 61 9.10 41.21 -18.21
N SER D 62 10.07 40.53 -18.78
CA SER D 62 9.92 39.85 -20.08
C SER D 62 10.68 38.53 -20.00
N TYR D 63 10.48 37.67 -20.97
CA TYR D 63 11.15 36.35 -20.94
C TYR D 63 11.38 35.91 -22.36
N VAL D 64 12.30 34.99 -22.53
CA VAL D 64 12.63 34.34 -23.81
C VAL D 64 12.68 32.86 -23.48
N GLU D 65 11.91 32.04 -24.19
CA GLU D 65 11.83 30.57 -24.04
C GLU D 65 12.77 29.88 -25.02
N ASN D 66 13.11 28.62 -24.73
CA ASN D 66 13.73 27.68 -25.70
C ASN D 66 15.06 28.26 -26.19
N VAL D 67 15.81 28.92 -25.33
CA VAL D 67 17.11 29.52 -25.70
C VAL D 67 18.15 28.41 -25.66
N PRO D 68 18.85 28.12 -26.77
CA PRO D 68 19.88 27.08 -26.77
C PRO D 68 21.13 27.56 -26.01
N GLU D 69 22.04 26.66 -25.69
CA GLU D 69 23.34 27.01 -25.04
C GLU D 69 24.31 27.61 -26.08
N GLY D 70 25.42 28.23 -25.62
CA GLY D 70 26.54 28.69 -26.46
C GLY D 70 26.21 30.01 -27.15
N ALA D 71 26.46 30.09 -28.46
CA ALA D 71 26.46 31.34 -29.26
C ALA D 71 25.06 31.99 -29.18
N ASP D 72 24.00 31.19 -29.30
CA ASP D 72 22.61 31.69 -29.29
C ASP D 72 22.32 32.29 -27.91
N ALA D 73 22.75 31.62 -26.83
CA ALA D 73 22.45 32.13 -25.47
C ALA D 73 23.14 33.48 -25.30
N GLU D 74 24.43 33.55 -25.68
CA GLU D 74 25.19 34.82 -25.51
C GLU D 74 24.47 35.94 -26.28
N ARG D 75 24.05 35.68 -27.51
CA ARG D 75 23.38 36.72 -28.36
C ARG D 75 22.09 37.19 -27.67
N VAL D 76 21.30 36.26 -27.13
CA VAL D 76 20.01 36.61 -26.46
C VAL D 76 20.31 37.43 -25.19
N ILE D 77 21.25 36.98 -24.38
CA ILE D 77 21.54 37.68 -23.08
C ILE D 77 22.09 39.09 -23.37
N ARG D 78 23.00 39.22 -24.36
CA ARG D 78 23.55 40.54 -24.81
C ARG D 78 22.42 41.47 -25.24
N LYS D 79 21.50 40.97 -26.06
CA LYS D 79 20.38 41.79 -26.59
C LYS D 79 19.49 42.27 -25.44
N LEU D 80 19.22 41.42 -24.45
CA LEU D 80 18.41 41.85 -23.28
C LEU D 80 19.14 42.92 -22.48
N ALA D 81 20.46 42.81 -22.30
CA ALA D 81 21.27 43.83 -21.60
C ALA D 81 21.24 45.15 -22.41
N ALA D 82 21.40 45.07 -23.73
CA ALA D 82 21.39 46.24 -24.67
C ALA D 82 20.01 46.90 -24.71
N ASP D 83 18.93 46.16 -24.46
CA ASP D 83 17.55 46.69 -24.51
C ASP D 83 17.19 47.41 -23.21
N GLY D 84 18.09 47.47 -22.22
CA GLY D 84 17.83 48.27 -21.01
C GLY D 84 17.34 47.46 -19.81
N ASN D 85 17.36 46.12 -19.88
CA ASN D 85 17.05 45.31 -18.67
C ASN D 85 18.18 45.55 -17.66
N LYS D 86 17.80 45.81 -16.40
CA LYS D 86 18.76 46.13 -15.32
C LYS D 86 19.01 44.91 -14.45
N LEU D 87 18.14 43.89 -14.55
CA LEU D 87 18.24 42.62 -13.81
C LEU D 87 17.90 41.47 -14.75
N ILE D 88 18.80 40.51 -14.90
CA ILE D 88 18.63 39.40 -15.86
C ILE D 88 18.90 38.09 -15.13
N PHE D 89 17.89 37.21 -15.13
CA PHE D 89 17.98 35.83 -14.57
C PHE D 89 18.22 34.88 -15.73
N THR D 90 19.29 34.10 -15.68
CA THR D 90 19.56 33.03 -16.67
C THR D 90 19.31 31.71 -15.92
N THR D 91 18.26 30.99 -16.28
CA THR D 91 17.64 29.97 -15.40
C THR D 91 18.13 28.55 -15.70
N SER D 92 19.26 28.36 -16.37
CA SER D 92 19.78 27.04 -16.75
C SER D 92 21.30 26.99 -16.49
N PHE D 93 21.77 25.85 -15.99
CA PHE D 93 23.21 25.53 -15.84
C PHE D 93 23.97 25.89 -17.12
N GLY D 94 23.40 25.54 -18.27
CA GLY D 94 24.01 25.70 -19.59
C GLY D 94 24.27 27.15 -19.96
N PHE D 95 23.72 28.12 -19.24
CA PHE D 95 23.91 29.56 -19.54
C PHE D 95 25.12 30.11 -18.74
N MET D 96 25.84 29.29 -18.00
CA MET D 96 26.85 29.80 -17.04
C MET D 96 27.91 30.64 -17.78
N ASN D 97 28.56 30.09 -18.80
CA ASN D 97 29.72 30.75 -19.45
C ASN D 97 29.25 31.96 -20.26
N PRO D 98 28.17 31.87 -21.06
CA PRO D 98 27.59 33.05 -21.70
C PRO D 98 27.27 34.18 -20.72
N THR D 99 26.64 33.85 -19.59
CA THR D 99 26.25 34.85 -18.58
C THR D 99 27.52 35.55 -18.05
N GLU D 100 28.56 34.81 -17.70
CA GLU D 100 29.82 35.39 -17.16
C GLU D 100 30.43 36.37 -18.18
N ARG D 101 30.40 36.02 -19.48
CA ARG D 101 30.97 36.88 -20.55
C ARG D 101 30.15 38.16 -20.71
N VAL D 102 28.82 38.05 -20.72
CA VAL D 102 27.96 39.25 -20.89
C VAL D 102 28.05 40.12 -19.64
N ALA D 103 28.10 39.53 -18.44
CA ALA D 103 28.21 40.32 -17.19
C ALA D 103 29.46 41.23 -17.26
N LYS D 104 30.58 40.73 -17.74
CA LYS D 104 31.83 41.53 -17.82
C LYS D 104 31.63 42.75 -18.75
N ALA D 105 30.86 42.60 -19.81
CA ALA D 105 30.62 43.62 -20.86
C ALA D 105 29.58 44.64 -20.40
N PHE D 106 28.77 44.35 -19.38
CA PHE D 106 27.63 45.19 -18.95
C PHE D 106 27.68 45.39 -17.44
N PRO D 107 28.68 46.12 -16.90
CA PRO D 107 28.86 46.26 -15.46
C PRO D 107 27.74 47.03 -14.77
N ASN D 108 26.84 47.68 -15.52
CA ASN D 108 25.68 48.42 -14.99
C ASN D 108 24.42 47.52 -14.85
N VAL D 109 24.50 46.24 -15.26
CA VAL D 109 23.37 45.28 -15.22
C VAL D 109 23.67 44.23 -14.15
N VAL D 110 22.65 43.84 -13.39
CA VAL D 110 22.74 42.73 -12.41
C VAL D 110 22.34 41.42 -13.10
N PHE D 111 23.20 40.42 -12.98
CA PHE D 111 22.98 39.06 -13.52
C PHE D 111 22.87 38.08 -12.34
N GLU D 112 21.89 37.22 -12.42
CA GLU D 112 21.66 36.08 -11.51
C GLU D 112 21.58 34.81 -12.35
N HIS D 113 22.50 33.90 -12.11
CA HIS D 113 22.63 32.62 -12.83
C HIS D 113 22.18 31.46 -11.94
N ALA D 114 21.23 30.65 -12.43
CA ALA D 114 20.72 29.48 -11.68
C ALA D 114 21.72 28.32 -11.76
N THR D 115 22.13 27.81 -10.60
CA THR D 115 22.91 26.56 -10.37
C THR D 115 24.40 26.72 -10.74
N GLY D 116 24.86 27.92 -11.05
CA GLY D 116 26.26 28.10 -11.49
C GLY D 116 27.25 28.24 -10.34
N VAL D 117 28.53 28.33 -10.70
CA VAL D 117 29.65 28.46 -9.72
C VAL D 117 30.48 29.72 -10.04
N LYS D 118 30.09 30.53 -11.04
CA LYS D 118 30.89 31.73 -11.45
C LYS D 118 30.19 32.97 -10.89
N LEU D 119 30.95 33.80 -10.18
CA LEU D 119 30.49 35.06 -9.57
C LEU D 119 31.41 36.19 -10.01
N ALA D 120 30.88 37.41 -9.97
CA ALA D 120 31.58 38.67 -10.33
C ALA D 120 30.88 39.78 -9.57
N LYS D 121 31.40 41.00 -9.66
CA LYS D 121 30.80 42.15 -8.92
C LYS D 121 29.30 42.26 -9.24
N ASN D 122 28.91 42.00 -10.49
CA ASN D 122 27.51 42.15 -10.97
C ASN D 122 26.91 40.77 -11.35
N LEU D 123 27.47 39.67 -10.82
CA LEU D 123 26.98 38.31 -11.14
C LEU D 123 26.88 37.49 -9.86
N GLY D 124 25.65 37.17 -9.48
CA GLY D 124 25.32 36.24 -8.39
C GLY D 124 24.84 34.88 -8.92
N VAL D 125 24.79 33.88 -8.05
CA VAL D 125 24.27 32.53 -8.41
C VAL D 125 23.24 32.15 -7.36
N TYR D 126 22.24 31.43 -7.82
CA TYR D 126 21.13 31.01 -6.95
C TYR D 126 20.75 29.58 -7.31
N GLU D 127 20.29 28.85 -6.31
CA GLU D 127 19.75 27.50 -6.55
C GLU D 127 18.91 27.10 -5.35
N SER D 128 18.12 26.07 -5.56
CA SER D 128 17.30 25.43 -4.52
C SER D 128 18.12 24.28 -3.94
N ARG D 129 17.78 23.87 -2.73
CA ARG D 129 18.22 22.59 -2.14
C ARG D 129 17.15 21.53 -2.44
N GLN D 130 16.90 21.29 -3.72
CA GLN D 130 15.83 20.37 -4.15
C GLN D 130 16.15 18.96 -3.63
N TYR D 131 17.42 18.64 -3.37
CA TYR D 131 17.82 17.31 -2.89
C TYR D 131 17.22 17.01 -1.52
N GLU D 132 16.81 18.03 -0.76
CA GLU D 132 16.01 17.82 0.48
C GLU D 132 14.67 17.15 0.14
N GLY D 133 14.00 17.62 -0.90
CA GLY D 133 12.75 17.02 -1.40
C GLY D 133 13.04 15.64 -1.95
N THR D 134 14.15 15.48 -2.67
CA THR D 134 14.50 14.17 -3.29
C THR D 134 14.72 13.12 -2.20
N TYR D 135 15.39 13.49 -1.10
CA TYR D 135 15.60 12.60 0.06
C TYR D 135 14.24 12.07 0.54
N LEU D 136 13.28 12.95 0.72
CA LEU D 136 11.91 12.56 1.18
C LEU D 136 11.24 11.65 0.15
N GLN D 137 11.41 11.91 -1.14
CA GLN D 137 10.92 11.03 -2.21
C GLN D 137 11.51 9.64 -2.01
N GLY D 138 12.81 9.55 -1.70
CA GLY D 138 13.44 8.25 -1.51
C GLY D 138 12.85 7.50 -0.32
N VAL D 139 12.56 8.20 0.76
CA VAL D 139 11.92 7.58 1.95
C VAL D 139 10.58 6.98 1.52
N LEU D 140 9.78 7.75 0.82
CA LEU D 140 8.46 7.23 0.36
C LEU D 140 8.65 6.11 -0.66
N ALA D 141 9.61 6.23 -1.58
CA ALA D 141 9.85 5.20 -2.61
C ALA D 141 10.13 3.86 -1.90
N ALA D 142 10.90 3.86 -0.82
CA ALA D 142 11.27 2.65 -0.07
C ALA D 142 10.01 2.01 0.55
N LYS D 143 9.08 2.81 1.02
CA LYS D 143 7.77 2.32 1.54
C LYS D 143 6.87 1.78 0.43
N MET D 144 6.97 2.23 -0.80
CA MET D 144 5.97 1.93 -1.86
C MET D 144 6.52 0.87 -2.83
N THR D 145 7.83 0.63 -2.88
CA THR D 145 8.45 -0.28 -3.89
C THR D 145 8.07 -1.74 -3.56
N LYS D 146 7.90 -2.58 -4.58
CA LYS D 146 7.78 -4.05 -4.39
C LYS D 146 9.07 -4.75 -4.84
N THR D 147 9.85 -4.15 -5.72
CA THR D 147 11.08 -4.79 -6.25
C THR D 147 12.29 -4.44 -5.41
N GLY D 148 12.27 -3.39 -4.60
CA GLY D 148 13.47 -2.89 -3.91
C GLY D 148 14.44 -2.20 -4.88
N VAL D 149 13.98 -1.90 -6.08
CA VAL D 149 14.78 -1.15 -7.10
C VAL D 149 14.01 0.11 -7.48
N ILE D 150 14.68 1.25 -7.31
CA ILE D 150 14.07 2.56 -7.68
C ILE D 150 14.87 3.12 -8.85
N GLY D 151 14.28 4.04 -9.58
CA GLY D 151 14.84 4.51 -10.86
C GLY D 151 14.97 6.00 -10.91
N PHE D 152 15.99 6.49 -11.63
CA PHE D 152 16.28 7.91 -11.79
C PHE D 152 16.59 8.20 -13.25
N VAL D 153 15.81 9.09 -13.85
CA VAL D 153 16.07 9.62 -15.22
C VAL D 153 16.93 10.88 -15.08
N GLY D 154 18.20 10.77 -15.47
CA GLY D 154 19.18 11.85 -15.37
C GLY D 154 19.33 12.58 -16.68
N SER D 155 19.60 13.88 -16.56
CA SER D 155 19.90 14.80 -17.68
C SER D 155 21.42 14.72 -17.98
N PHE D 156 22.20 15.36 -17.13
CA PHE D 156 23.67 15.44 -17.25
C PHE D 156 24.27 15.27 -15.87
N PRO D 157 25.47 14.67 -15.77
CA PRO D 157 26.11 14.46 -14.46
C PRO D 157 26.73 15.73 -13.89
N VAL D 158 25.90 16.74 -13.61
CA VAL D 158 26.36 18.00 -12.96
C VAL D 158 26.03 17.90 -11.48
N PRO D 159 26.63 18.72 -10.60
CA PRO D 159 26.42 18.56 -9.16
C PRO D 159 24.95 18.51 -8.72
N GLU D 160 24.12 19.38 -9.25
CA GLU D 160 22.67 19.36 -8.93
C GLU D 160 22.11 17.94 -9.07
N VAL D 161 22.38 17.31 -10.20
CA VAL D 161 21.76 16.00 -10.56
C VAL D 161 22.38 14.90 -9.72
N ILE D 162 23.71 14.96 -9.48
CA ILE D 162 24.36 13.90 -8.69
C ILE D 162 23.92 14.02 -7.25
N ARG D 163 23.72 15.22 -6.74
CA ARG D 163 23.16 15.38 -5.38
C ARG D 163 21.78 14.73 -5.33
N ASN D 164 20.93 14.97 -6.33
CA ASN D 164 19.58 14.37 -6.35
C ASN D 164 19.64 12.83 -6.43
N ILE D 165 20.47 12.28 -7.30
CA ILE D 165 20.62 10.80 -7.39
C ILE D 165 20.99 10.26 -5.99
N ASN D 166 22.04 10.82 -5.37
CA ASN D 166 22.53 10.35 -4.07
C ASN D 166 21.44 10.53 -2.99
N ALA D 167 20.73 11.67 -2.97
CA ALA D 167 19.73 11.95 -1.93
C ALA D 167 18.56 10.96 -2.08
N TYR D 168 18.13 10.68 -3.29
CA TYR D 168 17.06 9.67 -3.59
C TYR D 168 17.48 8.33 -2.97
N THR D 169 18.72 7.94 -3.21
CA THR D 169 19.27 6.65 -2.80
C THR D 169 19.36 6.61 -1.25
N LEU D 170 19.91 7.68 -0.64
CA LEU D 170 20.11 7.70 0.83
C LEU D 170 18.75 7.73 1.53
N GLY D 171 17.81 8.49 1.00
CA GLY D 171 16.45 8.52 1.58
C GLY D 171 15.86 7.12 1.58
N ALA D 172 15.93 6.41 0.46
CA ALA D 172 15.38 5.04 0.36
C ALA D 172 16.12 4.12 1.33
N GLN D 173 17.46 4.24 1.38
CA GLN D 173 18.28 3.34 2.23
C GLN D 173 18.05 3.61 3.72
N SER D 174 17.58 4.79 4.12
CA SER D 174 17.24 5.10 5.53
C SER D 174 16.08 4.20 5.98
N VAL D 175 15.29 3.69 5.05
CA VAL D 175 14.13 2.79 5.34
C VAL D 175 14.54 1.35 5.09
N ASN D 176 15.15 1.08 3.94
CA ASN D 176 15.57 -0.29 3.53
C ASN D 176 16.97 -0.21 2.95
N PRO D 177 18.00 -0.57 3.74
CA PRO D 177 19.39 -0.45 3.28
C PRO D 177 19.74 -1.30 2.06
N LYS D 178 18.89 -2.24 1.65
CA LYS D 178 19.15 -3.11 0.47
C LYS D 178 18.67 -2.46 -0.83
N ILE D 179 18.02 -1.30 -0.77
CA ILE D 179 17.50 -0.63 -1.99
C ILE D 179 18.65 -0.23 -2.90
N LYS D 180 18.44 -0.42 -4.19
CA LYS D 180 19.36 0.04 -5.24
C LYS D 180 18.67 1.07 -6.10
N THR D 181 19.46 1.98 -6.65
CA THR D 181 18.96 3.03 -7.57
C THR D 181 19.57 2.78 -8.94
N LYS D 182 18.74 2.56 -9.94
CA LYS D 182 19.22 2.51 -11.35
C LYS D 182 19.07 3.88 -11.99
N VAL D 183 20.13 4.32 -12.62
CA VAL D 183 20.24 5.61 -13.33
C VAL D 183 20.32 5.35 -14.82
N ILE D 184 19.55 6.13 -15.58
CA ILE D 184 19.73 6.23 -17.05
C ILE D 184 19.91 7.69 -17.42
N TRP D 185 20.85 7.96 -18.34
CA TRP D 185 21.19 9.33 -18.79
C TRP D 185 20.53 9.60 -20.13
N VAL D 186 19.86 10.75 -20.27
CA VAL D 186 19.28 11.13 -21.59
C VAL D 186 20.05 12.26 -22.23
N SER D 187 21.02 12.90 -21.55
CA SER D 187 21.85 14.00 -22.11
C SER D 187 20.99 15.13 -22.68
N THR D 188 19.94 15.47 -21.98
CA THR D 188 19.14 16.69 -22.23
C THR D 188 18.38 16.98 -20.95
N TRP D 189 17.92 18.21 -20.76
CA TRP D 189 17.02 18.55 -19.63
C TRP D 189 15.57 18.32 -20.06
N TYR D 190 15.30 18.33 -21.35
CA TYR D 190 13.90 18.34 -21.84
C TYR D 190 13.82 17.70 -23.22
N ASP D 191 13.18 16.55 -23.27
CA ASP D 191 12.82 15.86 -24.53
C ASP D 191 11.83 14.77 -24.17
N PRO D 192 10.52 15.06 -24.22
CA PRO D 192 9.53 14.14 -23.72
C PRO D 192 9.69 12.71 -24.27
N ALA D 193 9.98 12.57 -25.57
CA ALA D 193 10.12 11.21 -26.16
C ALA D 193 11.35 10.49 -25.58
N LYS D 194 12.46 11.19 -25.41
CA LYS D 194 13.67 10.53 -24.83
C LYS D 194 13.42 10.19 -23.36
N GLU D 195 12.79 11.12 -22.61
CA GLU D 195 12.44 10.85 -21.19
C GLU D 195 11.55 9.61 -21.10
N ARG D 196 10.54 9.50 -21.98
CA ARG D 196 9.62 8.35 -21.99
C ARG D 196 10.41 7.06 -22.22
N GLN D 197 11.30 7.05 -23.19
CA GLN D 197 12.07 5.82 -23.54
C GLN D 197 12.93 5.44 -22.31
N ALA D 198 13.52 6.44 -21.65
CA ALA D 198 14.37 6.18 -20.46
C ALA D 198 13.54 5.55 -19.34
N ALA D 199 12.34 6.09 -19.07
CA ALA D 199 11.40 5.53 -18.06
C ALA D 199 11.02 4.09 -18.42
N GLU D 200 10.73 3.81 -19.69
CA GLU D 200 10.35 2.44 -20.13
C GLU D 200 11.53 1.47 -19.86
N THR D 201 12.75 1.92 -20.12
CA THR D 201 13.96 1.08 -19.90
C THR D 201 14.12 0.80 -18.41
N LEU D 202 14.00 1.81 -17.56
CA LEU D 202 14.13 1.61 -16.10
C LEU D 202 13.12 0.58 -15.60
N ILE D 203 11.85 0.69 -16.06
CA ILE D 203 10.77 -0.23 -15.64
C ILE D 203 11.08 -1.65 -16.17
N ALA D 204 11.57 -1.77 -17.40
CA ALA D 204 11.97 -3.07 -17.99
C ALA D 204 13.08 -3.70 -17.14
N GLN D 205 13.94 -2.89 -16.52
CA GLN D 205 15.07 -3.41 -15.70
C GLN D 205 14.70 -3.48 -14.21
N GLY D 206 13.41 -3.36 -13.86
CA GLY D 206 12.88 -3.75 -12.54
C GLY D 206 12.69 -2.59 -11.57
N ALA D 207 12.91 -1.34 -12.00
CA ALA D 207 12.61 -0.15 -11.15
C ALA D 207 11.09 0.03 -11.09
N ASP D 208 10.49 0.24 -9.92
CA ASP D 208 9.01 0.40 -9.88
C ASP D 208 8.59 1.71 -9.20
N VAL D 209 9.54 2.52 -8.76
CA VAL D 209 9.29 3.93 -8.32
C VAL D 209 10.35 4.80 -8.98
N LEU D 210 9.91 5.75 -9.80
CA LEU D 210 10.83 6.56 -10.64
C LEU D 210 10.81 8.01 -10.19
N THR D 211 11.96 8.67 -10.35
CA THR D 211 12.11 10.13 -10.24
C THR D 211 12.98 10.59 -11.40
N GLN D 212 13.09 11.87 -11.63
CA GLN D 212 13.81 12.43 -12.79
C GLN D 212 14.38 13.80 -12.46
N ASN D 213 15.44 14.21 -13.15
CA ASN D 213 15.96 15.58 -13.10
C ASN D 213 15.66 16.27 -14.45
N THR D 214 15.02 15.59 -15.40
CA THR D 214 14.50 16.21 -16.65
C THR D 214 13.23 17.00 -16.34
N ASN D 215 12.62 17.65 -17.33
CA ASN D 215 11.69 18.76 -17.05
C ASN D 215 10.23 18.39 -17.42
N SER D 216 9.93 17.22 -17.98
CA SER D 216 8.56 16.95 -18.51
C SER D 216 7.86 15.98 -17.58
N PRO D 217 6.52 15.82 -17.72
CA PRO D 217 5.81 14.73 -17.06
C PRO D 217 5.87 13.34 -17.74
N ALA D 218 6.72 13.14 -18.74
CA ALA D 218 6.77 11.89 -19.55
C ALA D 218 6.99 10.66 -18.66
N THR D 219 7.89 10.75 -17.68
CA THR D 219 8.22 9.63 -16.76
C THR D 219 6.95 9.23 -16.01
N LEU D 220 6.20 10.20 -15.51
CA LEU D 220 4.91 9.93 -14.78
C LEU D 220 3.90 9.27 -15.71
N GLN D 221 3.81 9.71 -16.94
CA GLN D 221 2.83 9.12 -17.90
C GLN D 221 3.21 7.65 -18.15
N VAL D 222 4.49 7.35 -18.30
CA VAL D 222 4.95 5.96 -18.47
C VAL D 222 4.61 5.15 -17.21
N ALA D 223 4.88 5.69 -16.02
CA ALA D 223 4.61 4.98 -14.77
C ALA D 223 3.11 4.60 -14.72
N GLN D 224 2.26 5.55 -15.01
CA GLN D 224 0.79 5.34 -14.99
C GLN D 224 0.41 4.24 -16.00
N GLU D 225 0.97 4.27 -17.21
CA GLU D 225 0.66 3.25 -18.25
C GLU D 225 1.09 1.85 -17.77
N LYS D 226 2.20 1.73 -17.03
CA LYS D 226 2.76 0.43 -16.61
C LYS D 226 2.33 0.03 -15.21
N GLY D 227 1.51 0.83 -14.51
CA GLY D 227 1.07 0.56 -13.14
C GLY D 227 2.20 0.71 -12.12
N LYS D 228 3.14 1.63 -12.36
CA LYS D 228 4.24 1.92 -11.42
C LYS D 228 3.99 3.28 -10.76
N TYR D 229 4.95 3.71 -9.95
CA TYR D 229 4.85 5.01 -9.26
C TYR D 229 5.95 5.95 -9.75
N ALA D 230 5.73 7.26 -9.61
CA ALA D 230 6.77 8.25 -9.91
C ALA D 230 6.46 9.54 -9.16
N PHE D 231 7.37 10.50 -9.25
CA PHE D 231 7.26 11.80 -8.56
C PHE D 231 7.27 12.94 -9.59
N GLY D 232 6.44 13.95 -9.35
CA GLY D 232 6.53 15.26 -10.02
C GLY D 232 7.87 15.96 -9.71
N CYS D 233 8.38 16.74 -10.66
CA CYS D 233 9.60 17.57 -10.47
C CYS D 233 9.27 19.02 -10.80
N ASP D 234 9.48 19.91 -9.82
CA ASP D 234 9.35 21.40 -9.90
C ASP D 234 7.89 21.85 -9.78
N ALA D 235 6.94 21.03 -10.22
CA ALA D 235 5.50 21.34 -10.16
C ALA D 235 4.74 20.07 -9.85
N ASP D 236 3.57 20.22 -9.26
CA ASP D 236 2.62 19.09 -9.08
C ASP D 236 2.22 18.60 -10.48
N MET D 237 2.51 17.35 -10.80
CA MET D 237 2.23 16.80 -12.15
C MET D 237 1.11 15.74 -12.05
N SER D 238 0.34 15.76 -10.97
CA SER D 238 -0.65 14.68 -10.69
C SER D 238 -1.70 14.64 -11.82
N LYS D 239 -2.04 15.76 -12.45
CA LYS D 239 -3.12 15.73 -13.50
C LYS D 239 -2.68 14.88 -14.68
N PHE D 240 -1.37 14.66 -14.87
CA PHE D 240 -0.87 13.86 -16.01
C PHE D 240 -0.89 12.37 -15.68
N ALA D 241 -0.98 11.99 -14.42
CA ALA D 241 -0.80 10.61 -13.95
C ALA D 241 -1.32 10.48 -12.53
N PRO D 242 -2.66 10.55 -12.32
CA PRO D 242 -3.22 10.61 -10.98
C PRO D 242 -2.95 9.34 -10.15
N LYS D 243 -2.82 8.18 -10.81
CA LYS D 243 -2.58 6.92 -10.08
C LYS D 243 -1.08 6.80 -9.73
N ALA D 244 -0.18 7.28 -10.58
CA ALA D 244 1.28 7.05 -10.42
C ALA D 244 1.92 8.10 -9.52
N HIS D 245 1.38 9.34 -9.49
CA HIS D 245 2.03 10.51 -8.84
C HIS D 245 1.96 10.35 -7.31
N LEU D 246 3.07 9.99 -6.66
CA LEU D 246 3.07 9.81 -5.19
C LEU D 246 3.03 11.17 -4.49
N THR D 247 3.84 12.10 -5.00
CA THR D 247 4.04 13.49 -4.55
C THR D 247 4.98 14.13 -5.57
N ALA D 248 5.48 15.29 -5.26
CA ALA D 248 6.36 16.10 -6.14
C ALA D 248 7.17 17.06 -5.29
N SER D 249 8.40 17.35 -5.74
CA SER D 249 9.23 18.43 -5.19
C SER D 249 8.93 19.72 -5.95
N ILE D 250 8.08 20.56 -5.38
CA ILE D 250 7.64 21.83 -6.02
C ILE D 250 8.72 22.92 -5.80
N SER D 251 9.04 23.65 -6.86
CA SER D 251 10.03 24.75 -6.83
C SER D 251 9.25 26.07 -6.80
N ASN D 252 9.42 26.81 -5.73
CA ASN D 252 8.79 28.14 -5.49
C ASN D 252 9.89 29.21 -5.61
N TRP D 253 10.00 29.85 -6.78
CA TRP D 253 11.08 30.83 -7.05
C TRP D 253 10.60 32.26 -6.74
N GLY D 254 9.30 32.45 -6.53
CA GLY D 254 8.64 33.77 -6.47
C GLY D 254 9.20 34.69 -5.40
N ASP D 255 9.42 34.16 -4.19
CA ASP D 255 9.91 34.97 -3.06
C ASP D 255 11.34 35.41 -3.36
N PHE D 256 12.15 34.51 -3.90
CA PHE D 256 13.56 34.83 -4.23
C PHE D 256 13.59 35.92 -5.31
N TYR D 257 12.78 35.78 -6.38
CA TYR D 257 12.80 36.75 -7.51
C TYR D 257 12.30 38.11 -6.97
N THR D 258 11.30 38.10 -6.10
CA THR D 258 10.72 39.32 -5.47
C THR D 258 11.81 40.02 -4.66
N LYS D 259 12.46 39.30 -3.77
CA LYS D 259 13.49 39.85 -2.85
C LYS D 259 14.65 40.40 -3.66
N THR D 260 15.04 39.72 -4.74
CA THR D 260 16.20 40.13 -5.57
C THR D 260 15.85 41.45 -6.26
N ALA D 261 14.67 41.53 -6.86
CA ALA D 261 14.22 42.75 -7.57
C ALA D 261 14.16 43.90 -6.56
N GLN D 262 13.66 43.65 -5.34
CA GLN D 262 13.59 44.66 -4.25
C GLN D 262 14.99 45.18 -3.92
N ALA D 263 15.97 44.29 -3.78
CA ALA D 263 17.38 44.65 -3.45
C ALA D 263 17.96 45.53 -4.58
N VAL D 264 17.71 45.18 -5.84
CA VAL D 264 18.24 45.98 -6.98
C VAL D 264 17.61 47.37 -6.95
N MET D 265 16.30 47.46 -6.73
CA MET D 265 15.58 48.76 -6.66
C MET D 265 16.07 49.61 -5.47
N ALA D 266 16.42 49.00 -4.34
CA ALA D 266 16.85 49.69 -3.10
C ALA D 266 18.34 50.00 -3.14
N GLY D 267 19.08 49.45 -4.09
CA GLY D 267 20.55 49.60 -4.18
C GLY D 267 21.28 48.80 -3.13
N THR D 268 20.68 47.73 -2.60
CA THR D 268 21.30 46.89 -1.55
C THR D 268 21.78 45.56 -2.14
N TRP D 269 21.57 45.32 -3.44
CA TRP D 269 21.96 44.03 -4.06
C TRP D 269 23.48 43.86 -3.97
N LYS D 270 23.95 42.65 -3.67
CA LYS D 270 25.39 42.29 -3.74
C LYS D 270 25.50 40.88 -4.32
N SER D 271 26.61 40.61 -4.99
CA SER D 271 26.97 39.28 -5.53
C SER D 271 27.09 38.29 -4.37
N GLU D 272 26.33 37.20 -4.41
CA GLU D 272 26.51 36.10 -3.43
C GLU D 272 25.95 34.81 -4.02
N GLU D 273 26.25 33.71 -3.34
CA GLU D 273 25.75 32.35 -3.65
C GLU D 273 24.54 32.17 -2.75
N VAL D 274 23.37 32.01 -3.32
CA VAL D 274 22.11 31.76 -2.56
C VAL D 274 21.71 30.30 -2.80
N HIS D 275 21.41 29.59 -1.70
N HIS D 275 21.37 29.59 -1.72
CA HIS D 275 20.86 28.22 -1.74
CA HIS D 275 20.89 28.19 -1.72
C HIS D 275 19.70 28.20 -0.74
C HIS D 275 19.71 28.08 -0.74
N TRP D 276 18.46 28.06 -1.22
CA TRP D 276 17.28 28.01 -0.34
C TRP D 276 16.63 26.64 -0.46
N GLY D 277 16.10 26.14 0.64
CA GLY D 277 15.50 24.82 0.71
C GLY D 277 14.10 24.84 1.29
N MET D 278 13.80 23.81 2.04
CA MET D 278 12.44 23.64 2.59
C MET D 278 12.23 24.67 3.70
N ALA D 279 13.27 24.98 4.50
CA ALA D 279 13.11 25.94 5.61
C ALA D 279 12.74 27.32 5.05
N GLU D 280 13.27 27.69 3.88
CA GLU D 280 13.05 29.04 3.30
C GLU D 280 11.81 29.07 2.39
N GLY D 281 11.14 27.93 2.16
CA GLY D 281 9.90 27.86 1.34
C GLY D 281 10.18 27.72 -0.15
N MET D 282 11.43 27.59 -0.59
CA MET D 282 11.75 27.43 -2.04
C MET D 282 11.43 25.99 -2.50
N VAL D 283 11.48 25.03 -1.60
CA VAL D 283 11.22 23.59 -1.88
C VAL D 283 10.03 23.19 -1.02
N LYS D 284 8.96 22.74 -1.66
CA LYS D 284 7.73 22.28 -0.96
C LYS D 284 7.28 20.94 -1.56
N MET D 285 6.68 20.05 -0.76
CA MET D 285 6.21 18.75 -1.29
C MET D 285 4.71 18.91 -1.65
N ALA D 286 4.31 18.33 -2.76
CA ALA D 286 2.88 18.16 -3.14
C ALA D 286 2.22 17.23 -2.14
N PRO D 287 0.86 17.25 -2.09
CA PRO D 287 0.12 16.35 -1.23
C PRO D 287 0.43 14.89 -1.59
N LEU D 288 0.32 14.00 -0.59
CA LEU D 288 0.50 12.56 -0.81
C LEU D 288 -0.64 11.99 -1.63
N ASN D 289 -0.30 11.06 -2.53
CA ASN D 289 -1.32 10.24 -3.23
C ASN D 289 -2.16 9.51 -2.18
N ALA D 290 -3.47 9.32 -2.41
CA ALA D 290 -4.39 8.62 -1.50
C ALA D 290 -4.00 7.15 -1.32
N ALA D 291 -3.26 6.55 -2.24
CA ALA D 291 -2.75 5.17 -2.11
C ALA D 291 -1.66 5.04 -1.04
N VAL D 292 -1.04 6.13 -0.58
CA VAL D 292 0.04 6.00 0.43
C VAL D 292 -0.60 5.63 1.77
N PRO D 293 -0.26 4.47 2.36
CA PRO D 293 -0.93 4.05 3.60
C PRO D 293 -0.47 4.86 4.80
N PRO D 294 -1.23 4.84 5.92
CA PRO D 294 -0.93 5.67 7.08
C PRO D 294 0.49 5.55 7.65
N ASP D 295 1.06 4.35 7.73
CA ASP D 295 2.43 4.16 8.29
C ASP D 295 3.45 4.93 7.43
N ALA D 296 3.32 4.83 6.11
CA ALA D 296 4.22 5.49 5.14
C ALA D 296 4.05 7.01 5.24
N ALA D 297 2.80 7.47 5.24
CA ALA D 297 2.49 8.93 5.31
C ALA D 297 3.04 9.51 6.59
N LYS D 298 2.91 8.83 7.71
CA LYS D 298 3.38 9.32 9.03
C LYS D 298 4.90 9.48 8.98
N LEU D 299 5.61 8.50 8.46
CA LEU D 299 7.09 8.57 8.38
C LEU D 299 7.51 9.72 7.47
N PHE D 300 6.86 9.86 6.32
CA PHE D 300 7.16 10.94 5.36
C PHE D 300 6.96 12.30 6.05
N GLU D 301 5.87 12.50 6.76
CA GLU D 301 5.58 13.81 7.46
C GLU D 301 6.57 14.06 8.58
N GLU D 302 6.98 13.04 9.32
CA GLU D 302 8.03 13.19 10.38
C GLU D 302 9.35 13.61 9.74
N LYS D 303 9.78 12.97 8.66
CA LYS D 303 11.06 13.31 7.99
C LYS D 303 10.98 14.70 7.37
N LYS D 304 9.82 15.08 6.82
CA LYS D 304 9.62 16.43 6.27
C LYS D 304 9.82 17.47 7.38
N ALA D 305 9.20 17.26 8.55
CA ALA D 305 9.29 18.21 9.68
C ALA D 305 10.76 18.33 10.10
N ALA D 306 11.47 17.21 10.18
CA ALA D 306 12.91 17.15 10.55
C ALA D 306 13.78 17.85 9.51
N MET D 307 13.42 17.75 8.24
CA MET D 307 14.19 18.37 7.13
C MET D 307 14.04 19.90 7.27
N VAL D 308 12.81 20.36 7.47
CA VAL D 308 12.51 21.81 7.57
C VAL D 308 13.27 22.40 8.77
N SER D 309 13.29 21.70 9.90
CA SER D 309 13.87 22.17 11.19
C SER D 309 15.39 22.03 11.19
N GLY D 310 15.95 21.23 10.29
CA GLY D 310 17.41 21.00 10.20
C GLY D 310 17.88 19.89 11.11
N LYS D 311 16.97 19.13 11.70
CA LYS D 311 17.29 17.98 12.61
C LYS D 311 17.91 16.84 11.79
N ILE D 312 17.54 16.69 10.51
CA ILE D 312 18.22 15.71 9.60
C ILE D 312 18.76 16.47 8.39
N LYS D 313 19.84 15.95 7.82
CA LYS D 313 20.49 16.53 6.62
C LYS D 313 20.66 15.36 5.66
N PRO D 314 20.35 15.52 4.36
CA PRO D 314 20.47 14.40 3.42
C PRO D 314 21.86 13.75 3.39
N PHE D 315 22.91 14.54 3.54
CA PHE D 315 24.30 14.04 3.41
C PHE D 315 25.00 14.02 4.77
N GLN D 316 24.26 13.77 5.84
CA GLN D 316 24.87 13.38 7.13
C GLN D 316 25.53 12.00 7.00
N GLY D 317 26.69 11.83 7.63
CA GLY D 317 27.46 10.56 7.64
C GLY D 317 26.70 9.47 8.38
N PRO D 318 27.08 8.18 8.25
CA PRO D 318 28.19 7.77 7.38
C PRO D 318 27.75 7.70 5.91
N LEU D 319 28.65 8.03 5.01
CA LEU D 319 28.43 7.91 3.54
C LEU D 319 29.51 7.01 2.96
N LYS D 320 29.11 6.09 2.10
CA LYS D 320 30.07 5.22 1.37
C LYS D 320 29.96 5.38 -0.14
N ASP D 321 31.09 5.28 -0.83
CA ASP D 321 31.10 5.33 -2.31
C ASP D 321 30.79 3.95 -2.89
N GLN D 322 30.83 3.81 -4.21
CA GLN D 322 30.38 2.56 -4.90
C GLN D 322 31.34 1.40 -4.65
N SER D 323 32.57 1.63 -4.15
CA SER D 323 33.46 0.51 -3.77
C SER D 323 33.29 0.19 -2.28
N GLY D 324 32.37 0.85 -1.58
CA GLY D 324 32.16 0.66 -0.12
C GLY D 324 33.15 1.44 0.75
N ALA D 325 33.95 2.36 0.19
CA ALA D 325 34.90 3.17 0.98
C ALA D 325 34.10 4.22 1.75
N VAL D 326 34.46 4.45 2.99
CA VAL D 326 33.85 5.54 3.81
C VAL D 326 34.37 6.89 3.31
N LYS D 327 33.45 7.79 2.93
CA LYS D 327 33.78 9.14 2.42
C LYS D 327 33.48 10.19 3.50
N VAL D 328 32.51 9.93 4.36
CA VAL D 328 32.13 10.77 5.53
C VAL D 328 31.85 9.82 6.69
N ALA D 329 32.49 10.04 7.83
CA ALA D 329 32.33 9.21 9.04
C ALA D 329 30.97 9.50 9.70
N ALA D 330 30.42 8.51 10.40
CA ALA D 330 29.26 8.68 11.31
C ALA D 330 29.54 9.86 12.25
N GLY D 331 28.55 10.72 12.48
CA GLY D 331 28.67 11.91 13.34
C GLY D 331 29.28 13.10 12.65
N SER D 332 29.60 12.99 11.36
CA SER D 332 30.09 14.11 10.51
C SER D 332 29.09 14.31 9.37
N ASP D 333 29.19 15.45 8.70
CA ASP D 333 28.33 15.84 7.57
C ASP D 333 29.24 16.03 6.37
N LEU D 334 28.72 15.83 5.17
CA LEU D 334 29.48 16.18 3.95
C LEU D 334 29.76 17.69 4.01
N PRO D 335 31.04 18.10 3.93
CA PRO D 335 31.40 19.52 3.99
C PRO D 335 30.79 20.35 2.84
N LEU D 336 30.53 21.65 3.06
CA LEU D 336 29.81 22.54 2.12
C LEU D 336 30.50 22.55 0.74
N ALA D 337 31.84 22.54 0.70
CA ALA D 337 32.63 22.55 -0.56
C ALA D 337 32.36 21.27 -1.35
N SER D 338 32.33 20.12 -0.66
CA SER D 338 32.12 18.81 -1.32
C SER D 338 30.65 18.72 -1.77
N LEU D 339 29.71 19.26 -0.98
CA LEU D 339 28.26 19.31 -1.33
C LEU D 339 28.10 20.11 -2.63
N LYS D 340 28.72 21.29 -2.68
CA LYS D 340 28.57 22.25 -3.82
C LYS D 340 29.08 21.63 -5.11
N GLY D 341 30.15 20.85 -5.06
CA GLY D 341 30.77 20.29 -6.27
C GLY D 341 30.55 18.80 -6.39
N MET D 342 29.56 18.23 -5.70
CA MET D 342 29.45 16.76 -5.54
C MET D 342 29.48 16.09 -6.92
N ASN D 343 30.42 15.17 -7.12
CA ASN D 343 30.60 14.56 -8.46
C ASN D 343 30.84 13.08 -8.30
N TRP D 344 30.52 12.49 -7.14
CA TRP D 344 30.68 11.05 -6.92
C TRP D 344 29.36 10.46 -6.41
N TYR D 345 29.19 9.16 -6.61
CA TYR D 345 27.93 8.44 -6.27
C TYR D 345 28.08 7.60 -5.00
N VAL D 346 27.01 7.57 -4.22
CA VAL D 346 26.93 6.73 -3.01
C VAL D 346 26.77 5.26 -3.40
N GLN D 347 27.13 4.38 -2.48
CA GLN D 347 26.95 2.93 -2.63
C GLN D 347 25.46 2.61 -2.90
N GLY D 348 25.20 1.77 -3.89
CA GLY D 348 23.82 1.41 -4.30
C GLY D 348 23.36 2.09 -5.57
N VAL D 349 24.09 3.09 -6.09
CA VAL D 349 23.79 3.72 -7.40
C VAL D 349 24.39 2.82 -8.47
N GLU D 350 23.61 2.46 -9.47
CA GLU D 350 24.14 1.66 -10.61
C GLU D 350 23.50 2.14 -11.91
N GLY D 351 24.06 1.74 -13.04
CA GLY D 351 23.55 2.09 -14.38
C GLY D 351 22.49 1.11 -14.83
N THR D 352 22.14 1.12 -16.13
CA THR D 352 21.12 0.20 -16.69
C THR D 352 21.76 -0.92 -17.57
N ILE D 353 22.89 -1.50 -17.20
CA ILE D 353 23.38 -2.78 -17.81
C ILE D 353 22.65 -3.97 -17.13
#